data_8G44
# 
_entry.id   8G44 
# 
_audit_conform.dict_name       mmcif_pdbx.dic 
_audit_conform.dict_version    5.376 
_audit_conform.dict_location   http://mmcif.pdb.org/dictionaries/ascii/mmcif_pdbx.dic 
# 
loop_
_database_2.database_id 
_database_2.database_code 
_database_2.pdbx_database_accession 
_database_2.pdbx_DOI 
PDB   8G44         pdb_00008g44 10.2210/pdb8g44/pdb 
WWPDB D_1000272168 ?            ?                   
# 
_pdbx_database_status.status_code                     REL 
_pdbx_database_status.status_code_sf                  REL 
_pdbx_database_status.status_code_mr                  ? 
_pdbx_database_status.entry_id                        8G44 
_pdbx_database_status.recvd_initial_deposition_date   2023-02-08 
_pdbx_database_status.SG_entry                        Y 
_pdbx_database_status.deposit_site                    RCSB 
_pdbx_database_status.process_site                    RCSB 
_pdbx_database_status.status_code_cs                  ? 
_pdbx_database_status.status_code_nmr_data            ? 
_pdbx_database_status.methods_development_category    ? 
_pdbx_database_status.pdb_format_compatible           Y 
# 
loop_
_audit_author.name 
_audit_author.pdbx_ordinal 
_audit_author.identifier_ORCID 
'Harding, R.J.'                        1  0000-0002-1134-391X 
'Franzoni, I.'                         2  0000-0001-8110-6218 
'Mann, M.K.'                           3  0000-0002-8252-6107 
'Szewczyk, M.'                         4  0000-0001-9243-1630 
'Mirabi, B.'                           5  0000-0002-4852-3439 
'Owens, D.D.G.'                        6  ?                   
'Ackloo, S.'                           7  0000-0002-9696-1839 
'Scheremetjew, A.'                     8  0000-0002-2091-5924 
'Juarez-Ornelas, K.A.'                 9  ?                   
'Sanichar, R.'                         10 0000-0003-4373-5317 
'Baker, R.J.'                          11 0000-0001-5514-8887 
'Dank, C.'                             12 0000-0001-7440-4153 
'Brown, P.J.'                          13 0000-0002-8454-0367 
'Barsyte-Lovejoy, D.'                  14 0000-0002-6560-9621 
'Santhakumar, V.'                      15 0000-0002-7001-557X 
'Schapira, M.'                         16 0000-0002-1047-3309 
'Lautens, M.'                          17 0000-0002-0179-2914 
'Arrowsmith, C.H.'                     18 0000-0002-4971-3250 
'Structural Genomics Consortium (SGC)' 19 ?                   
# 
_citation.abstract                  ? 
_citation.abstract_id_CAS           ? 
_citation.book_id_ISBN              ? 
_citation.book_publisher            ? 
_citation.book_publisher_city       ? 
_citation.book_title                ? 
_citation.coordinate_linkage        ? 
_citation.country                   US 
_citation.database_id_Medline       ? 
_citation.details                   ? 
_citation.id                        primary 
_citation.journal_abbrev            J.Med.Chem. 
_citation.journal_id_ASTM           JMCMAR 
_citation.journal_id_CSD            0151 
_citation.journal_id_ISSN           0022-2623 
_citation.journal_full              ? 
_citation.journal_issue             ? 
_citation.journal_volume            66 
_citation.language                  ? 
_citation.page_first                10273 
_citation.page_last                 10288 
_citation.title                     
'Discovery and Characterization of a Chemical Probe Targeting the Zinc-Finger Ubiquitin-Binding Domain of HDAC6.' 
_citation.year                      2023 
_citation.database_id_CSD           ? 
_citation.pdbx_database_id_DOI      10.1021/acs.jmedchem.3c00314 
_citation.pdbx_database_id_PubMed   37499118 
_citation.pdbx_database_id_patent   ? 
_citation.unpublished_flag          ? 
# 
loop_
_citation_author.citation_id 
_citation_author.name 
_citation_author.ordinal 
_citation_author.identifier_ORCID 
primary 'Harding, R.J.'           1  0000-0002-1134-391X 
primary 'Franzoni, I.'            2  0000-0001-8110-6218 
primary 'Mann, M.K.'              3  0000-0002-8252-6107 
primary 'Szewczyk, M.M.'          4  ?                   
primary 'Mirabi, B.'              5  0000-0002-4852-3439 
primary 'Ferreira de Freitas, R.' 6  ?                   
primary 'Owens, D.D.G.'           7  ?                   
primary 'Ackloo, S.'              8  0000-0002-9696-1839 
primary 'Scheremetjew, A.'        9  ?                   
primary 'Juarez-Ornelas, K.A.'    10 ?                   
primary 'Sanichar, R.'            11 ?                   
primary 'Baker, R.J.'             12 0000-0001-5514-8887 
primary 'Dank, C.'                13 ?                   
primary 'Brown, P.J.'             14 0000-0002-8454-0367 
primary 'Barsyte-Lovejoy, D.'     15 ?                   
primary 'Santhakumar, V.'         16 0000-0002-7001-557X 
primary 'Schapira, M.'            17 0000-0002-1047-3309 
primary 'Lautens, M.'             18 0000-0002-0179-2914 
primary 'Arrowsmith, C.H.'        19 0000-0002-4971-3250 
# 
_cell.angle_alpha                  90.00 
_cell.angle_alpha_esd              ? 
_cell.angle_beta                   90.00 
_cell.angle_beta_esd               ? 
_cell.angle_gamma                  90.00 
_cell.angle_gamma_esd              ? 
_cell.entry_id                     8G44 
_cell.details                      ? 
_cell.formula_units_Z              ? 
_cell.length_a                     40.950 
_cell.length_a_esd                 ? 
_cell.length_b                     44.430 
_cell.length_b_esd                 ? 
_cell.length_c                     56.130 
_cell.length_c_esd                 ? 
_cell.volume                       ? 
_cell.volume_esd                   ? 
_cell.Z_PDB                        4 
_cell.reciprocal_angle_alpha       ? 
_cell.reciprocal_angle_beta        ? 
_cell.reciprocal_angle_gamma       ? 
_cell.reciprocal_angle_alpha_esd   ? 
_cell.reciprocal_angle_beta_esd    ? 
_cell.reciprocal_angle_gamma_esd   ? 
_cell.reciprocal_length_a          ? 
_cell.reciprocal_length_b          ? 
_cell.reciprocal_length_c          ? 
_cell.reciprocal_length_a_esd      ? 
_cell.reciprocal_length_b_esd      ? 
_cell.reciprocal_length_c_esd      ? 
_cell.pdbx_unique_axis             ? 
_cell.pdbx_esd_method              ? 
# 
_symmetry.entry_id                         8G44 
_symmetry.cell_setting                     ? 
_symmetry.Int_Tables_number                19 
_symmetry.space_group_name_Hall            ? 
_symmetry.space_group_name_H-M             'P 21 21 21' 
_symmetry.pdbx_full_space_group_name_H-M   ? 
# 
loop_
_entity.id 
_entity.type 
_entity.src_method 
_entity.pdbx_description 
_entity.formula_weight 
_entity.pdbx_number_of_molecules 
_entity.pdbx_ec 
_entity.pdbx_mutation 
_entity.pdbx_fragment 
_entity.details 
1 polymer     man 'Histone deacetylase 6'                                                             11932.607 1   3.5.1.98 ? ? ? 
2 non-polymer syn 'ZINC ION'                                                                          65.409    3   ?        ? ? ? 
3 non-polymer syn '3-{3-[2-(benzylamino)-2-oxoethyl]-4-oxo-3,4-dihydroquinazolin-2-yl}propanoic acid' 365.383   1   ?        ? ? ? 
4 water       nat water                                                                               18.015    106 ?        ? ? ? 
# 
_entity_name_com.entity_id   1 
_entity_name_com.name        HD6 
# 
_entity_poly.entity_id                      1 
_entity_poly.type                           'polypeptide(L)' 
_entity_poly.nstd_linkage                   no 
_entity_poly.nstd_monomer                   no 
_entity_poly.pdbx_seq_one_letter_code       
;GSPLPWCPHLVAVCPIPAAGLDVTQPCGDCGTIQENWVCLSCYQVYCGRYINGHMLQHHGNSGHPLVLSYIDLSAWCYYC
QAYVHHQALLDVKNIAHQNKFGEDMPH
;
_entity_poly.pdbx_seq_one_letter_code_can   
;GSPLPWCPHLVAVCPIPAAGLDVTQPCGDCGTIQENWVCLSCYQVYCGRYINGHMLQHHGNSGHPLVLSYIDLSAWCYYC
QAYVHHQALLDVKNIAHQNKFGEDMPH
;
_entity_poly.pdbx_strand_id                 A 
_entity_poly.pdbx_target_identifier         ? 
# 
loop_
_entity_poly_seq.entity_id 
_entity_poly_seq.num 
_entity_poly_seq.mon_id 
_entity_poly_seq.hetero 
1 1   GLY n 
1 2   SER n 
1 3   PRO n 
1 4   LEU n 
1 5   PRO n 
1 6   TRP n 
1 7   CYS n 
1 8   PRO n 
1 9   HIS n 
1 10  LEU n 
1 11  VAL n 
1 12  ALA n 
1 13  VAL n 
1 14  CYS n 
1 15  PRO n 
1 16  ILE n 
1 17  PRO n 
1 18  ALA n 
1 19  ALA n 
1 20  GLY n 
1 21  LEU n 
1 22  ASP n 
1 23  VAL n 
1 24  THR n 
1 25  GLN n 
1 26  PRO n 
1 27  CYS n 
1 28  GLY n 
1 29  ASP n 
1 30  CYS n 
1 31  GLY n 
1 32  THR n 
1 33  ILE n 
1 34  GLN n 
1 35  GLU n 
1 36  ASN n 
1 37  TRP n 
1 38  VAL n 
1 39  CYS n 
1 40  LEU n 
1 41  SER n 
1 42  CYS n 
1 43  TYR n 
1 44  GLN n 
1 45  VAL n 
1 46  TYR n 
1 47  CYS n 
1 48  GLY n 
1 49  ARG n 
1 50  TYR n 
1 51  ILE n 
1 52  ASN n 
1 53  GLY n 
1 54  HIS n 
1 55  MET n 
1 56  LEU n 
1 57  GLN n 
1 58  HIS n 
1 59  HIS n 
1 60  GLY n 
1 61  ASN n 
1 62  SER n 
1 63  GLY n 
1 64  HIS n 
1 65  PRO n 
1 66  LEU n 
1 67  VAL n 
1 68  LEU n 
1 69  SER n 
1 70  TYR n 
1 71  ILE n 
1 72  ASP n 
1 73  LEU n 
1 74  SER n 
1 75  ALA n 
1 76  TRP n 
1 77  CYS n 
1 78  TYR n 
1 79  TYR n 
1 80  CYS n 
1 81  GLN n 
1 82  ALA n 
1 83  TYR n 
1 84  VAL n 
1 85  HIS n 
1 86  HIS n 
1 87  GLN n 
1 88  ALA n 
1 89  LEU n 
1 90  LEU n 
1 91  ASP n 
1 92  VAL n 
1 93  LYS n 
1 94  ASN n 
1 95  ILE n 
1 96  ALA n 
1 97  HIS n 
1 98  GLN n 
1 99  ASN n 
1 100 LYS n 
1 101 PHE n 
1 102 GLY n 
1 103 GLU n 
1 104 ASP n 
1 105 MET n 
1 106 PRO n 
1 107 HIS n 
# 
_entity_src_gen.entity_id                          1 
_entity_src_gen.pdbx_src_id                        1 
_entity_src_gen.pdbx_alt_source_flag               sample 
_entity_src_gen.pdbx_seq_type                      'Biological sequence' 
_entity_src_gen.pdbx_beg_seq_num                   1 
_entity_src_gen.pdbx_end_seq_num                   107 
_entity_src_gen.gene_src_common_name               human 
_entity_src_gen.gene_src_genus                     ? 
_entity_src_gen.pdbx_gene_src_gene                 'HDAC6, KIAA0901, JM21' 
_entity_src_gen.gene_src_species                   ? 
_entity_src_gen.gene_src_strain                    ? 
_entity_src_gen.gene_src_tissue                    ? 
_entity_src_gen.gene_src_tissue_fraction           ? 
_entity_src_gen.gene_src_details                   ? 
_entity_src_gen.pdbx_gene_src_fragment             ? 
_entity_src_gen.pdbx_gene_src_scientific_name      'Homo sapiens' 
_entity_src_gen.pdbx_gene_src_ncbi_taxonomy_id     9606 
_entity_src_gen.pdbx_gene_src_variant              ? 
_entity_src_gen.pdbx_gene_src_cell_line            ? 
_entity_src_gen.pdbx_gene_src_atcc                 ? 
_entity_src_gen.pdbx_gene_src_organ                ? 
_entity_src_gen.pdbx_gene_src_organelle            ? 
_entity_src_gen.pdbx_gene_src_cell                 ? 
_entity_src_gen.pdbx_gene_src_cellular_location    ? 
_entity_src_gen.host_org_common_name               ? 
_entity_src_gen.pdbx_host_org_scientific_name      'Escherichia coli' 
_entity_src_gen.pdbx_host_org_ncbi_taxonomy_id     562 
_entity_src_gen.host_org_genus                     ? 
_entity_src_gen.pdbx_host_org_gene                 ? 
_entity_src_gen.pdbx_host_org_organ                ? 
_entity_src_gen.host_org_species                   ? 
_entity_src_gen.pdbx_host_org_tissue               ? 
_entity_src_gen.pdbx_host_org_tissue_fraction      ? 
_entity_src_gen.pdbx_host_org_strain               ? 
_entity_src_gen.pdbx_host_org_variant              ? 
_entity_src_gen.pdbx_host_org_cell_line            ? 
_entity_src_gen.pdbx_host_org_atcc                 ? 
_entity_src_gen.pdbx_host_org_culture_collection   ? 
_entity_src_gen.pdbx_host_org_cell                 ? 
_entity_src_gen.pdbx_host_org_organelle            ? 
_entity_src_gen.pdbx_host_org_cellular_location    ? 
_entity_src_gen.pdbx_host_org_vector_type          ? 
_entity_src_gen.pdbx_host_org_vector               ? 
_entity_src_gen.host_org_details                   ? 
_entity_src_gen.expression_system_id               ? 
_entity_src_gen.plasmid_name                       ? 
_entity_src_gen.plasmid_details                    ? 
_entity_src_gen.pdbx_description                   ? 
# 
_struct_ref.id                         1 
_struct_ref.db_name                    UNP 
_struct_ref.db_code                    HDAC6_HUMAN 
_struct_ref.pdbx_db_accession          Q9UBN7 
_struct_ref.pdbx_db_isoform            ? 
_struct_ref.entity_id                  1 
_struct_ref.pdbx_seq_one_letter_code   
;PLPWCPHLVAVCPIPAAGLDVTQPCGDCGTIQENWVCLSCYQVYCGRYINGHMLQHHGNSGHPLVLSYIDLSAWCYYCQA
YVHHQALLDVKNIAHQNKFGEDMPH
;
_struct_ref.pdbx_align_begin           1109 
# 
_struct_ref_seq.align_id                      1 
_struct_ref_seq.ref_id                        1 
_struct_ref_seq.pdbx_PDB_id_code              8G44 
_struct_ref_seq.pdbx_strand_id                A 
_struct_ref_seq.seq_align_beg                 3 
_struct_ref_seq.pdbx_seq_align_beg_ins_code   ? 
_struct_ref_seq.seq_align_end                 107 
_struct_ref_seq.pdbx_seq_align_end_ins_code   ? 
_struct_ref_seq.pdbx_db_accession             Q9UBN7 
_struct_ref_seq.db_align_beg                  1109 
_struct_ref_seq.pdbx_db_align_beg_ins_code    ? 
_struct_ref_seq.db_align_end                  1213 
_struct_ref_seq.pdbx_db_align_end_ins_code    ? 
_struct_ref_seq.pdbx_auth_seq_align_beg       1109 
_struct_ref_seq.pdbx_auth_seq_align_end       1213 
# 
loop_
_struct_ref_seq_dif.align_id 
_struct_ref_seq_dif.pdbx_pdb_id_code 
_struct_ref_seq_dif.mon_id 
_struct_ref_seq_dif.pdbx_pdb_strand_id 
_struct_ref_seq_dif.seq_num 
_struct_ref_seq_dif.pdbx_pdb_ins_code 
_struct_ref_seq_dif.pdbx_seq_db_name 
_struct_ref_seq_dif.pdbx_seq_db_accession_code 
_struct_ref_seq_dif.db_mon_id 
_struct_ref_seq_dif.pdbx_seq_db_seq_num 
_struct_ref_seq_dif.details 
_struct_ref_seq_dif.pdbx_auth_seq_num 
_struct_ref_seq_dif.pdbx_ordinal 
1 8G44 GLY A 1 ? UNP Q9UBN7 ? ? 'expression tag' 1107 1 
1 8G44 SER A 2 ? UNP Q9UBN7 ? ? 'expression tag' 1108 2 
# 
loop_
_chem_comp.id 
_chem_comp.type 
_chem_comp.mon_nstd_flag 
_chem_comp.name 
_chem_comp.pdbx_synonyms 
_chem_comp.formula 
_chem_comp.formula_weight 
ALA 'L-peptide linking' y ALANINE                                                                             ? 'C3 H7 N O2'     
89.093  
ARG 'L-peptide linking' y ARGININE                                                                            ? 'C6 H15 N4 O2 1' 
175.209 
ASN 'L-peptide linking' y ASPARAGINE                                                                          ? 'C4 H8 N2 O3'    
132.118 
ASP 'L-peptide linking' y 'ASPARTIC ACID'                                                                     ? 'C4 H7 N O4'     
133.103 
CYS 'L-peptide linking' y CYSTEINE                                                                            ? 'C3 H7 N O2 S'   
121.158 
GLN 'L-peptide linking' y GLUTAMINE                                                                           ? 'C5 H10 N2 O3'   
146.144 
GLU 'L-peptide linking' y 'GLUTAMIC ACID'                                                                     ? 'C5 H9 N O4'     
147.129 
GLY 'peptide linking'   y GLYCINE                                                                             ? 'C2 H5 N O2'     
75.067  
HIS 'L-peptide linking' y HISTIDINE                                                                           ? 'C6 H10 N3 O2 1' 
156.162 
HOH non-polymer         . WATER                                                                               ? 'H2 O'           
18.015  
ILE 'L-peptide linking' y ISOLEUCINE                                                                          ? 'C6 H13 N O2'    
131.173 
LEU 'L-peptide linking' y LEUCINE                                                                             ? 'C6 H13 N O2'    
131.173 
LYS 'L-peptide linking' y LYSINE                                                                              ? 'C6 H15 N2 O2 1' 
147.195 
MET 'L-peptide linking' y METHIONINE                                                                          ? 'C5 H11 N O2 S'  
149.211 
PHE 'L-peptide linking' y PHENYLALANINE                                                                       ? 'C9 H11 N O2'    
165.189 
PRO 'L-peptide linking' y PROLINE                                                                             ? 'C5 H9 N O2'     
115.130 
SER 'L-peptide linking' y SERINE                                                                              ? 'C3 H7 N O3'     
105.093 
THR 'L-peptide linking' y THREONINE                                                                           ? 'C4 H9 N O3'     
119.119 
TRP 'L-peptide linking' y TRYPTOPHAN                                                                          ? 'C11 H12 N2 O2'  
204.225 
TYR 'L-peptide linking' y TYROSINE                                                                            ? 'C9 H11 N O3'    
181.189 
VAL 'L-peptide linking' y VALINE                                                                              ? 'C5 H11 N O2'    
117.146 
ZN  non-polymer         . 'ZINC ION'                                                                          ? 'Zn 2'           
65.409  
ZU9 non-polymer         . '3-{3-[2-(benzylamino)-2-oxoethyl]-4-oxo-3,4-dihydroquinazolin-2-yl}propanoic acid' ? 'C20 H19 N3 O4'  
365.383 
# 
_exptl.absorpt_coefficient_mu     ? 
_exptl.absorpt_correction_T_max   ? 
_exptl.absorpt_correction_T_min   ? 
_exptl.absorpt_correction_type    ? 
_exptl.absorpt_process_details    ? 
_exptl.entry_id                   8G44 
_exptl.crystals_number            1 
_exptl.details                    ? 
_exptl.method                     'X-RAY DIFFRACTION' 
_exptl.method_details             ? 
# 
_exptl_crystal.colour                       ? 
_exptl_crystal.density_diffrn               ? 
_exptl_crystal.density_Matthews             2.13 
_exptl_crystal.density_method               ? 
_exptl_crystal.density_percent_sol          42.21 
_exptl_crystal.description                  ? 
_exptl_crystal.F_000                        ? 
_exptl_crystal.id                           1 
_exptl_crystal.preparation                  ? 
_exptl_crystal.size_max                     ? 
_exptl_crystal.size_mid                     ? 
_exptl_crystal.size_min                     ? 
_exptl_crystal.size_rad                     ? 
_exptl_crystal.colour_lustre                ? 
_exptl_crystal.colour_modifier              ? 
_exptl_crystal.colour_primary               ? 
_exptl_crystal.density_meas                 ? 
_exptl_crystal.density_meas_esd             ? 
_exptl_crystal.density_meas_gt              ? 
_exptl_crystal.density_meas_lt              ? 
_exptl_crystal.density_meas_temp            ? 
_exptl_crystal.density_meas_temp_esd        ? 
_exptl_crystal.density_meas_temp_gt         ? 
_exptl_crystal.density_meas_temp_lt         ? 
_exptl_crystal.pdbx_crystal_image_url       ? 
_exptl_crystal.pdbx_crystal_image_format    ? 
_exptl_crystal.pdbx_mosaicity               ? 
_exptl_crystal.pdbx_mosaicity_esd           ? 
_exptl_crystal.pdbx_mosaic_method           ? 
_exptl_crystal.pdbx_mosaic_block_size       ? 
_exptl_crystal.pdbx_mosaic_block_size_esd   ? 
# 
_exptl_crystal_grow.apparatus       ? 
_exptl_crystal_grow.atmosphere      ? 
_exptl_crystal_grow.crystal_id      1 
_exptl_crystal_grow.details         ? 
_exptl_crystal_grow.method          'VAPOR DIFFUSION, SITTING DROP' 
_exptl_crystal_grow.method_ref      ? 
_exptl_crystal_grow.pH              ? 
_exptl_crystal_grow.pressure        ? 
_exptl_crystal_grow.pressure_esd    ? 
_exptl_crystal_grow.seeding         ? 
_exptl_crystal_grow.seeding_ref     ? 
_exptl_crystal_grow.temp_details    ? 
_exptl_crystal_grow.temp_esd        ? 
_exptl_crystal_grow.time            ? 
_exptl_crystal_grow.pdbx_details    '2 M sodium formate, 0.2 M sodium acetate pH4.6, 5 % ethylene glycol' 
_exptl_crystal_grow.pdbx_pH_range   ? 
_exptl_crystal_grow.temp            291 
# 
_diffrn.ambient_environment              ? 
_diffrn.ambient_temp                     100 
_diffrn.ambient_temp_details             ? 
_diffrn.ambient_temp_esd                 ? 
_diffrn.crystal_id                       1 
_diffrn.crystal_support                  ? 
_diffrn.crystal_treatment                ? 
_diffrn.details                          ? 
_diffrn.id                               1 
_diffrn.ambient_pressure                 ? 
_diffrn.ambient_pressure_esd             ? 
_diffrn.ambient_pressure_gt              ? 
_diffrn.ambient_pressure_lt              ? 
_diffrn.ambient_temp_gt                  ? 
_diffrn.ambient_temp_lt                  ? 
_diffrn.pdbx_serial_crystal_experiment   N 
# 
_diffrn_detector.details                      ? 
_diffrn_detector.detector                     CCD 
_diffrn_detector.diffrn_id                    1 
_diffrn_detector.type                         'RIGAKU SATURN A200' 
_diffrn_detector.area_resol_mean              ? 
_diffrn_detector.dtime                        ? 
_diffrn_detector.pdbx_frames_total            ? 
_diffrn_detector.pdbx_collection_time_total   ? 
_diffrn_detector.pdbx_collection_date         2017-09-27 
_diffrn_detector.pdbx_frequency               ? 
_diffrn_detector.id                           ? 
_diffrn_detector.number_of_axes               ? 
# 
_diffrn_radiation.collimation                      ? 
_diffrn_radiation.diffrn_id                        1 
_diffrn_radiation.filter_edge                      ? 
_diffrn_radiation.inhomogeneity                    ? 
_diffrn_radiation.monochromator                    ? 
_diffrn_radiation.polarisn_norm                    ? 
_diffrn_radiation.polarisn_ratio                   ? 
_diffrn_radiation.probe                            ? 
_diffrn_radiation.type                             ? 
_diffrn_radiation.xray_symbol                      ? 
_diffrn_radiation.wavelength_id                    1 
_diffrn_radiation.pdbx_monochromatic_or_laue_m_l   M 
_diffrn_radiation.pdbx_wavelength_list             ? 
_diffrn_radiation.pdbx_wavelength                  ? 
_diffrn_radiation.pdbx_diffrn_protocol             'SINGLE WAVELENGTH' 
_diffrn_radiation.pdbx_analyzer                    ? 
_diffrn_radiation.pdbx_scattering_type             x-ray 
# 
_diffrn_radiation_wavelength.id           1 
_diffrn_radiation_wavelength.wavelength   1.54178 
_diffrn_radiation_wavelength.wt           1.0 
# 
_diffrn_source.current                     ? 
_diffrn_source.details                     ? 
_diffrn_source.diffrn_id                   1 
_diffrn_source.power                       ? 
_diffrn_source.size                        ? 
_diffrn_source.source                      'ROTATING ANODE' 
_diffrn_source.target                      ? 
_diffrn_source.type                        'RIGAKU FR-E SUPERBRIGHT' 
_diffrn_source.voltage                     ? 
_diffrn_source.take-off_angle              ? 
_diffrn_source.pdbx_wavelength_list        1.54178 
_diffrn_source.pdbx_wavelength             ? 
_diffrn_source.pdbx_synchrotron_beamline   ? 
_diffrn_source.pdbx_synchrotron_site       ? 
# 
_reflns.B_iso_Wilson_estimate                          ? 
_reflns.entry_id                                       8G44 
_reflns.data_reduction_details                         ? 
_reflns.data_reduction_method                          ? 
_reflns.d_resolution_high                              1.55 
_reflns.d_resolution_low                               33.08 
_reflns.details                                        ? 
_reflns.limit_h_max                                    ? 
_reflns.limit_h_min                                    ? 
_reflns.limit_k_max                                    ? 
_reflns.limit_k_min                                    ? 
_reflns.limit_l_max                                    ? 
_reflns.limit_l_min                                    ? 
_reflns.number_all                                     ? 
_reflns.number_obs                                     15042 
_reflns.observed_criterion                             ? 
_reflns.observed_criterion_F_max                       ? 
_reflns.observed_criterion_F_min                       ? 
_reflns.observed_criterion_I_max                       ? 
_reflns.observed_criterion_I_min                       ? 
_reflns.observed_criterion_sigma_F                     ? 
_reflns.observed_criterion_sigma_I                     ? 
_reflns.percent_possible_obs                           97.9 
_reflns.R_free_details                                 ? 
_reflns.Rmerge_F_all                                   ? 
_reflns.Rmerge_F_obs                                   ? 
_reflns.Friedel_coverage                               ? 
_reflns.number_gt                                      ? 
_reflns.threshold_expression                           ? 
_reflns.pdbx_redundancy                                6.7 
_reflns.pdbx_netI_over_av_sigmaI                       ? 
_reflns.pdbx_netI_over_sigmaI                          28.2 
_reflns.pdbx_res_netI_over_av_sigmaI_2                 ? 
_reflns.pdbx_res_netI_over_sigmaI_2                    ? 
_reflns.pdbx_chi_squared                               0.91 
_reflns.pdbx_scaling_rejects                           ? 
_reflns.pdbx_d_res_high_opt                            ? 
_reflns.pdbx_d_res_low_opt                             ? 
_reflns.pdbx_d_res_opt_method                          ? 
_reflns.phase_calculation_details                      ? 
_reflns.pdbx_Rrim_I_all                                0.052 
_reflns.pdbx_Rpim_I_all                                0.020 
_reflns.pdbx_d_opt                                     ? 
_reflns.pdbx_number_measured_all                       100957 
_reflns.pdbx_diffrn_id                                 1 
_reflns.pdbx_ordinal                                   1 
_reflns.pdbx_CC_half                                   0.999 
_reflns.pdbx_CC_star                                   ? 
_reflns.pdbx_R_split                                   ? 
_reflns.pdbx_Rmerge_I_obs                              0.048 
_reflns.pdbx_Rmerge_I_all                              ? 
_reflns.pdbx_Rsym_value                                ? 
_reflns.pdbx_CC_split_method                           ? 
_reflns.pdbx_aniso_diffraction_limit_axis_1_ortho[1]   ? 
_reflns.pdbx_aniso_diffraction_limit_axis_1_ortho[2]   ? 
_reflns.pdbx_aniso_diffraction_limit_axis_1_ortho[3]   ? 
_reflns.pdbx_aniso_diffraction_limit_axis_2_ortho[1]   ? 
_reflns.pdbx_aniso_diffraction_limit_axis_2_ortho[2]   ? 
_reflns.pdbx_aniso_diffraction_limit_axis_2_ortho[3]   ? 
_reflns.pdbx_aniso_diffraction_limit_axis_3_ortho[1]   ? 
_reflns.pdbx_aniso_diffraction_limit_axis_3_ortho[2]   ? 
_reflns.pdbx_aniso_diffraction_limit_axis_3_ortho[3]   ? 
_reflns.pdbx_aniso_diffraction_limit_1                 ? 
_reflns.pdbx_aniso_diffraction_limit_2                 ? 
_reflns.pdbx_aniso_diffraction_limit_3                 ? 
_reflns.pdbx_aniso_B_tensor_eigenvector_1_ortho[1]     ? 
_reflns.pdbx_aniso_B_tensor_eigenvector_1_ortho[2]     ? 
_reflns.pdbx_aniso_B_tensor_eigenvector_1_ortho[3]     ? 
_reflns.pdbx_aniso_B_tensor_eigenvector_2_ortho[1]     ? 
_reflns.pdbx_aniso_B_tensor_eigenvector_2_ortho[2]     ? 
_reflns.pdbx_aniso_B_tensor_eigenvector_2_ortho[3]     ? 
_reflns.pdbx_aniso_B_tensor_eigenvector_3_ortho[1]     ? 
_reflns.pdbx_aniso_B_tensor_eigenvector_3_ortho[2]     ? 
_reflns.pdbx_aniso_B_tensor_eigenvector_3_ortho[3]     ? 
_reflns.pdbx_aniso_B_tensor_eigenvalue_1               ? 
_reflns.pdbx_aniso_B_tensor_eigenvalue_2               ? 
_reflns.pdbx_aniso_B_tensor_eigenvalue_3               ? 
_reflns.pdbx_orthogonalization_convention              ? 
_reflns.pdbx_percent_possible_ellipsoidal              ? 
_reflns.pdbx_percent_possible_spherical                ? 
_reflns.pdbx_percent_possible_ellipsoidal_anomalous    ? 
_reflns.pdbx_percent_possible_spherical_anomalous      ? 
_reflns.pdbx_redundancy_anomalous                      ? 
_reflns.pdbx_CC_half_anomalous                         ? 
_reflns.pdbx_absDiff_over_sigma_anomalous              ? 
_reflns.pdbx_percent_possible_anomalous                ? 
_reflns.pdbx_observed_signal_threshold                 ? 
_reflns.pdbx_signal_type                               ? 
_reflns.pdbx_signal_details                            ? 
_reflns.pdbx_signal_software_id                        ? 
# 
_reflns_shell.d_res_high                                    1.55 
_reflns_shell.d_res_low                                     1.58 
_reflns_shell.meanI_over_sigI_all                           ? 
_reflns_shell.meanI_over_sigI_obs                           ? 
_reflns_shell.number_measured_all                           4324 
_reflns_shell.number_measured_obs                           ? 
_reflns_shell.number_possible                               ? 
_reflns_shell.number_unique_all                             ? 
_reflns_shell.number_unique_obs                             696 
_reflns_shell.percent_possible_obs                          94.6 
_reflns_shell.Rmerge_F_all                                  ? 
_reflns_shell.Rmerge_F_obs                                  ? 
_reflns_shell.meanI_over_sigI_gt                            ? 
_reflns_shell.meanI_over_uI_all                             ? 
_reflns_shell.meanI_over_uI_gt                              ? 
_reflns_shell.number_measured_gt                            ? 
_reflns_shell.number_unique_gt                              ? 
_reflns_shell.percent_possible_gt                           ? 
_reflns_shell.Rmerge_F_gt                                   ? 
_reflns_shell.Rmerge_I_gt                                   ? 
_reflns_shell.pdbx_redundancy                               6.2 
_reflns_shell.pdbx_chi_squared                              1.02 
_reflns_shell.pdbx_netI_over_sigmaI_all                     ? 
_reflns_shell.pdbx_netI_over_sigmaI_obs                     7.9 
_reflns_shell.pdbx_Rrim_I_all                               0.289 
_reflns_shell.pdbx_Rpim_I_all                               0.115 
_reflns_shell.pdbx_rejects                                  ? 
_reflns_shell.pdbx_ordinal                                  1 
_reflns_shell.pdbx_diffrn_id                                1 
_reflns_shell.pdbx_CC_half                                  0.964 
_reflns_shell.pdbx_CC_star                                  ? 
_reflns_shell.pdbx_R_split                                  ? 
_reflns_shell.percent_possible_all                          ? 
_reflns_shell.Rmerge_I_all                                  ? 
_reflns_shell.Rmerge_I_obs                                  0.265 
_reflns_shell.pdbx_Rsym_value                               ? 
_reflns_shell.pdbx_percent_possible_ellipsoidal             ? 
_reflns_shell.pdbx_percent_possible_spherical               ? 
_reflns_shell.pdbx_percent_possible_ellipsoidal_anomalous   ? 
_reflns_shell.pdbx_percent_possible_spherical_anomalous     ? 
_reflns_shell.pdbx_redundancy_anomalous                     ? 
_reflns_shell.pdbx_CC_half_anomalous                        ? 
_reflns_shell.pdbx_absDiff_over_sigma_anomalous             ? 
_reflns_shell.pdbx_percent_possible_anomalous               ? 
# 
_refine.aniso_B[1][1]                            -0.15 
_refine.aniso_B[1][2]                            -0.00 
_refine.aniso_B[1][3]                            0.00 
_refine.aniso_B[2][2]                            0.81 
_refine.aniso_B[2][3]                            -0.00 
_refine.aniso_B[3][3]                            -0.66 
_refine.B_iso_max                                ? 
_refine.B_iso_mean                               9.851 
_refine.B_iso_min                                ? 
_refine.correlation_coeff_Fo_to_Fc               0.955 
_refine.correlation_coeff_Fo_to_Fc_free          0.937 
_refine.details                                  'HYDROGENS HAVE BEEN ADDED IN THE RIDING POSITIONS' 
_refine.diff_density_max                         ? 
_refine.diff_density_max_esd                     ? 
_refine.diff_density_min                         ? 
_refine.diff_density_min_esd                     ? 
_refine.diff_density_rms                         ? 
_refine.diff_density_rms_esd                     ? 
_refine.entry_id                                 8G44 
_refine.pdbx_refine_id                           'X-RAY DIFFRACTION' 
_refine.ls_abs_structure_details                 ? 
_refine.ls_abs_structure_Flack                   ? 
_refine.ls_abs_structure_Flack_esd               ? 
_refine.ls_abs_structure_Rogers                  ? 
_refine.ls_abs_structure_Rogers_esd              ? 
_refine.ls_d_res_high                            1.55 
_refine.ls_d_res_low                             33.08 
_refine.ls_extinction_coef                       ? 
_refine.ls_extinction_coef_esd                   ? 
_refine.ls_extinction_expression                 ? 
_refine.ls_extinction_method                     ? 
_refine.ls_goodness_of_fit_all                   ? 
_refine.ls_goodness_of_fit_all_esd               ? 
_refine.ls_goodness_of_fit_obs                   ? 
_refine.ls_goodness_of_fit_obs_esd               ? 
_refine.ls_hydrogen_treatment                    ? 
_refine.ls_matrix_type                           ? 
_refine.ls_number_constraints                    ? 
_refine.ls_number_parameters                     ? 
_refine.ls_number_reflns_all                     ? 
_refine.ls_number_reflns_obs                     14341 
_refine.ls_number_reflns_R_free                  700 
_refine.ls_number_reflns_R_work                  ? 
_refine.ls_number_restraints                     ? 
_refine.ls_percent_reflns_obs                    97.62 
_refine.ls_percent_reflns_R_free                 4.7 
_refine.ls_R_factor_all                          ? 
_refine.ls_R_factor_obs                          0.16565 
_refine.ls_R_factor_R_free                       0.19314 
_refine.ls_R_factor_R_free_error                 ? 
_refine.ls_R_factor_R_free_error_details         ? 
_refine.ls_R_factor_R_work                       0.16425 
_refine.ls_R_Fsqd_factor_obs                     ? 
_refine.ls_R_I_factor_obs                        ? 
_refine.ls_redundancy_reflns_all                 ? 
_refine.ls_redundancy_reflns_obs                 ? 
_refine.ls_restrained_S_all                      ? 
_refine.ls_restrained_S_obs                      ? 
_refine.ls_shift_over_esd_max                    ? 
_refine.ls_shift_over_esd_mean                   ? 
_refine.ls_structure_factor_coef                 ? 
_refine.ls_weighting_details                     ? 
_refine.ls_weighting_scheme                      ? 
_refine.ls_wR_factor_all                         ? 
_refine.ls_wR_factor_obs                         ? 
_refine.ls_wR_factor_R_free                      ? 
_refine.ls_wR_factor_R_work                      ? 
_refine.occupancy_max                            ? 
_refine.occupancy_min                            ? 
_refine.solvent_model_details                    MASK 
_refine.solvent_model_param_bsol                 ? 
_refine.solvent_model_param_ksol                 ? 
_refine.pdbx_R_complete                          ? 
_refine.ls_R_factor_gt                           ? 
_refine.ls_goodness_of_fit_gt                    ? 
_refine.ls_goodness_of_fit_ref                   ? 
_refine.ls_shift_over_su_max                     ? 
_refine.ls_shift_over_su_max_lt                  ? 
_refine.ls_shift_over_su_mean                    ? 
_refine.ls_shift_over_su_mean_lt                 ? 
_refine.pdbx_ls_sigma_I                          ? 
_refine.pdbx_ls_sigma_F                          ? 
_refine.pdbx_ls_sigma_Fsqd                       ? 
_refine.pdbx_data_cutoff_high_absF               ? 
_refine.pdbx_data_cutoff_high_rms_absF           ? 
_refine.pdbx_data_cutoff_low_absF                ? 
_refine.pdbx_isotropic_thermal_model             ? 
_refine.pdbx_ls_cross_valid_method               THROUGHOUT 
_refine.pdbx_method_to_determine_struct          'MOLECULAR REPLACEMENT' 
_refine.pdbx_starting_model                      ? 
_refine.pdbx_stereochemistry_target_values       'MAXIMUM LIKELIHOOD' 
_refine.pdbx_R_Free_selection_details            RANDOM 
_refine.pdbx_stereochem_target_val_spec_case     ? 
_refine.pdbx_overall_ESU_R                       0.076 
_refine.pdbx_overall_ESU_R_Free                  0.077 
_refine.pdbx_solvent_vdw_probe_radii             1.20 
_refine.pdbx_solvent_ion_probe_radii             0.80 
_refine.pdbx_solvent_shrinkage_radii             0.80 
_refine.pdbx_real_space_R                        ? 
_refine.pdbx_density_correlation                 ? 
_refine.pdbx_pd_number_of_powder_patterns        ? 
_refine.pdbx_pd_number_of_points                 ? 
_refine.pdbx_pd_meas_number_of_points            ? 
_refine.pdbx_pd_proc_ls_prof_R_factor            ? 
_refine.pdbx_pd_proc_ls_prof_wR_factor           ? 
_refine.pdbx_pd_Marquardt_correlation_coeff      ? 
_refine.pdbx_pd_Fsqrd_R_factor                   ? 
_refine.pdbx_pd_ls_matrix_band_width             ? 
_refine.pdbx_overall_phase_error                 ? 
_refine.pdbx_overall_SU_R_free_Cruickshank_DPI   ? 
_refine.pdbx_overall_SU_R_free_Blow_DPI          ? 
_refine.pdbx_overall_SU_R_Blow_DPI               ? 
_refine.pdbx_TLS_residual_ADP_flag               ? 
_refine.pdbx_diffrn_id                           1 
_refine.overall_SU_B                             1.083 
_refine.overall_SU_ML                            0.041 
_refine.overall_SU_R_Cruickshank_DPI             ? 
_refine.overall_SU_R_free                        ? 
_refine.overall_FOM_free_R_set                   ? 
_refine.overall_FOM_work_R_set                   ? 
_refine.pdbx_average_fsc_overall                 ? 
_refine.pdbx_average_fsc_work                    ? 
_refine.pdbx_average_fsc_free                    ? 
# 
_refine_hist.pdbx_refine_id                   'X-RAY DIFFRACTION' 
_refine_hist.cycle_id                         1 
_refine_hist.details                          ? 
_refine_hist.d_res_high                       1.55 
_refine_hist.d_res_low                        33.08 
_refine_hist.number_atoms_solvent             106 
_refine_hist.number_atoms_total               907 
_refine_hist.number_reflns_all                ? 
_refine_hist.number_reflns_obs                ? 
_refine_hist.number_reflns_R_free             ? 
_refine_hist.number_reflns_R_work             ? 
_refine_hist.R_factor_all                     ? 
_refine_hist.R_factor_obs                     ? 
_refine_hist.R_factor_R_free                  ? 
_refine_hist.R_factor_R_work                  ? 
_refine_hist.pdbx_number_residues_total       ? 
_refine_hist.pdbx_B_iso_mean_ligand           ? 
_refine_hist.pdbx_B_iso_mean_solvent          ? 
_refine_hist.pdbx_number_atoms_protein        771 
_refine_hist.pdbx_number_atoms_nucleic_acid   0 
_refine_hist.pdbx_number_atoms_ligand         30 
_refine_hist.pdbx_number_atoms_lipid          ? 
_refine_hist.pdbx_number_atoms_carb           ? 
_refine_hist.pdbx_pseudo_atom_details         ? 
# 
loop_
_refine_ls_restr.pdbx_refine_id 
_refine_ls_restr.criterion 
_refine_ls_restr.dev_ideal 
_refine_ls_restr.dev_ideal_target 
_refine_ls_restr.number 
_refine_ls_restr.rejects 
_refine_ls_restr.type 
_refine_ls_restr.weight 
_refine_ls_restr.pdbx_restraint_function 
'X-RAY DIFFRACTION' ? 0.014  0.013  840  ? r_bond_refined_d             ? ? 
'X-RAY DIFFRACTION' ? 0.001  0.016  710  ? r_bond_other_d               ? ? 
'X-RAY DIFFRACTION' ? 1.963  1.642  1151 ? r_angle_refined_deg          ? ? 
'X-RAY DIFFRACTION' ? 1.590  1.600  1633 ? r_angle_other_deg            ? ? 
'X-RAY DIFFRACTION' ? 6.788  5.000  98   ? r_dihedral_angle_1_deg       ? ? 
'X-RAY DIFFRACTION' ? 37.132 23.784 37   ? r_dihedral_angle_2_deg       ? ? 
'X-RAY DIFFRACTION' ? 11.655 15.000 107  ? r_dihedral_angle_3_deg       ? ? 
'X-RAY DIFFRACTION' ? 0.320  15.000 1    ? r_dihedral_angle_4_deg       ? ? 
'X-RAY DIFFRACTION' ? 0.119  0.200  99   ? r_chiral_restr               ? ? 
'X-RAY DIFFRACTION' ? 0.012  0.020  1061 ? r_gen_planes_refined         ? ? 
'X-RAY DIFFRACTION' ? 0.001  0.020  197  ? r_gen_planes_other           ? ? 
'X-RAY DIFFRACTION' ? ?      ?      ?    ? r_nbd_refined                ? ? 
'X-RAY DIFFRACTION' ? ?      ?      ?    ? r_nbd_other                  ? ? 
'X-RAY DIFFRACTION' ? ?      ?      ?    ? r_nbtor_refined              ? ? 
'X-RAY DIFFRACTION' ? ?      ?      ?    ? r_nbtor_other                ? ? 
'X-RAY DIFFRACTION' ? ?      ?      ?    ? r_xyhbond_nbd_refined        ? ? 
'X-RAY DIFFRACTION' ? ?      ?      ?    ? r_xyhbond_nbd_other          ? ? 
'X-RAY DIFFRACTION' ? ?      ?      ?    ? r_metal_ion_refined          ? ? 
'X-RAY DIFFRACTION' ? ?      ?      ?    ? r_metal_ion_other            ? ? 
'X-RAY DIFFRACTION' ? ?      ?      ?    ? r_symmetry_vdw_refined       ? ? 
'X-RAY DIFFRACTION' ? ?      ?      ?    ? r_symmetry_vdw_other         ? ? 
'X-RAY DIFFRACTION' ? ?      ?      ?    ? r_symmetry_hbond_refined     ? ? 
'X-RAY DIFFRACTION' ? ?      ?      ?    ? r_symmetry_hbond_other       ? ? 
'X-RAY DIFFRACTION' ? ?      ?      ?    ? r_symmetry_metal_ion_refined ? ? 
'X-RAY DIFFRACTION' ? ?      ?      ?    ? r_symmetry_metal_ion_other   ? ? 
'X-RAY DIFFRACTION' ? 1.130  0.914  395  ? r_mcbond_it                  ? ? 
'X-RAY DIFFRACTION' ? 1.128  0.913  396  ? r_mcbond_other               ? ? 
'X-RAY DIFFRACTION' ? 1.667  1.368  493  ? r_mcangle_it                 ? ? 
'X-RAY DIFFRACTION' ? 1.683  1.371  493  ? r_mcangle_other              ? ? 
'X-RAY DIFFRACTION' ? 1.670  1.004  445  ? r_scbond_it                  ? ? 
'X-RAY DIFFRACTION' ? 1.668  1.003  446  ? r_scbond_other               ? ? 
'X-RAY DIFFRACTION' ? ?      ?      ?    ? r_scangle_it                 ? ? 
'X-RAY DIFFRACTION' ? 2.476  1.473  659  ? r_scangle_other              ? ? 
'X-RAY DIFFRACTION' ? 3.654  11.694 948  ? r_long_range_B_refined       ? ? 
'X-RAY DIFFRACTION' ? 3.657  11.710 946  ? r_long_range_B_other         ? ? 
'X-RAY DIFFRACTION' ? ?      ?      ?    ? r_rigid_bond_restr           ? ? 
'X-RAY DIFFRACTION' ? ?      ?      ?    ? r_sphericity_free            ? ? 
'X-RAY DIFFRACTION' ? ?      ?      ?    ? r_sphericity_bonded          ? ? 
# 
_refine_ls_shell.pdbx_refine_id                   'X-RAY DIFFRACTION' 
_refine_ls_shell.d_res_high                       1.550 
_refine_ls_shell.d_res_low                        1.590 
_refine_ls_shell.number_reflns_all                ? 
_refine_ls_shell.number_reflns_obs                ? 
_refine_ls_shell.number_reflns_R_free             44 
_refine_ls_shell.number_reflns_R_work             1015 
_refine_ls_shell.percent_reflns_obs               94.22 
_refine_ls_shell.percent_reflns_R_free            ? 
_refine_ls_shell.R_factor_all                     ? 
_refine_ls_shell.R_factor_obs                     ? 
_refine_ls_shell.R_factor_R_free_error            ? 
_refine_ls_shell.R_factor_R_work                  0.177 
_refine_ls_shell.redundancy_reflns_all            ? 
_refine_ls_shell.redundancy_reflns_obs            ? 
_refine_ls_shell.wR_factor_all                    ? 
_refine_ls_shell.wR_factor_obs                    ? 
_refine_ls_shell.wR_factor_R_free                 ? 
_refine_ls_shell.wR_factor_R_work                 ? 
_refine_ls_shell.pdbx_R_complete                  ? 
_refine_ls_shell.pdbx_total_number_of_bins_used   20 
_refine_ls_shell.pdbx_phase_error                 ? 
_refine_ls_shell.pdbx_fsc_work                    ? 
_refine_ls_shell.pdbx_fsc_free                    ? 
_refine_ls_shell.R_factor_R_free                  0.219 
# 
_struct.entry_id                     8G44 
_struct.title                        
;Structure of HDAC6 zinc-finger ubiquitin binding domain in complex with 3-(3-(2-(benzylamino)-2-oxoethyl)-4-oxo-3,4-dihydroquinazolin-2-yl)propanoic acid
;
_struct.pdbx_model_details           ? 
_struct.pdbx_formula_weight          ? 
_struct.pdbx_formula_weight_method   ? 
_struct.pdbx_model_type_details      ? 
_struct.pdbx_CASP_flag               N 
# 
_struct_keywords.entry_id        8G44 
_struct_keywords.text            
;Inhibitor, chemical probe, HDAC6, histone deacetylase, HYDROLASE, Structural Genomics, Structural Genomics Consortium, SGC, HYDROLASE-INHIBITOR complex
;
_struct_keywords.pdbx_keywords   HYDROLASE/INHIBITOR 
# 
loop_
_struct_asym.id 
_struct_asym.pdbx_blank_PDB_chainid_flag 
_struct_asym.pdbx_modified 
_struct_asym.entity_id 
_struct_asym.details 
A N N 1 ? 
B N N 2 ? 
C N N 2 ? 
D N N 2 ? 
E N N 3 ? 
F N N 4 ? 
# 
loop_
_struct_conf.conf_type_id 
_struct_conf.id 
_struct_conf.pdbx_PDB_helix_id 
_struct_conf.beg_label_comp_id 
_struct_conf.beg_label_asym_id 
_struct_conf.beg_label_seq_id 
_struct_conf.pdbx_beg_PDB_ins_code 
_struct_conf.end_label_comp_id 
_struct_conf.end_label_asym_id 
_struct_conf.end_label_seq_id 
_struct_conf.pdbx_end_PDB_ins_code 
_struct_conf.beg_auth_comp_id 
_struct_conf.beg_auth_asym_id 
_struct_conf.beg_auth_seq_id 
_struct_conf.end_auth_comp_id 
_struct_conf.end_auth_asym_id 
_struct_conf.end_auth_seq_id 
_struct_conf.pdbx_PDB_helix_class 
_struct_conf.details 
_struct_conf.pdbx_PDB_helix_length 
HELX_P HELX_P1 AA1 HIS A 9  ? VAL A 13  ? HIS A 1115 VAL A 1119 5 ? 5  
HELX_P HELX_P2 AA2 GLY A 53 ? GLY A 63  ? GLY A 1159 GLY A 1169 1 ? 11 
HELX_P HELX_P3 AA3 HIS A 86 ? ALA A 88  ? HIS A 1192 ALA A 1194 5 ? 3  
HELX_P HELX_P4 AA4 LEU A 89 ? PHE A 101 ? LEU A 1195 PHE A 1207 1 ? 13 
# 
_struct_conf_type.id          HELX_P 
_struct_conf_type.criteria    ? 
_struct_conf_type.reference   ? 
# 
loop_
_struct_conn.id 
_struct_conn.conn_type_id 
_struct_conn.pdbx_leaving_atom_flag 
_struct_conn.pdbx_PDB_id 
_struct_conn.ptnr1_label_asym_id 
_struct_conn.ptnr1_label_comp_id 
_struct_conn.ptnr1_label_seq_id 
_struct_conn.ptnr1_label_atom_id 
_struct_conn.pdbx_ptnr1_label_alt_id 
_struct_conn.pdbx_ptnr1_PDB_ins_code 
_struct_conn.pdbx_ptnr1_standard_comp_id 
_struct_conn.ptnr1_symmetry 
_struct_conn.ptnr2_label_asym_id 
_struct_conn.ptnr2_label_comp_id 
_struct_conn.ptnr2_label_seq_id 
_struct_conn.ptnr2_label_atom_id 
_struct_conn.pdbx_ptnr2_label_alt_id 
_struct_conn.pdbx_ptnr2_PDB_ins_code 
_struct_conn.ptnr1_auth_asym_id 
_struct_conn.ptnr1_auth_comp_id 
_struct_conn.ptnr1_auth_seq_id 
_struct_conn.ptnr2_auth_asym_id 
_struct_conn.ptnr2_auth_comp_id 
_struct_conn.ptnr2_auth_seq_id 
_struct_conn.ptnr2_symmetry 
_struct_conn.pdbx_ptnr3_label_atom_id 
_struct_conn.pdbx_ptnr3_label_seq_id 
_struct_conn.pdbx_ptnr3_label_comp_id 
_struct_conn.pdbx_ptnr3_label_asym_id 
_struct_conn.pdbx_ptnr3_label_alt_id 
_struct_conn.pdbx_ptnr3_PDB_ins_code 
_struct_conn.details 
_struct_conn.pdbx_dist_value 
_struct_conn.pdbx_value_order 
_struct_conn.pdbx_role 
metalc1  metalc ? ? A CYS 7  SG  ? ? ? 1_555 D ZN . ZN ? ? A CYS 1113 A ZN 1303 1_555 ? ? ? ? ? ? ? 2.322 ? ? 
metalc2  metalc ? ? A HIS 9  ND1 ? ? ? 1_555 D ZN . ZN ? ? A HIS 1115 A ZN 1303 1_555 ? ? ? ? ? ? ? 2.089 ? ? 
metalc3  metalc ? ? A CYS 27 SG  ? ? ? 1_555 C ZN . ZN ? ? A CYS 1133 A ZN 1302 1_555 ? ? ? ? ? ? ? 2.366 ? ? 
metalc4  metalc ? ? A CYS 30 SG  ? ? ? 1_555 C ZN . ZN ? ? A CYS 1136 A ZN 1302 1_555 ? ? ? ? ? ? ? 2.309 ? ? 
metalc5  metalc ? ? A CYS 39 SG  ? ? ? 1_555 B ZN . ZN ? ? A CYS 1145 A ZN 1301 1_555 ? ? ? ? ? ? ? 2.303 ? ? 
metalc6  metalc ? ? A CYS 42 SG  ? ? ? 1_555 B ZN . ZN ? ? A CYS 1148 A ZN 1301 1_555 ? ? ? ? ? ? ? 2.295 ? ? 
metalc7  metalc ? ? A CYS 47 SG  ? ? ? 1_555 C ZN . ZN ? ? A CYS 1153 A ZN 1302 1_555 ? ? ? ? ? ? ? 2.344 ? ? 
metalc8  metalc ? ? A HIS 54 ND1 ? ? ? 1_555 C ZN . ZN ? ? A HIS 1160 A ZN 1302 1_555 ? ? ? ? ? ? ? 2.015 ? ? 
metalc9  metalc ? ? A HIS 58 NE2 ? ? ? 1_555 B ZN . ZN ? ? A HIS 1164 A ZN 1301 1_555 ? ? ? ? ? ? ? 2.055 ? ? 
metalc10 metalc ? ? A HIS 64 ND1 ? ? ? 1_555 B ZN . ZN ? ? A HIS 1170 A ZN 1301 1_555 ? ? ? ? ? ? ? 2.057 ? ? 
metalc11 metalc ? ? A CYS 77 SG  ? ? ? 1_555 D ZN . ZN ? ? A CYS 1183 A ZN 1303 1_555 ? ? ? ? ? ? ? 2.307 ? ? 
metalc12 metalc ? ? A CYS 80 SG  ? ? ? 1_555 D ZN . ZN ? ? A CYS 1186 A ZN 1303 1_555 ? ? ? ? ? ? ? 2.309 ? ? 
# 
_struct_conn_type.id          metalc 
_struct_conn_type.criteria    ? 
_struct_conn_type.reference   ? 
# 
_struct_sheet.id               AA1 
_struct_sheet.type             ? 
_struct_sheet.number_strands   5 
_struct_sheet.details          ? 
# 
loop_
_struct_sheet_order.sheet_id 
_struct_sheet_order.range_id_1 
_struct_sheet_order.range_id_2 
_struct_sheet_order.offset 
_struct_sheet_order.sense 
AA1 1 2 ? anti-parallel 
AA1 2 3 ? anti-parallel 
AA1 3 4 ? anti-parallel 
AA1 4 5 ? anti-parallel 
# 
loop_
_struct_sheet_range.sheet_id 
_struct_sheet_range.id 
_struct_sheet_range.beg_label_comp_id 
_struct_sheet_range.beg_label_asym_id 
_struct_sheet_range.beg_label_seq_id 
_struct_sheet_range.pdbx_beg_PDB_ins_code 
_struct_sheet_range.end_label_comp_id 
_struct_sheet_range.end_label_asym_id 
_struct_sheet_range.end_label_seq_id 
_struct_sheet_range.pdbx_end_PDB_ins_code 
_struct_sheet_range.beg_auth_comp_id 
_struct_sheet_range.beg_auth_asym_id 
_struct_sheet_range.beg_auth_seq_id 
_struct_sheet_range.end_auth_comp_id 
_struct_sheet_range.end_auth_asym_id 
_struct_sheet_range.end_auth_seq_id 
AA1 1 VAL A 45 ? CYS A 47 ? VAL A 1151 CYS A 1153 
AA1 2 ASN A 36 ? CYS A 39 ? ASN A 1142 CYS A 1145 
AA1 3 LEU A 66 ? SER A 69 ? LEU A 1172 SER A 1175 
AA1 4 ALA A 75 ? CYS A 77 ? ALA A 1181 CYS A 1183 
AA1 5 ALA A 82 ? TYR A 83 ? ALA A 1188 TYR A 1189 
# 
loop_
_pdbx_struct_sheet_hbond.sheet_id 
_pdbx_struct_sheet_hbond.range_id_1 
_pdbx_struct_sheet_hbond.range_id_2 
_pdbx_struct_sheet_hbond.range_1_label_atom_id 
_pdbx_struct_sheet_hbond.range_1_label_comp_id 
_pdbx_struct_sheet_hbond.range_1_label_asym_id 
_pdbx_struct_sheet_hbond.range_1_label_seq_id 
_pdbx_struct_sheet_hbond.range_1_PDB_ins_code 
_pdbx_struct_sheet_hbond.range_1_auth_atom_id 
_pdbx_struct_sheet_hbond.range_1_auth_comp_id 
_pdbx_struct_sheet_hbond.range_1_auth_asym_id 
_pdbx_struct_sheet_hbond.range_1_auth_seq_id 
_pdbx_struct_sheet_hbond.range_2_label_atom_id 
_pdbx_struct_sheet_hbond.range_2_label_comp_id 
_pdbx_struct_sheet_hbond.range_2_label_asym_id 
_pdbx_struct_sheet_hbond.range_2_label_seq_id 
_pdbx_struct_sheet_hbond.range_2_PDB_ins_code 
_pdbx_struct_sheet_hbond.range_2_auth_atom_id 
_pdbx_struct_sheet_hbond.range_2_auth_comp_id 
_pdbx_struct_sheet_hbond.range_2_auth_asym_id 
_pdbx_struct_sheet_hbond.range_2_auth_seq_id 
AA1 1 2 O TYR A 46 ? O TYR A 1152 N TRP A 37 ? N TRP A 1143 
AA1 2 3 N VAL A 38 ? N VAL A 1144 O LEU A 68 ? O LEU A 1174 
AA1 3 4 N VAL A 67 ? N VAL A 1173 O TRP A 76 ? O TRP A 1182 
AA1 4 5 N CYS A 77 ? N CYS A 1183 O ALA A 82 ? O ALA A 1188 
# 
_atom_sites.entry_id                    8G44 
_atom_sites.Cartn_transf_matrix[1][1]   ? 
_atom_sites.Cartn_transf_matrix[1][2]   ? 
_atom_sites.Cartn_transf_matrix[1][3]   ? 
_atom_sites.Cartn_transf_matrix[2][1]   ? 
_atom_sites.Cartn_transf_matrix[2][2]   ? 
_atom_sites.Cartn_transf_matrix[2][3]   ? 
_atom_sites.Cartn_transf_matrix[3][1]   ? 
_atom_sites.Cartn_transf_matrix[3][2]   ? 
_atom_sites.Cartn_transf_matrix[3][3]   ? 
_atom_sites.Cartn_transf_vector[1]      ? 
_atom_sites.Cartn_transf_vector[2]      ? 
_atom_sites.Cartn_transf_vector[3]      ? 
_atom_sites.fract_transf_matrix[1][1]   0.00729309 
_atom_sites.fract_transf_matrix[1][2]   -0.01966062 
_atom_sites.fract_transf_matrix[1][3]   -0.01251428 
_atom_sites.fract_transf_matrix[2][1]   0.01926136 
_atom_sites.fract_transf_matrix[2][2]   -0.00026421 
_atom_sites.fract_transf_matrix[2][3]   0.01164025 
_atom_sites.fract_transf_matrix[3][1]   -0.00752551 
_atom_sites.fract_transf_matrix[3][2]   -0.01056522 
_atom_sites.fract_transf_matrix[3][3]   0.01221281 
_atom_sites.fract_transf_vector[1]      0.188299 
_atom_sites.fract_transf_vector[2]      -0.095190 
_atom_sites.fract_transf_vector[3]      0.155017 
_atom_sites.solution_primary            ? 
_atom_sites.solution_secondary          ? 
_atom_sites.solution_hydrogens          ? 
_atom_sites.special_details             ? 
# 
loop_
_atom_type.symbol 
C  
N  
O  
S  
X  
ZN 
# 
loop_
_atom_site.group_PDB 
_atom_site.id 
_atom_site.type_symbol 
_atom_site.label_atom_id 
_atom_site.label_alt_id 
_atom_site.label_comp_id 
_atom_site.label_asym_id 
_atom_site.label_entity_id 
_atom_site.label_seq_id 
_atom_site.pdbx_PDB_ins_code 
_atom_site.Cartn_x 
_atom_site.Cartn_y 
_atom_site.Cartn_z 
_atom_site.occupancy 
_atom_site.B_iso_or_equiv 
_atom_site.pdbx_formal_charge 
_atom_site.auth_seq_id 
_atom_site.auth_comp_id 
_atom_site.auth_asym_id 
_atom_site.auth_atom_id 
_atom_site.pdbx_PDB_model_num 
ATOM   1   N  N   . PRO A 1 3   ? -8.454  12.522  5.460   1.00 18.75 ? 1109 PRO A N   1 
ATOM   2   C  CA  . PRO A 1 3   ? -7.403  12.376  4.425   1.00 14.34 ? 1109 PRO A CA  1 
ATOM   3   C  C   . PRO A 1 3   ? -7.623  13.402  3.300   1.00 13.55 ? 1109 PRO A C   1 
ATOM   4   O  O   . PRO A 1 3   ? -8.686  14.048  3.266   1.00 13.79 ? 1109 PRO A O   1 
ATOM   5   C  CB  . PRO A 1 3   ? -7.557  10.942  3.921   1.00 16.57 ? 1109 PRO A CB  1 
ATOM   6   C  CG  . PRO A 1 3   ? -9.042  10.670  4.083   1.00 17.40 ? 1109 PRO A CG  1 
ATOM   7   C  CD  . PRO A 1 3   ? -9.431  11.440  5.328   1.00 18.26 ? 1109 PRO A CD  1 
ATOM   8   N  N   . LEU A 1 4   ? -6.649  13.578  2.397   1.00 10.93 ? 1110 LEU A N   1 
ATOM   9   C  CA  . LEU A 1 4   ? -6.829  14.401  1.160   1.00 10.06 ? 1110 LEU A CA  1 
ATOM   10  C  C   . LEU A 1 4   ? -7.840  13.675  0.284   1.00 9.94  ? 1110 LEU A C   1 
ATOM   11  O  O   . LEU A 1 4   ? -7.770  12.449  0.146   1.00 9.55  ? 1110 LEU A O   1 
ATOM   12  C  CB  . LEU A 1 4   ? -5.543  14.562  0.359   1.00 11.12 ? 1110 LEU A CB  1 
ATOM   13  C  CG  . LEU A 1 4   ? -4.395  15.284  1.031   1.00 12.33 ? 1110 LEU A CG  1 
ATOM   14  C  CD1 . LEU A 1 4   ? -3.161  15.127  0.161   1.00 12.44 ? 1110 LEU A CD1 1 
ATOM   15  C  CD2 . LEU A 1 4   ? -4.693  16.762  1.173   1.00 13.49 ? 1110 LEU A CD2 1 
ATOM   16  N  N   . PRO A 1 5   ? -8.812  14.373  -0.342  1.00 8.46  ? 1111 PRO A N   1 
ATOM   17  C  CA  . PRO A 1 5   ? -9.748  13.733  -1.274  1.00 8.44  ? 1111 PRO A CA  1 
ATOM   18  C  C   . PRO A 1 5   ? -9.177  13.426  -2.653  1.00 8.74  ? 1111 PRO A C   1 
ATOM   19  O  O   . PRO A 1 5   ? -9.813  12.824  -3.452  1.00 9.86  ? 1111 PRO A O   1 
ATOM   20  C  CB  . PRO A 1 5   ? -10.910 14.738  -1.386  1.00 9.04  ? 1111 PRO A CB  1 
ATOM   21  C  CG  . PRO A 1 5   ? -10.213 16.062  -1.122  1.00 8.71  ? 1111 PRO A CG  1 
ATOM   22  C  CD  . PRO A 1 5   ? -9.162  15.769  -0.058  1.00 8.79  ? 1111 PRO A CD  1 
ATOM   23  N  N   . TRP A 1 6   ? -7.964  13.891  -2.930  1.00 7.57  ? 1112 TRP A N   1 
ATOM   24  C  CA  . TRP A 1 6   ? -7.298  13.688  -4.241  1.00 8.10  ? 1112 TRP A CA  1 
ATOM   25  C  C   . TRP A 1 6   ? -5.811  13.901  -4.025  1.00 8.13  ? 1112 TRP A C   1 
ATOM   26  O  O   . TRP A 1 6   ? -5.430  14.734  -3.177  1.00 7.62  ? 1112 TRP A O   1 
ATOM   27  C  CB  . TRP A 1 6   ? -7.836  14.704  -5.271  1.00 8.28  ? 1112 TRP A CB  1 
ATOM   28  C  CG  . TRP A 1 6   ? -7.346  14.543  -6.665  1.00 8.27  ? 1112 TRP A CG  1 
ATOM   29  C  CD1 . TRP A 1 6   ? -7.860  13.710  -7.615  1.00 8.60  ? 1112 TRP A CD1 1 
ATOM   30  C  CD2 . TRP A 1 6   ? -6.233  15.207  -7.284  1.00 7.16  ? 1112 TRP A CD2 1 
ATOM   31  N  NE1 . TRP A 1 6   ? -7.142  13.817  -8.770  1.00 9.54  ? 1112 TRP A NE1 1 
ATOM   32  C  CE2 . TRP A 1 6   ? -6.140  14.743  -8.610  1.00 8.35  ? 1112 TRP A CE2 1 
ATOM   33  C  CE3 . TRP A 1 6   ? -5.325  16.191  -6.856  1.00 8.38  ? 1112 TRP A CE3 1 
ATOM   34  C  CZ2 . TRP A 1 6   ? -5.149  15.189  -9.472  1.00 8.33  ? 1112 TRP A CZ2 1 
ATOM   35  C  CZ3 . TRP A 1 6   ? -4.367  16.640  -7.720  1.00 7.81  ? 1112 TRP A CZ3 1 
ATOM   36  C  CH2 . TRP A 1 6   ? -4.307  16.160  -9.017  1.00 9.25  ? 1112 TRP A CH2 1 
ATOM   37  N  N   . CYS A 1 7   ? -4.976  13.318  -4.849  1.00 7.19  ? 1113 CYS A N   1 
ATOM   38  C  CA  . CYS A 1 7   ? -3.562  13.766  -4.967  1.00 6.78  ? 1113 CYS A CA  1 
ATOM   39  C  C   . CYS A 1 7   ? -3.135  13.496  -6.391  1.00 6.55  ? 1113 CYS A C   1 
ATOM   40  O  O   . CYS A 1 7   ? -3.757  12.677  -7.076  1.00 6.78  ? 1113 CYS A O   1 
ATOM   41  C  CB  . CYS A 1 7   ? -2.661  13.127  -3.909  1.00 6.50  ? 1113 CYS A CB  1 
ATOM   42  S  SG  . CYS A 1 7   ? -1.734  11.668  -4.383  1.00 6.49  ? 1113 CYS A SG  1 
ATOM   43  N  N   . PRO A 1 8   ? -2.075  14.162  -6.858  1.00 7.28  ? 1114 PRO A N   1 
ATOM   44  C  CA  . PRO A 1 8   ? -1.598  14.023  -8.231  1.00 7.29  ? 1114 PRO A CA  1 
ATOM   45  C  C   . PRO A 1 8   ? -0.936  12.675  -8.541  1.00 7.14  ? 1114 PRO A C   1 
ATOM   46  O  O   . PRO A 1 8   ? -0.575  12.428  -9.713  1.00 8.90  ? 1114 PRO A O   1 
ATOM   47  C  CB  . PRO A 1 8   ? -0.537  15.140  -8.386  1.00 8.64  ? 1114 PRO A CB  1 
ATOM   48  C  CG  . PRO A 1 8   ? -0.122  15.443  -6.936  1.00 8.49  ? 1114 PRO A CG  1 
ATOM   49  C  CD  . PRO A 1 8   ? -1.345  15.167  -6.107  1.00 7.73  ? 1114 PRO A CD  1 
ATOM   50  N  N   . HIS A 1 9   ? -0.834  11.803  -7.556  1.00 6.88  ? 1115 HIS A N   1 
ATOM   51  C  CA  . HIS A 1 9   ? -0.194  10.475  -7.751  1.00 6.93  ? 1115 HIS A CA  1 
ATOM   52  C  C   . HIS A 1 9   ? -1.218  9.356   -7.951  1.00 6.93  ? 1115 HIS A C   1 
ATOM   53  O  O   . HIS A 1 9   ? -0.808  8.228   -8.191  1.00 6.87  ? 1115 HIS A O   1 
ATOM   54  C  CB  . HIS A 1 9   ? 0.764   10.182  -6.600  1.00 6.74  ? 1115 HIS A CB  1 
ATOM   55  C  CG  . HIS A 1 9   ? 1.750   11.273  -6.464  1.00 6.96  ? 1115 HIS A CG  1 
ATOM   56  N  ND1 . HIS A 1 9   ? 1.637   12.277  -5.517  1.00 7.65  ? 1115 HIS A ND1 1 
ATOM   57  C  CD2 . HIS A 1 9   ? 2.855   11.542  -7.229  1.00 7.15  ? 1115 HIS A CD2 1 
ATOM   58  C  CE1 . HIS A 1 9   ? 2.628   13.139  -5.764  1.00 7.07  ? 1115 HIS A CE1 1 
ATOM   59  N  NE2 . HIS A 1 9   ? 3.394   12.713  -6.813  1.00 7.03  ? 1115 HIS A NE2 1 
ATOM   60  N  N   . LEU A 1 10  ? -2.531  9.647   -7.872  1.00 6.96  ? 1116 LEU A N   1 
ATOM   61  C  CA  . LEU A 1 10  ? -3.557  8.610   -8.024  1.00 7.33  ? 1116 LEU A CA  1 
ATOM   62  C  C   . LEU A 1 10  ? -3.459  7.979   -9.404  1.00 7.02  ? 1116 LEU A C   1 
ATOM   63  O  O   . LEU A 1 10  ? -3.854  6.812   -9.521  1.00 7.67  ? 1116 LEU A O   1 
ATOM   64  C  CB  . LEU A 1 10  ? -4.953  9.143   -7.762  1.00 7.03  ? 1116 LEU A CB  1 
ATOM   65  C  CG  . LEU A 1 10  ? -5.242  9.533   -6.305  1.00 7.32  ? 1116 LEU A CG  1 
ATOM   66  C  CD1 . LEU A 1 10  ? -6.478  10.371  -6.230  1.00 7.41  ? 1116 LEU A CD1 1 
ATOM   67  C  CD2 . LEU A 1 10  ? -5.413  8.297   -5.399  1.00 7.51  ? 1116 LEU A CD2 1 
ATOM   68  N  N   . VAL A 1 11  ? -2.945  8.691   -10.398 1.00 7.80  ? 1117 VAL A N   1 
ATOM   69  C  CA  . VAL A 1 11  ? -2.726  8.141   -11.762 1.00 8.61  ? 1117 VAL A CA  1 
ATOM   70  C  C   . VAL A 1 11  ? -1.810  6.932   -11.746 1.00 9.38  ? 1117 VAL A C   1 
ATOM   71  O  O   . VAL A 1 11  ? -1.858  6.159   -12.733 1.00 10.72 ? 1117 VAL A O   1 
ATOM   72  C  CB  . VAL A 1 11  ? -2.215  9.195   -12.753 1.00 9.74  ? 1117 VAL A CB  1 
ATOM   73  C  CG1 . VAL A 1 11  ? -3.305  10.222  -13.020 1.00 11.72 ? 1117 VAL A CG1 1 
ATOM   74  C  CG2 . VAL A 1 11  ? -0.914  9.842   -12.321 1.00 10.22 ? 1117 VAL A CG2 1 
ATOM   75  N  N   . ALA A 1 12  ? -0.980  6.737   -10.717 1.00 8.23  ? 1118 ALA A N   1 
ATOM   76  C  CA  . ALA A 1 12  ? -0.035  5.605   -10.634 1.00 7.67  ? 1118 ALA A CA  1 
ATOM   77  C  C   . ALA A 1 12  ? -0.665  4.387   -9.979  1.00 7.31  ? 1118 ALA A C   1 
ATOM   78  O  O   . ALA A 1 12  ? 0.010   3.328   -9.908  1.00 7.54  ? 1118 ALA A O   1 
ATOM   79  C  CB  . ALA A 1 12  ? 1.199   6.080   -9.921  1.00 7.62  ? 1118 ALA A CB  1 
ATOM   80  N  N   . VAL A 1 13  ? -1.907  4.493   -9.493  1.00 6.79  ? 1119 VAL A N   1 
ATOM   81  C  CA  . VAL A 1 13  ? -2.626  3.317   -8.905  1.00 7.21  ? 1119 VAL A CA  1 
ATOM   82  C  C   . VAL A 1 13  ? -2.994  2.358   -10.047 1.00 7.92  ? 1119 VAL A C   1 
ATOM   83  O  O   . VAL A 1 13  ? -3.689  2.762   -11.020 1.00 9.43  ? 1119 VAL A O   1 
ATOM   84  C  CB  . VAL A 1 13  ? -3.850  3.748   -8.077  1.00 7.38  ? 1119 VAL A CB  1 
ATOM   85  C  CG1 . VAL A 1 13  ? -4.627  2.488   -7.649  1.00 7.70  ? 1119 VAL A CG1 1 
ATOM   86  C  CG2 . VAL A 1 13  ? -3.392  4.569   -6.894  1.00 7.45  ? 1119 VAL A CG2 1 
ATOM   87  N  N   . CYS A 1 14  ? -2.545  1.119   -9.931  1.00 7.45  ? 1120 CYS A N   1 
ATOM   88  C  CA  . CYS A 1 14  ? -2.697  0.133   -11.016 1.00 8.21  ? 1120 CYS A CA  1 
ATOM   89  C  C   . CYS A 1 14  ? -3.781  -0.879  -10.644 1.00 8.48  ? 1120 CYS A C   1 
ATOM   90  O  O   . CYS A 1 14  ? -4.232  -1.005  -9.501  1.00 9.43  ? 1120 CYS A O   1 
ATOM   91  C  CB  . CYS A 1 14  ? -1.353  -0.536  -11.311 1.00 7.73  ? 1120 CYS A CB  1 
ATOM   92  S  SG  . CYS A 1 14  ? -0.132  0.617   -11.956 1.00 8.24  ? 1120 CYS A SG  1 
ATOM   93  N  N   . PRO A 1 15  ? -4.264  -1.632  -11.645 1.00 9.93  ? 1121 PRO A N   1 
ATOM   94  C  CA  . PRO A 1 15  ? -5.300  -2.621  -11.419 1.00 10.48 ? 1121 PRO A CA  1 
ATOM   95  C  C   . PRO A 1 15  ? -4.857  -3.703  -10.436 1.00 12.06 ? 1121 PRO A C   1 
ATOM   96  O  O   . PRO A 1 15  ? -3.692  -4.131  -10.380 1.00 12.37 ? 1121 PRO A O   1 
ATOM   97  C  CB  . PRO A 1 15  ? -5.570  -3.204  -12.837 1.00 10.23 ? 1121 PRO A CB  1 
ATOM   98  C  CG  . PRO A 1 15  ? -5.187  -2.103  -13.746 1.00 10.46 ? 1121 PRO A CG  1 
ATOM   99  C  CD  . PRO A 1 15  ? -3.985  -1.464  -13.080 1.00 10.70 ? 1121 PRO A CD  1 
ATOM   100 N  N   . ILE A 1 16  ? -5.826  -4.227  -9.706  1.00 14.19 ? 1122 ILE A N   1 
ATOM   101 C  CA  . ILE A 1 16  ? -5.576  -5.235  -8.656  1.00 16.77 ? 1122 ILE A CA  1 
ATOM   102 C  C   . ILE A 1 16  ? -4.957  -6.500  -9.243  1.00 18.51 ? 1122 ILE A C   1 
ATOM   103 O  O   . ILE A 1 16  ? -5.399  -6.920  -10.309 1.00 25.69 ? 1122 ILE A O   1 
ATOM   104 C  CB  . ILE A 1 16  ? -6.910  -5.484  -7.928  1.00 21.45 ? 1122 ILE A CB  1 
ATOM   105 C  CG1 . ILE A 1 16  ? -7.273  -4.197  -7.170  1.00 22.71 ? 1122 ILE A CG1 1 
ATOM   106 C  CG2 . ILE A 1 16  ? -6.794  -6.732  -7.053  1.00 22.63 ? 1122 ILE A CG2 1 
ATOM   107 C  CD1 . ILE A 1 16  ? -8.729  -3.799  -7.199  1.00 25.80 ? 1122 ILE A CD1 1 
ATOM   108 N  N   . PRO A 1 17  ? -3.957  -7.085  -8.545  1.00 20.04 ? 1123 PRO A N   1 
ATOM   109 C  CA  . PRO A 1 17  ? -3.272  -8.318  -8.938  1.00 22.57 ? 1123 PRO A CA  1 
ATOM   110 C  C   . PRO A 1 17  ? -4.201  -9.492  -9.248  1.00 21.57 ? 1123 PRO A C   1 
ATOM   111 O  O   . PRO A 1 17  ? -5.449  -9.476  -8.914  1.00 22.65 ? 1123 PRO A O   1 
ATOM   112 C  CB  . PRO A 1 17  ? -2.450  -8.719  -7.721  1.00 24.61 ? 1123 PRO A CB  1 
ATOM   113 C  CG  . PRO A 1 17  ? -2.161  -7.428  -7.053  1.00 24.14 ? 1123 PRO A CG  1 
ATOM   114 C  CD  . PRO A 1 17  ? -3.400  -6.584  -7.284  1.00 21.99 ? 1123 PRO A CD  1 
ATOM   115 N  N   . ALA A 1 18  ? -3.596  -10.444 -9.978  1.00 20.52 ? 1124 ALA A N   1 
ATOM   116 C  CA  . ALA A 1 18  ? -4.276  -11.632 -10.539 1.00 21.84 ? 1124 ALA A CA  1 
ATOM   117 C  C   . ALA A 1 18  ? -4.946  -12.398 -9.378  1.00 22.76 ? 1124 ALA A C   1 
ATOM   118 O  O   . ALA A 1 18  ? -6.194  -12.558 -9.342  1.00 23.95 ? 1124 ALA A O   1 
ATOM   119 C  CB  . ALA A 1 18  ? -3.241  -12.433 -11.291 1.00 21.69 ? 1124 ALA A CB  1 
ATOM   120 N  N   . ALA A 1 19  ? -4.114  -12.790 -8.423  1.00 24.40 ? 1125 ALA A N   1 
ATOM   121 C  CA  . ALA A 1 19  ? -4.498  -13.623 -7.267  1.00 22.14 ? 1125 ALA A CA  1 
ATOM   122 C  C   . ALA A 1 19  ? -5.338  -12.825 -6.260  1.00 22.85 ? 1125 ALA A C   1 
ATOM   123 O  O   . ALA A 1 19  ? -5.830  -13.455 -5.299  1.00 23.48 ? 1125 ALA A O   1 
ATOM   124 C  CB  . ALA A 1 19  ? -3.233  -14.187 -6.673  1.00 22.54 ? 1125 ALA A CB  1 
ATOM   125 N  N   . GLY A 1 20  ? -5.563  -11.508 -6.446  1.00 18.66 ? 1126 GLY A N   1 
ATOM   126 C  CA  . GLY A 1 20  ? -6.211  -10.693 -5.413  1.00 17.67 ? 1126 GLY A CA  1 
ATOM   127 C  C   . GLY A 1 20  ? -5.175  -10.210 -4.410  1.00 14.86 ? 1126 GLY A C   1 
ATOM   128 O  O   . GLY A 1 20  ? -3.962  -10.273 -4.707  1.00 16.95 ? 1126 GLY A O   1 
ATOM   129 N  N   . LEU A 1 21  ? -5.633  -9.794  -3.237  1.00 12.04 ? 1127 LEU A N   1 
ATOM   130 C  CA  . LEU A 1 21  ? -4.724  -9.292  -2.175  1.00 11.32 ? 1127 LEU A CA  1 
ATOM   131 C  C   . LEU A 1 21  ? -4.700  -10.312 -1.042  1.00 12.13 ? 1127 LEU A C   1 
ATOM   132 O  O   . LEU A 1 21  ? -5.763  -10.895 -0.713  1.00 14.03 ? 1127 LEU A O   1 
ATOM   133 C  CB  . LEU A 1 21  ? -5.176  -7.932  -1.634  1.00 11.97 ? 1127 LEU A CB  1 
ATOM   134 C  CG  . LEU A 1 21  ? -5.204  -6.783  -2.641  1.00 14.35 ? 1127 LEU A CG  1 
ATOM   135 C  CD1 . LEU A 1 21  ? -5.567  -5.482  -1.953  1.00 15.74 ? 1127 LEU A CD1 1 
ATOM   136 C  CD2 . LEU A 1 21  ? -3.850  -6.612  -3.324  1.00 13.79 ? 1127 LEU A CD2 1 
ATOM   137 N  N   . ASP A 1 22  ? -3.540  -10.432 -0.432  1.00 9.63  ? 1128 ASP A N   1 
ATOM   138 C  CA  . ASP A 1 22  ? -3.366  -11.281 0.773   1.00 10.48 ? 1128 ASP A CA  1 
ATOM   139 C  C   . ASP A 1 22  ? -2.839  -10.398 1.894   1.00 8.85  ? 1128 ASP A C   1 
ATOM   140 O  O   . ASP A 1 22  ? -1.645  -10.071 1.960   1.00 8.97  ? 1128 ASP A O   1 
ATOM   141 C  CB  . ASP A 1 22  ? -2.400  -12.423 0.506   1.00 12.59 ? 1128 ASP A CB  1 
ATOM   142 C  CG  . ASP A 1 22  ? -2.256  -13.359 1.686   1.00 13.99 ? 1128 ASP A CG  1 
ATOM   143 O  OD1 . ASP A 1 22  ? -2.804  -13.087 2.745   1.00 14.66 ? 1128 ASP A OD1 1 
ATOM   144 O  OD2 . ASP A 1 22  ? -1.534  -14.398 1.483   1.00 22.59 ? 1128 ASP A OD2 1 
ATOM   145 N  N   . VAL A 1 23  ? -3.730  -10.047 2.809   1.00 9.78  ? 1129 VAL A N   1 
ATOM   146 C  CA  . VAL A 1 23  ? -3.395  -9.046  3.843   1.00 8.24  ? 1129 VAL A CA  1 
ATOM   147 C  C   . VAL A 1 23  ? -2.467  -9.700  4.881   1.00 8.44  ? 1129 VAL A C   1 
ATOM   148 O  O   . VAL A 1 23  ? -2.006  -8.955  5.712   1.00 7.85  ? 1129 VAL A O   1 
ATOM   149 C  CB  . VAL A 1 23  ? -4.635  -8.447  4.530   1.00 9.40  ? 1129 VAL A CB  1 
ATOM   150 C  CG1 . VAL A 1 23  ? -5.549  -7.783  3.551   1.00 9.77  ? 1129 VAL A CG1 1 
ATOM   151 C  CG2 . VAL A 1 23  ? -5.408  -9.491  5.315   1.00 9.75  ? 1129 VAL A CG2 1 
ATOM   152 N  N   . THR A 1 24  ? -2.256  -11.014 4.828   1.00 8.55  ? 1130 THR A N   1 
ATOM   153 C  CA  . THR A 1 24  ? -1.326  -11.723 5.747   1.00 8.75  ? 1130 THR A CA  1 
ATOM   154 C  C   . THR A 1 24  ? 0.003   -12.010 5.042   1.00 8.99  ? 1130 THR A C   1 
ATOM   155 O  O   . THR A 1 24  ? 0.825   -12.768 5.580   1.00 11.43 ? 1130 THR A O   1 
ATOM   156 C  CB  . THR A 1 24  ? -1.889  -13.019 6.351   1.00 9.02  ? 1130 THR A CB  1 
ATOM   157 O  OG1 . THR A 1 24  ? -2.125  -14.033 5.366   1.00 9.29  ? 1130 THR A OG1 1 
ATOM   158 C  CG2 . THR A 1 24  ? -3.150  -12.713 7.123   1.00 9.86  ? 1130 THR A CG2 1 
ATOM   159 N  N   . GLN A 1 25  ? 0.227   -11.419 3.877   1.00 8.69  ? 1131 GLN A N   1 
ATOM   160 C  CA  . GLN A 1 25  ? 1.466   -11.629 3.119   1.00 9.02  ? 1131 GLN A CA  1 
ATOM   161 C  C   . GLN A 1 25  ? 2.615   -10.984 3.885   1.00 9.63  ? 1131 GLN A C   1 
ATOM   162 O  O   . GLN A 1 25  ? 2.505   -9.857  4.351   1.00 9.98  ? 1131 GLN A O   1 
ATOM   163 C  CB  . GLN A 1 25  ? 1.301   -11.024 1.730   1.00 9.12  ? 1131 GLN A CB  1 
ATOM   164 C  CG  . GLN A 1 25  ? 2.488   -11.273 0.833   1.00 9.48  ? 1131 GLN A CG  1 
ATOM   165 C  CD  . GLN A 1 25  ? 2.209   -10.842 -0.581  1.00 10.03 ? 1131 GLN A CD  1 
ATOM   166 O  OE1 . GLN A 1 25  ? 1.080   -10.842 -1.080  1.00 11.29 ? 1131 GLN A OE1 1 
ATOM   167 N  NE2 . GLN A 1 25  ? 3.280   -10.562 -1.274  1.00 10.90 ? 1131 GLN A NE2 1 
ATOM   168 N  N   . PRO A 1 26  ? 3.759   -11.664 4.059   1.00 9.31  ? 1132 PRO A N   1 
ATOM   169 C  CA  . PRO A 1 26  ? 4.874   -11.077 4.776   1.00 9.27  ? 1132 PRO A CA  1 
ATOM   170 C  C   . PRO A 1 26  ? 5.647   -10.057 3.922   1.00 8.54  ? 1132 PRO A C   1 
ATOM   171 O  O   . PRO A 1 26  ? 5.554   -9.991  2.689   1.00 9.06  ? 1132 PRO A O   1 
ATOM   172 C  CB  . PRO A 1 26  ? 5.743   -12.282 5.184   1.00 10.85 ? 1132 PRO A CB  1 
ATOM   173 C  CG  . PRO A 1 26  ? 5.347   -13.370 4.245   1.00 10.34 ? 1132 PRO A CG  1 
ATOM   174 C  CD  . PRO A 1 26  ? 3.983   -13.072 3.700   1.00 9.53  ? 1132 PRO A CD  1 
ATOM   175 N  N   . CYS A 1 27  ? 6.524   -9.339  4.594   1.00 8.94  ? 1133 CYS A N   1 
ATOM   176 C  CA  . CYS A 1 27  ? 7.423   -8.383  3.911   1.00 7.88  ? 1133 CYS A CA  1 
ATOM   177 C  C   . CYS A 1 27  ? 8.300   -9.146  2.925   1.00 8.89  ? 1133 CYS A C   1 
ATOM   178 O  O   . CYS A 1 27  ? 8.935   -10.179 3.322   1.00 8.96  ? 1133 CYS A O   1 
ATOM   179 C  CB  . CYS A 1 27  ? 8.309   -7.635  4.897   1.00 7.42  ? 1133 CYS A CB  1 
ATOM   180 S  SG  . CYS A 1 27  ? 9.517   -6.569  4.172   1.00 8.07  ? 1133 CYS A SG  1 
ATOM   181 N  N   . GLY A 1 28  ? 8.372   -8.661  1.694   1.00 8.96  ? 1134 GLY A N   1 
ATOM   182 C  CA  . GLY A 1 28  ? 9.170   -9.327  0.657   1.00 9.40  ? 1134 GLY A CA  1 
ATOM   183 C  C   . GLY A 1 28  ? 10.659  -9.315  0.959   1.00 10.50 ? 1134 GLY A C   1 
ATOM   184 O  O   . GLY A 1 28  ? 11.373  -10.145 0.335   1.00 13.47 ? 1134 GLY A O   1 
ATOM   185 N  N   . ASP A 1 29  ? 11.167  -8.444  1.823   1.00 10.37 ? 1135 ASP A N   1 
ATOM   186 C  CA  . ASP A 1 29  ? 12.615  -8.385  2.170   1.00 11.78 ? 1135 ASP A CA  1 
ATOM   187 C  C   . ASP A 1 29  ? 12.851  -9.181  3.444   1.00 13.53 ? 1135 ASP A C   1 
ATOM   188 O  O   . ASP A 1 29  ? 13.588  -10.195 3.376   1.00 14.29 ? 1135 ASP A O   1 
ATOM   189 C  CB  . ASP A 1 29  ? 13.096  -6.953  2.268   1.00 13.23 ? 1135 ASP A CB  1 
ATOM   190 C  CG  . ASP A 1 29  ? 13.198  -6.186  0.955   1.00 18.88 ? 1135 ASP A CG  1 
ATOM   191 O  OD1 . ASP A 1 29  ? 13.488  -6.817  -0.082  1.00 21.78 ? 1135 ASP A OD1 1 
ATOM   192 O  OD2 . ASP A 1 29  ? 13.057  -4.929  1.003   1.00 21.25 ? 1135 ASP A OD2 1 
ATOM   193 N  N   . CYS A 1 30  ? 12.243  -8.806  4.570   1.00 10.83 ? 1136 CYS A N   1 
ATOM   194 C  CA  . CYS A 1 30  ? 12.618  -9.380  5.891   1.00 10.42 ? 1136 CYS A CA  1 
ATOM   195 C  C   . CYS A 1 30  ? 11.666  -10.495 6.321   1.00 9.84  ? 1136 CYS A C   1 
ATOM   196 O  O   . CYS A 1 30  ? 11.949  -11.131 7.345   1.00 11.77 ? 1136 CYS A O   1 
ATOM   197 C  CB  . CYS A 1 30  ? 12.754  -8.322  6.958   1.00 9.99  ? 1136 CYS A CB  1 
ATOM   198 S  SG  . CYS A 1 30  ? 11.218  -7.519  7.458   1.00 9.13  ? 1136 CYS A SG  1 
ATOM   199 N  N   . GLY A 1 31  ? 10.553  -10.705 5.657   1.00 9.96  ? 1137 GLY A N   1 
ATOM   200 C  CA  . GLY A 1 31  ? 9.566   -11.749 6.011   1.00 10.06 ? 1137 GLY A CA  1 
ATOM   201 C  C   . GLY A 1 31  ? 8.756   -11.474 7.276   1.00 9.80  ? 1137 GLY A C   1 
ATOM   202 O  O   . GLY A 1 31  ? 7.955   -12.321 7.649   1.00 11.42 ? 1137 GLY A O   1 
ATOM   203 N  N   . THR A 1 32  ? 8.817   -10.259 7.842   1.00 9.09  ? 1138 THR A N   1 
ATOM   204 C  CA  . THR A 1 32  ? 7.981   -9.928  9.013   1.00 9.52  ? 1138 THR A CA  1 
ATOM   205 C  C   . THR A 1 32  ? 6.500   -10.013 8.637   1.00 9.85  ? 1138 THR A C   1 
ATOM   206 O  O   . THR A 1 32  ? 6.119   -9.641  7.512   1.00 9.73  ? 1138 THR A O   1 
ATOM   207 C  CB  . THR A 1 32  ? 8.339   -8.592  9.628   1.00 9.97  ? 1138 THR A CB  1 
ATOM   208 O  OG1 . THR A 1 32  ? 7.621   -8.466  10.859  1.00 11.56 ? 1138 THR A OG1 1 
ATOM   209 C  CG2 . THR A 1 32  ? 8.032   -7.411  8.766   1.00 9.85  ? 1138 THR A CG2 1 
ATOM   210 N  N   . ILE A 1 33  ? 5.696   -10.526 9.575   1.00 12.22 ? 1139 ILE A N   1 
ATOM   211 C  CA  . ILE A 1 33  ? 4.221   -10.549 9.490   1.00 12.96 ? 1139 ILE A CA  1 
ATOM   212 C  C   . ILE A 1 33  ? 3.637   -9.219  9.948   1.00 13.27 ? 1139 ILE A C   1 
ATOM   213 O  O   . ILE A 1 33  ? 2.460   -9.068  9.788   1.00 14.95 ? 1139 ILE A O   1 
ATOM   214 C  CB  . ILE A 1 33  ? 3.679   -11.687 10.386  1.00 16.45 ? 1139 ILE A CB  1 
ATOM   215 C  CG1 . ILE A 1 33  ? 3.794   -11.349 11.876  1.00 18.20 ? 1139 ILE A CG1 1 
ATOM   216 C  CG2 . ILE A 1 33  ? 4.278   -13.032 10.039  1.00 19.15 ? 1139 ILE A CG2 1 
ATOM   217 C  CD1 . ILE A 1 33  ? 3.117   -12.330 12.844  1.00 19.56 ? 1139 ILE A CD1 1 
ATOM   218 N  N   . GLN A 1 34  ? 4.437   -8.328  10.526  1.00 13.05 ? 1140 GLN A N   1 
ATOM   219 C  CA  . GLN A 1 34  ? 3.951   -7.142  11.260  1.00 13.06 ? 1140 GLN A CA  1 
ATOM   220 C  C   . GLN A 1 34  ? 3.957   -5.893  10.365  1.00 11.61 ? 1140 GLN A C   1 
ATOM   221 O  O   . GLN A 1 34  ? 4.952   -5.540  9.716   1.00 12.15 ? 1140 GLN A O   1 
ATOM   222 C  CB  . GLN A 1 34  ? 4.824   -6.823  12.478  1.00 15.49 ? 1140 GLN A CB  1 
ATOM   223 C  CG  . GLN A 1 34  ? 4.869   -7.868  13.564  1.00 18.67 ? 1140 GLN A CG  1 
ATOM   224 C  CD  . GLN A 1 34  ? 5.729   -7.311  14.682  1.00 19.79 ? 1140 GLN A CD  1 
ATOM   225 O  OE1 . GLN A 1 34  ? 5.409   -6.284  15.278  1.00 21.55 ? 1140 GLN A OE1 1 
ATOM   226 N  NE2 . GLN A 1 34  ? 6.863   -7.955  14.916  1.00 23.50 ? 1140 GLN A NE2 1 
ATOM   227 N  N   . GLU A 1 35  ? 2.841   -5.210  10.395  1.00 11.71 ? 1141 GLU A N   1 
ATOM   228 C  CA  . GLU A 1 35  ? 2.686   -3.833  9.926   1.00 9.24  ? 1141 GLU A CA  1 
ATOM   229 C  C   . GLU A 1 35  ? 3.186   -3.699  8.482   1.00 8.26  ? 1141 GLU A C   1 
ATOM   230 O  O   . GLU A 1 35  ? 3.871   -2.739  8.116   1.00 8.20  ? 1141 GLU A O   1 
ATOM   231 C  CB  . GLU A 1 35  ? 3.418   -2.940  10.907  1.00 10.77 ? 1141 GLU A CB  1 
ATOM   232 C  CG  . GLU A 1 35  ? 2.896   -1.560  10.864  1.00 11.31 ? 1141 GLU A CG  1 
ATOM   233 C  CD  . GLU A 1 35  ? 2.913   -0.936  12.262  1.00 10.70 ? 1141 GLU A CD  1 
ATOM   234 O  OE1 . GLU A 1 35  ? 2.226   -1.421  13.203  1.00 13.21 ? 1141 GLU A OE1 1 
ATOM   235 O  OE2 . GLU A 1 35  ? 3.626   0.059   12.399  1.00 11.61 ? 1141 GLU A OE2 1 
ATOM   236 N  N   . ASN A 1 36  ? 2.682   -4.566  7.622   1.00 7.96  ? 1142 ASN A N   1 
ATOM   237 C  CA  . ASN A 1 36  ? 3.019   -4.486  6.194   1.00 7.00  ? 1142 ASN A CA  1 
ATOM   238 C  C   . ASN A 1 36  ? 2.084   -3.510  5.472   1.00 6.77  ? 1142 ASN A C   1 
ATOM   239 O  O   . ASN A 1 36  ? 0.888   -3.311  5.857   1.00 6.49  ? 1142 ASN A O   1 
ATOM   240 C  CB  . ASN A 1 36  ? 2.990   -5.893  5.616   1.00 7.54  ? 1142 ASN A CB  1 
ATOM   241 C  CG  . ASN A 1 36  ? 4.206   -6.661  6.087   1.00 9.01  ? 1142 ASN A CG  1 
ATOM   242 O  OD1 . ASN A 1 36  ? 5.338   -6.227  5.942   1.00 10.27 ? 1142 ASN A OD1 1 
ATOM   243 N  ND2 . ASN A 1 36  ? 3.979   -7.872  6.556   1.00 9.93  ? 1142 ASN A ND2 1 
ATOM   244 N  N   . TRP A 1 37  ? 2.617   -2.971  4.379   1.00 6.38  ? 1143 TRP A N   1 
ATOM   245 C  CA  . TRP A 1 37  ? 1.892   -2.151  3.394   1.00 6.19  ? 1143 TRP A CA  1 
ATOM   246 C  C   . TRP A 1 37  ? 2.007   -2.853  2.034   1.00 6.07  ? 1143 TRP A C   1 
ATOM   247 O  O   . TRP A 1 37  ? 2.920   -3.618  1.831   1.00 7.14  ? 1143 TRP A O   1 
ATOM   248 C  CB  . TRP A 1 37  ? 2.488   -0.740  3.351   1.00 5.98  ? 1143 TRP A CB  1 
ATOM   249 C  CG  . TRP A 1 37  ? 2.343   0.012   4.646   1.00 6.14  ? 1143 TRP A CG  1 
ATOM   250 C  CD1 . TRP A 1 37  ? 3.081   -0.138  5.774   1.00 6.46  ? 1143 TRP A CD1 1 
ATOM   251 C  CD2 . TRP A 1 37  ? 1.496   1.157   4.878   1.00 6.34  ? 1143 TRP A CD2 1 
ATOM   252 N  NE1 . TRP A 1 37  ? 2.659   0.727   6.759   1.00 6.48  ? 1143 TRP A NE1 1 
ATOM   253 C  CE2 . TRP A 1 37  ? 1.679   1.527   6.229   1.00 6.68  ? 1143 TRP A CE2 1 
ATOM   254 C  CE3 . TRP A 1 37  ? 0.553   1.850   4.095   1.00 6.08  ? 1143 TRP A CE3 1 
ATOM   255 C  CZ2 . TRP A 1 37  ? 1.019   2.616   6.786   1.00 6.48  ? 1143 TRP A CZ2 1 
ATOM   256 C  CZ3 . TRP A 1 37  ? -0.106  2.918   4.652   1.00 6.34  ? 1143 TRP A CZ3 1 
ATOM   257 C  CH2 . TRP A 1 37  ? 0.141   3.293   5.977   1.00 6.59  ? 1143 TRP A CH2 1 
ATOM   258 N  N   . VAL A 1 38  ? 1.099   -2.568  1.125   1.00 6.11  ? 1144 VAL A N   1 
ATOM   259 C  CA  . VAL A 1 38  ? 1.149   -3.082  -0.265  1.00 6.42  ? 1144 VAL A CA  1 
ATOM   260 C  C   . VAL A 1 38  ? 1.294   -1.849  -1.152  1.00 6.14  ? 1144 VAL A C   1 
ATOM   261 O  O   . VAL A 1 38  ? 0.549   -0.881  -0.978  1.00 5.86  ? 1144 VAL A O   1 
ATOM   262 C  CB  . VAL A 1 38  ? -0.060  -3.964  -0.633  1.00 6.76  ? 1144 VAL A CB  1 
ATOM   263 C  CG1 . VAL A 1 38  ? -1.386  -3.262  -0.560  1.00 7.31  ? 1144 VAL A CG1 1 
ATOM   264 C  CG2 . VAL A 1 38  ? 0.116   -4.545  -2.043  1.00 8.03  ? 1144 VAL A CG2 1 
ATOM   265 N  N   . CYS A 1 39  ? 2.153   -1.952  -2.145  1.00 5.92  ? 1145 CYS A N   1 
ATOM   266 C  CA  . CYS A 1 39  ? 2.366   -0.885  -3.134  1.00 6.25  ? 1145 CYS A CA  1 
ATOM   267 C  C   . CYS A 1 39  ? 1.227   -0.893  -4.166  1.00 6.98  ? 1145 CYS A C   1 
ATOM   268 O  O   . CYS A 1 39  ? 0.994   -1.913  -4.828  1.00 5.83  ? 1145 CYS A O   1 
ATOM   269 C  CB  . CYS A 1 39  ? 3.697   -1.061  -3.838  1.00 6.85  ? 1145 CYS A CB  1 
ATOM   270 S  SG  . CYS A 1 39  ? 4.034   0.250   -4.983  1.00 7.75  ? 1145 CYS A SG  1 
ATOM   271 N  N   . LEU A 1 40  ? 0.622   0.250   -4.386  1.00 6.94  ? 1146 LEU A N   1 
ATOM   272 C  CA  . LEU A 1 40  ? -0.560  0.341   -5.267  1.00 7.30  ? 1146 LEU A CA  1 
ATOM   273 C  C   . LEU A 1 40  ? -0.138  0.522   -6.713  1.00 7.16  ? 1146 LEU A C   1 
ATOM   274 O  O   . LEU A 1 40  ? -1.093  0.548   -7.553  1.00 7.92  ? 1146 LEU A O   1 
ATOM   275 C  CB  . LEU A 1 40  ? -1.483  1.442   -4.768  1.00 7.64  ? 1146 LEU A CB  1 
ATOM   276 C  CG  . LEU A 1 40  ? -2.104  1.239   -3.388  1.00 8.06  ? 1146 LEU A CG  1 
ATOM   277 C  CD1 . LEU A 1 40  ? -3.139  2.300   -3.102  1.00 8.64  ? 1146 LEU A CD1 1 
ATOM   278 C  CD2 . LEU A 1 40  ? -2.733  -0.127  -3.262  1.00 8.51  ? 1146 LEU A CD2 1 
ATOM   279 N  N   . SER A 1 41  ? 1.163   0.527   -6.997  1.00 6.74  ? 1147 SER A N   1 
ATOM   280 C  CA  . SER A 1 41  ? 1.609   0.459   -8.396  1.00 7.68  ? 1147 SER A CA  1 
ATOM   281 C  C   . SER A 1 41  ? 1.877   -1.014  -8.710  1.00 9.03  ? 1147 SER A C   1 
ATOM   282 O  O   . SER A 1 41  ? 1.216   -1.506  -9.670  1.00 10.11 ? 1147 SER A O   1 
ATOM   283 C  CB  . SER A 1 41  ? 2.690   1.422   -8.676  1.00 7.58  ? 1147 SER A CB  1 
ATOM   284 O  OG  . SER A 1 41  ? 2.284   2.789   -8.443  1.00 7.65  ? 1147 SER A OG  1 
ATOM   285 N  N   . CYS A 1 42  ? 2.810   -1.665  -7.996  1.00 7.95  ? 1148 CYS A N   1 
ATOM   286 C  CA  . CYS A 1 42  ? 3.411   -2.957  -8.388  1.00 7.84  ? 1148 CYS A CA  1 
ATOM   287 C  C   . CYS A 1 42  ? 2.942   -4.105  -7.499  1.00 7.91  ? 1148 CYS A C   1 
ATOM   288 O  O   . CYS A 1 42  ? 3.263   -5.260  -7.803  1.00 8.16  ? 1148 CYS A O   1 
ATOM   289 C  CB  . CYS A 1 42  ? 4.924   -2.841  -8.340  1.00 8.52  ? 1148 CYS A CB  1 
ATOM   290 S  SG  . CYS A 1 42  ? 5.724   -2.774  -6.780  1.00 8.73  ? 1148 CYS A SG  1 
ATOM   291 N  N   . TYR A 1 43  ? 2.241   -3.816  -6.396  1.00 7.85  ? 1149 TYR A N   1 
ATOM   292 C  CA  . TYR A 1 43  ? 1.591   -4.836  -5.533  1.00 7.77  ? 1149 TYR A CA  1 
ATOM   293 C  C   . TYR A 1 43  ? 2.587   -5.746  -4.820  1.00 7.47  ? 1149 TYR A C   1 
ATOM   294 O  O   . TYR A 1 43  ? 2.179   -6.748  -4.198  1.00 7.85  ? 1149 TYR A O   1 
ATOM   295 C  CB  . TYR A 1 43  ? 0.482   -5.548  -6.306  1.00 8.45  ? 1149 TYR A CB  1 
ATOM   296 C  CG  . TYR A 1 43  ? -0.650  -4.594  -6.490  1.00 8.70  ? 1149 TYR A CG  1 
ATOM   297 C  CD1 . TYR A 1 43  ? -1.613  -4.401  -5.504  1.00 10.03 ? 1149 TYR A CD1 1 
ATOM   298 C  CD2 . TYR A 1 43  ? -0.788  -3.850  -7.639  1.00 7.95  ? 1149 TYR A CD2 1 
ATOM   299 C  CE1 . TYR A 1 43  ? -2.624  -3.487  -5.649  1.00 9.46  ? 1149 TYR A CE1 1 
ATOM   300 C  CE2 . TYR A 1 43  ? -1.804  -2.911  -7.799  1.00 8.32  ? 1149 TYR A CE2 1 
ATOM   301 C  CZ  . TYR A 1 43  ? -2.734  -2.730  -6.793  1.00 9.42  ? 1149 TYR A CZ  1 
ATOM   302 O  OH  . TYR A 1 43  ? -3.732  -1.823  -6.907  1.00 10.46 ? 1149 TYR A OH  1 
ATOM   303 N  N   . GLN A 1 44  ? 3.814   -5.265  -4.667  1.00 7.08  ? 1150 GLN A N   1 
ATOM   304 C  CA  . GLN A 1 44  ? 4.807   -5.869  -3.735  1.00 7.45  ? 1150 GLN A CA  1 
ATOM   305 C  C   . GLN A 1 44  ? 4.391   -5.461  -2.314  1.00 7.13  ? 1150 GLN A C   1 
ATOM   306 O  O   . GLN A 1 44  ? 3.828   -4.358  -2.111  1.00 7.83  ? 1150 GLN A O   1 
ATOM   307 C  CB  . GLN A 1 44  ? 6.221   -5.496  -4.117  1.00 8.28  ? 1150 GLN A CB  1 
ATOM   308 C  CG  . GLN A 1 44  ? 6.579   -6.146  -5.458  1.00 9.78  ? 1150 GLN A CG  1 
ATOM   309 C  CD  . GLN A 1 44  ? 7.874   -5.684  -6.039  1.00 11.59 ? 1150 GLN A CD  1 
ATOM   310 O  OE1 . GLN A 1 44  ? 8.733   -5.147  -5.374  1.00 13.92 ? 1150 GLN A OE1 1 
ATOM   311 N  NE2 . GLN A 1 44  ? 7.973   -5.818  -7.358  1.00 14.15 ? 1150 GLN A NE2 1 
ATOM   312 N  N   . VAL A 1 45  ? 4.739   -6.301  -1.355  1.00 7.10  ? 1151 VAL A N   1 
ATOM   313 C  CA  . VAL A 1 45  ? 4.391   -6.097  0.074   1.00 6.67  ? 1151 VAL A CA  1 
ATOM   314 C  C   . VAL A 1 45  ? 5.679   -5.923  0.857   1.00 7.18  ? 1151 VAL A C   1 
ATOM   315 O  O   . VAL A 1 45  ? 6.543   -6.791  0.770   1.00 8.32  ? 1151 VAL A O   1 
ATOM   316 C  CB  . VAL A 1 45  ? 3.572   -7.285  0.585   1.00 6.79  ? 1151 VAL A CB  1 
ATOM   317 C  CG1 . VAL A 1 45  ? 3.352   -7.155  2.058   1.00 7.60  ? 1151 VAL A CG1 1 
ATOM   318 C  CG2 . VAL A 1 45  ? 2.254   -7.413  -0.179  1.00 6.86  ? 1151 VAL A CG2 1 
ATOM   319 N  N   . TYR A 1 46  ? 5.748   -4.869  1.669   1.00 6.95  ? 1152 TYR A N   1 
ATOM   320 C  CA  . TYR A 1 46  ? 6.958   -4.535  2.440   1.00 6.76  ? 1152 TYR A CA  1 
ATOM   321 C  C   . TYR A 1 46  ? 6.524   -3.903  3.755   1.00 6.65  ? 1152 TYR A C   1 
ATOM   322 O  O   . TYR A 1 46  ? 5.461   -3.272  3.827   1.00 5.38  ? 1152 TYR A O   1 
ATOM   323 C  CB  . TYR A 1 46  ? 7.883   -3.598  1.659   1.00 7.41  ? 1152 TYR A CB  1 
ATOM   324 C  CG  . TYR A 1 46  ? 8.467   -4.178  0.393   1.00 8.13  ? 1152 TYR A CG  1 
ATOM   325 C  CD1 . TYR A 1 46  ? 9.402   -5.187  0.456   1.00 8.57  ? 1152 TYR A CD1 1 
ATOM   326 C  CD2 . TYR A 1 46  ? 8.160   -3.642  -0.848  1.00 8.23  ? 1152 TYR A CD2 1 
ATOM   327 C  CE1 . TYR A 1 46  ? 9.986   -5.679  -0.689  1.00 9.36  ? 1152 TYR A CE1 1 
ATOM   328 C  CE2 . TYR A 1 46  ? 8.695   -4.166  -2.020  1.00 8.45  ? 1152 TYR A CE2 1 
ATOM   329 C  CZ  . TYR A 1 46  ? 9.620   -5.190  -1.927  1.00 9.74  ? 1152 TYR A CZ  1 
ATOM   330 O  OH  . TYR A 1 46  ? 10.231  -5.743  -3.045  1.00 11.78 ? 1152 TYR A OH  1 
ATOM   331 N  N   . CYS A 1 47  ? 7.384   -4.004  4.757   1.00 6.57  ? 1153 CYS A N   1 
ATOM   332 C  CA  . CYS A 1 47  ? 7.033   -3.564  6.126   1.00 7.00  ? 1153 CYS A CA  1 
ATOM   333 C  C   . CYS A 1 47  ? 7.136   -2.049  6.285   1.00 6.90  ? 1153 CYS A C   1 
ATOM   334 O  O   . CYS A 1 47  ? 7.822   -1.332  5.554   1.00 7.17  ? 1153 CYS A O   1 
ATOM   335 C  CB  . CYS A 1 47  ? 7.874   -4.297  7.180   1.00 7.72  ? 1153 CYS A CB  1 
ATOM   336 S  SG  . CYS A 1 47  ? 9.641   -3.960  7.106   1.00 7.91  ? 1153 CYS A SG  1 
ATOM   337 N  N   . GLY A 1 48  ? 6.393   -1.597  7.281   1.00 6.66  ? 1154 GLY A N   1 
ATOM   338 C  CA  . GLY A 1 48  ? 6.287   -0.189  7.655   1.00 6.54  ? 1154 GLY A CA  1 
ATOM   339 C  C   . GLY A 1 48  ? 7.520   0.347   8.370   1.00 7.33  ? 1154 GLY A C   1 
ATOM   340 O  O   . GLY A 1 48  ? 8.380   -0.374  8.800   1.00 8.10  ? 1154 GLY A O   1 
ATOM   341 N  N   . ARG A 1 49  ? 7.592   1.666   8.457   1.00 7.39  ? 1155 ARG A N   1 
ATOM   342 C  CA  . ARG A 1 49  ? 8.720   2.415   9.028   1.00 7.66  ? 1155 ARG A CA  1 
ATOM   343 C  C   . ARG A 1 49  ? 9.017   2.038   10.476  1.00 8.31  ? 1155 ARG A C   1 
ATOM   344 O  O   . ARG A 1 49  ? 10.194  2.171   10.855  1.00 9.50  ? 1155 ARG A O   1 
ATOM   345 C  CB  . ARG A 1 49  ? 8.486   3.903   8.829   1.00 8.21  ? 1155 ARG A CB  1 
ATOM   346 C  CG  . ARG A 1 49  ? 7.368   4.471   9.682   1.00 8.59  ? 1155 ARG A CG  1 
ATOM   347 C  CD  . ARG A 1 49  ? 6.796   5.716   9.057   1.00 8.79  ? 1155 ARG A CD  1 
ATOM   348 N  NE  . ARG A 1 49  ? 5.742   6.345   9.785   1.00 9.36  ? 1155 ARG A NE  1 
ATOM   349 C  CZ  . ARG A 1 49  ? 5.838   7.273   10.712  1.00 10.72 ? 1155 ARG A CZ  1 
ATOM   350 N  NH1 . ARG A 1 49  ? 4.729   7.821   11.174  1.00 12.45 ? 1155 ARG A NH1 1 
ATOM   351 N  NH2 . ARG A 1 49  ? 7.021   7.693   11.120  1.00 12.47 ? 1155 ARG A NH2 1 
ATOM   352 N  N   . TYR A 1 50  ? 8.043   1.606   11.240  1.00 8.41  ? 1156 TYR A N   1 
ATOM   353 C  CA  . TYR A 1 50  ? 8.283   1.273   12.672  1.00 8.06  ? 1156 TYR A CA  1 
ATOM   354 C  C   . TYR A 1 50  ? 8.793   -0.146  12.794  1.00 8.12  ? 1156 TYR A C   1 
ATOM   355 O  O   . TYR A 1 50  ? 9.260   -0.501  13.893  1.00 8.91  ? 1156 TYR A O   1 
ATOM   356 C  CB  . TYR A 1 50  ? 7.014   1.496   13.485  1.00 8.01  ? 1156 TYR A CB  1 
ATOM   357 C  CG  . TYR A 1 50  ? 6.600   2.933   13.600  1.00 8.49  ? 1156 TYR A CG  1 
ATOM   358 C  CD1 . TYR A 1 50  ? 7.483   3.893   14.081  1.00 8.31  ? 1156 TYR A CD1 1 
ATOM   359 C  CD2 . TYR A 1 50  ? 5.331   3.345   13.230  1.00 7.81  ? 1156 TYR A CD2 1 
ATOM   360 C  CE1 . TYR A 1 50  ? 7.106   5.206   14.255  1.00 8.32  ? 1156 TYR A CE1 1 
ATOM   361 C  CE2 . TYR A 1 50  ? 4.931   4.650   13.415  1.00 8.30  ? 1156 TYR A CE2 1 
ATOM   362 C  CZ  . TYR A 1 50  ? 5.831   5.601   13.873  1.00 9.33  ? 1156 TYR A CZ  1 
ATOM   363 O  OH  . TYR A 1 50  ? 5.426   6.888   14.077  1.00 9.52  ? 1156 TYR A OH  1 
ATOM   364 N  N   . ILE A 1 51  ? 8.832   -0.921  11.718  1.00 7.53  ? 1157 ILE A N   1 
ATOM   365 C  CA  . ILE A 1 51  ? 9.441   -2.282  11.704  1.00 8.18  ? 1157 ILE A CA  1 
ATOM   366 C  C   . ILE A 1 51  ? 10.842  -2.116  11.112  1.00 8.10  ? 1157 ILE A C   1 
ATOM   367 O  O   . ILE A 1 51  ? 11.684  -1.488  11.787  1.00 10.40 ? 1157 ILE A O   1 
ATOM   368 C  CB  . ILE A 1 51  ? 8.524   -3.318  11.031  1.00 8.50  ? 1157 ILE A CB  1 
ATOM   369 C  CG1 . ILE A 1 51  ? 7.082   -3.150  11.498  1.00 9.46  ? 1157 ILE A CG1 1 
ATOM   370 C  CG2 . ILE A 1 51  ? 9.071   -4.712  11.293  1.00 9.10  ? 1157 ILE A CG2 1 
ATOM   371 C  CD1 . ILE A 1 51  ? 6.872   -3.376  13.002  1.00 10.86 ? 1157 ILE A CD1 1 
ATOM   372 N  N   . ASN A 1 52  ? 11.049  -2.461  9.849   1.00 8.72  ? 1158 ASN A N   1 
ATOM   373 C  CA  . ASN A 1 52  ? 12.387  -2.337  9.208   1.00 9.00  ? 1158 ASN A CA  1 
ATOM   374 C  C   . ASN A 1 52  ? 12.389  -1.380  8.017   1.00 8.68  ? 1158 ASN A C   1 
ATOM   375 O  O   . ASN A 1 52  ? 13.431  -1.240  7.405   1.00 9.77  ? 1158 ASN A O   1 
ATOM   376 C  CB  . ASN A 1 52  ? 12.935  -3.711  8.856   1.00 10.13 ? 1158 ASN A CB  1 
ATOM   377 C  CG  . ASN A 1 52  ? 13.098  -4.572  10.100  1.00 10.76 ? 1158 ASN A CG  1 
ATOM   378 O  OD1 . ASN A 1 52  ? 13.690  -4.105  11.076  1.00 12.86 ? 1158 ASN A OD1 1 
ATOM   379 N  ND2 . ASN A 1 52  ? 12.603  -5.792  10.054  1.00 12.88 ? 1158 ASN A ND2 1 
ATOM   380 N  N   . GLY A 1 53  ? 11.285  -0.700  7.758   1.00 8.15  ? 1159 GLY A N   1 
ATOM   381 C  CA  . GLY A 1 53  ? 11.306  0.385   6.762   1.00 8.14  ? 1159 GLY A CA  1 
ATOM   382 C  C   . GLY A 1 53  ? 11.427  -0.107  5.335   1.00 8.30  ? 1159 GLY A C   1 
ATOM   383 O  O   . GLY A 1 53  ? 11.915  0.646   4.506   1.00 7.96  ? 1159 GLY A O   1 
ATOM   384 N  N   . HIS A 1 54  ? 11.030  -1.326  5.028   1.00 7.25  ? 1160 HIS A N   1 
ATOM   385 C  CA  . HIS A 1 54  ? 11.256  -1.836  3.652   1.00 7.56  ? 1160 HIS A CA  1 
ATOM   386 C  C   . HIS A 1 54  ? 10.325  -1.166  2.656   1.00 6.99  ? 1160 HIS A C   1 
ATOM   387 O  O   . HIS A 1 54  ? 10.683  -1.090  1.520   1.00 8.52  ? 1160 HIS A O   1 
ATOM   388 C  CB  . HIS A 1 54  ? 11.270  -3.362  3.560   1.00 7.77  ? 1160 HIS A CB  1 
ATOM   389 C  CG  . HIS A 1 54  ? 12.442  -3.900  4.302   1.00 8.46  ? 1160 HIS A CG  1 
ATOM   390 N  ND1 . HIS A 1 54  ? 12.355  -4.889  5.289   1.00 9.22  ? 1160 HIS A ND1 1 
ATOM   391 C  CD2 . HIS A 1 54  ? 13.753  -3.562  4.194   1.00 9.99  ? 1160 HIS A CD2 1 
ATOM   392 C  CE1 . HIS A 1 54  ? 13.570  -5.090  5.776   1.00 9.40  ? 1160 HIS A CE1 1 
ATOM   393 N  NE2 . HIS A 1 54  ? 14.460  -4.322  5.094   1.00 11.03 ? 1160 HIS A NE2 1 
ATOM   394 N  N   . MET A 1 55  ? 9.123   -0.762  3.018   1.00 7.01  ? 1161 MET A N   1 
ATOM   395 C  CA  . MET A 1 55  ? 8.292   -0.087  2.007   1.00 6.33  ? 1161 MET A CA  1 
ATOM   396 C  C   . MET A 1 55  ? 8.865   1.304   1.732   1.00 6.70  ? 1161 MET A C   1 
ATOM   397 O  O   . MET A 1 55  ? 8.863   1.715   0.564   1.00 6.46  ? 1161 MET A O   1 
ATOM   398 C  CB  . MET A 1 55  ? 6.830   -0.001  2.428   1.00 6.16  ? 1161 MET A CB  1 
ATOM   399 C  CG  . MET A 1 55  ? 5.936   0.512   1.305   1.00 5.97  ? 1161 MET A CG  1 
ATOM   400 S  SD  . MET A 1 55  ? 5.981   -0.464  -0.223  1.00 6.48  ? 1161 MET A SD  1 
ATOM   401 C  CE  . MET A 1 55  ? 4.767   -1.697  0.236   1.00 6.68  ? 1161 MET A CE  1 
ATOM   402 N  N   . LEU A 1 56  ? 9.445   1.969   2.715   1.00 7.31  ? 1162 LEU A N   1 
ATOM   403 C  CA  . LEU A 1 56  ? 10.059  3.297   2.484   1.00 8.71  ? 1162 LEU A CA  1 
ATOM   404 C  C   . LEU A 1 56  ? 11.293  3.094   1.578   1.00 8.82  ? 1162 LEU A C   1 
ATOM   405 O  O   . LEU A 1 56  ? 11.528  3.907   0.675   1.00 10.16 ? 1162 LEU A O   1 
ATOM   406 C  CB  . LEU A 1 56  ? 10.380  3.919   3.842   1.00 10.22 ? 1162 LEU A CB  1 
ATOM   407 C  CG  . LEU A 1 56  ? 11.037  5.285   3.818   1.00 12.67 ? 1162 LEU A CG  1 
ATOM   408 C  CD1 . LEU A 1 56  ? 10.201  6.312   3.100   1.00 12.37 ? 1162 LEU A CD1 1 
ATOM   409 C  CD2 . LEU A 1 56  ? 11.329  5.755   5.237   1.00 13.83 ? 1162 LEU A CD2 1 
ATOM   410 N  N   . GLN A 1 57  ? 12.017  1.990   1.732   1.00 8.58  ? 1163 GLN A N   1 
ATOM   411 C  CA  . GLN A 1 57  ? 13.167  1.659   0.852   1.00 9.34  ? 1163 GLN A CA  1 
ATOM   412 C  C   . GLN A 1 57  ? 12.626  1.398   -0.557  1.00 9.55  ? 1163 GLN A C   1 
ATOM   413 O  O   . GLN A 1 57  ? 13.178  1.877   -1.511  1.00 9.86  ? 1163 GLN A O   1 
ATOM   414 C  CB  . GLN A 1 57  ? 13.887  0.444   1.439   1.00 12.24 ? 1163 GLN A CB  1 
ATOM   415 C  CG  . GLN A 1 57  ? 15.045  -0.013  0.584   1.00 15.44 ? 1163 GLN A CG  1 
ATOM   416 C  CD  . GLN A 1 57  ? 15.884  -0.987  1.378   1.00 21.81 ? 1163 GLN A CD  1 
ATOM   417 O  OE1 . GLN A 1 57  ? 15.376  -1.903  1.994   1.00 27.05 ? 1163 GLN A OE1 1 
ATOM   418 N  NE2 . GLN A 1 57  ? 17.189  -0.770  1.398   1.00 27.25 ? 1163 GLN A NE2 1 
ATOM   419 N  N   . HIS A 1 58  ? 11.513  0.676   -0.667  1.00 7.72  ? 1164 HIS A N   1 
ATOM   420 C  CA  . HIS A 1 58  ? 10.916  0.436   -2.011  1.00 7.57  ? 1164 HIS A CA  1 
ATOM   421 C  C   . HIS A 1 58  ? 10.547  1.771   -2.664  1.00 7.40  ? 1164 HIS A C   1 
ATOM   422 O  O   . HIS A 1 58  ? 10.763  1.942   -3.880  1.00 7.64  ? 1164 HIS A O   1 
ATOM   423 C  CB  . HIS A 1 58  ? 9.690   -0.470  -1.862  1.00 7.41  ? 1164 HIS A CB  1 
ATOM   424 C  CG  . HIS A 1 58  ? 8.960   -0.680  -3.155  1.00 6.91  ? 1164 HIS A CG  1 
ATOM   425 N  ND1 . HIS A 1 58  ? 9.533   -1.346  -4.222  1.00 8.28  ? 1164 HIS A ND1 1 
ATOM   426 C  CD2 . HIS A 1 58  ? 7.726   -0.331  -3.583  1.00 7.15  ? 1164 HIS A CD2 1 
ATOM   427 C  CE1 . HIS A 1 58  ? 8.646   -1.382  -5.220  1.00 7.50  ? 1164 HIS A CE1 1 
ATOM   428 N  NE2 . HIS A 1 58  ? 7.534   -0.754  -4.879  1.00 8.12  ? 1164 HIS A NE2 1 
ATOM   429 N  N   . HIS A 1 59  ? 9.892   2.656   -1.941  1.00 7.07  ? 1165 HIS A N   1 
ATOM   430 C  CA  . HIS A 1 59  ? 9.567   3.991   -2.488  1.00 6.76  ? 1165 HIS A CA  1 
ATOM   431 C  C   . HIS A 1 59  ? 10.840  4.672   -3.031  1.00 7.64  ? 1165 HIS A C   1 
ATOM   432 O  O   . HIS A 1 59  ? 10.805  5.206   -4.176  1.00 8.36  ? 1165 HIS A O   1 
ATOM   433 C  CB  . HIS A 1 59  ? 8.921   4.890   -1.434  1.00 7.13  ? 1165 HIS A CB  1 
ATOM   434 C  CG  . HIS A 1 59  ? 8.863   6.302   -1.852  1.00 7.75  ? 1165 HIS A CG  1 
ATOM   435 N  ND1 . HIS A 1 59  ? 8.022   6.704   -2.876  1.00 7.30  ? 1165 HIS A ND1 1 
ATOM   436 C  CD2 . HIS A 1 59  ? 9.600   7.369   -1.488  1.00 7.77  ? 1165 HIS A CD2 1 
ATOM   437 C  CE1 . HIS A 1 59  ? 8.211   8.009   -3.054  1.00 8.90  ? 1165 HIS A CE1 1 
ATOM   438 N  NE2 . HIS A 1 59  ? 9.198   8.432   -2.254  1.00 9.30  ? 1165 HIS A NE2 1 
ATOM   439 N  N   . GLY A 1 60  ? 11.911  4.608   -2.253  1.00 8.81  ? 1166 GLY A N   1 
ATOM   440 C  CA  . GLY A 1 60  ? 13.134  5.294   -2.683  1.00 8.30  ? 1166 GLY A CA  1 
ATOM   441 C  C   . GLY A 1 60  ? 13.685  4.653   -3.933  1.00 9.00  ? 1166 GLY A C   1 
ATOM   442 O  O   . GLY A 1 60  ? 14.216  5.390   -4.769  1.00 8.15  ? 1166 GLY A O   1 
ATOM   443 N  N   . ASN A 1 61  ? 13.623  3.337   -4.057  1.00 9.54  ? 1167 ASN A N   1 
ATOM   444 C  CA  . ASN A 1 61  ? 14.315  2.741   -5.213  1.00 10.84 ? 1167 ASN A CA  1 
ATOM   445 C  C   . ASN A 1 61  ? 13.407  2.573   -6.432  1.00 9.65  ? 1167 ASN A C   1 
ATOM   446 O  O   . ASN A 1 61  ? 13.958  2.277   -7.534  1.00 9.69  ? 1167 ASN A O   1 
ATOM   447 C  CB  . ASN A 1 61  ? 15.085  1.495   -4.858  1.00 15.09 ? 1167 ASN A CB  1 
ATOM   448 C  CG  . ASN A 1 61  ? 14.226  0.391   -4.355  1.00 15.53 ? 1167 ASN A CG  1 
ATOM   449 O  OD1 . ASN A 1 61  ? 13.187  0.143   -4.970  1.00 21.70 ? 1167 ASN A OD1 1 
ATOM   450 N  ND2 . ASN A 1 61  ? 14.736  -0.373  -3.359  1.00 15.85 ? 1167 ASN A ND2 1 
ATOM   451 N  N   . SER A 1 62  ? 12.085  2.805   -6.319  1.00 8.84  ? 1168 SER A N   1 
ATOM   452 C  CA  . SER A 1 62  ? 11.126  2.643   -7.434  1.00 7.82  ? 1168 SER A CA  1 
ATOM   453 C  C   . SER A 1 62  ? 10.503  3.982   -7.820  1.00 7.54  ? 1168 SER A C   1 
ATOM   454 O  O   . SER A 1 62  ? 10.044  4.129   -8.980  1.00 9.01  ? 1168 SER A O   1 
ATOM   455 C  CB  . SER A 1 62  ? 10.049  1.646   -7.087  1.00 7.74  ? 1168 SER A CB  1 
ATOM   456 O  OG  . SER A 1 62  ? 9.180   2.163   -6.099  1.00 7.74  ? 1168 SER A OG  1 
ATOM   457 N  N   . GLY A 1 63  ? 10.363  4.867   -6.838  1.00 7.66  ? 1169 GLY A N   1 
ATOM   458 C  CA  . GLY A 1 63  ? 9.535   6.079   -6.913  1.00 7.93  ? 1169 GLY A CA  1 
ATOM   459 C  C   . GLY A 1 63  ? 8.040   5.858   -6.823  1.00 7.75  ? 1169 GLY A C   1 
ATOM   460 O  O   . GLY A 1 63  ? 7.276   6.832   -7.033  1.00 8.67  ? 1169 GLY A O   1 
ATOM   461 N  N   . HIS A 1 64  ? 7.574   4.667   -6.513  1.00 6.75  ? 1170 HIS A N   1 
ATOM   462 C  CA  . HIS A 1 64  ? 6.127   4.385   -6.446  1.00 6.18  ? 1170 HIS A CA  1 
ATOM   463 C  C   . HIS A 1 64  ? 5.530   5.158   -5.283  1.00 5.99  ? 1170 HIS A C   1 
ATOM   464 O  O   . HIS A 1 64  ? 6.094   5.219   -4.181  1.00 6.86  ? 1170 HIS A O   1 
ATOM   465 C  CB  . HIS A 1 64  ? 5.861   2.898   -6.337  1.00 6.20  ? 1170 HIS A CB  1 
ATOM   466 C  CG  . HIS A 1 64  ? 6.242   2.134   -7.548  1.00 6.41  ? 1170 HIS A CG  1 
ATOM   467 N  ND1 . HIS A 1 64  ? 6.329   0.739   -7.579  1.00 6.23  ? 1170 HIS A ND1 1 
ATOM   468 C  CD2 . HIS A 1 64  ? 6.603   2.553   -8.777  1.00 6.54  ? 1170 HIS A CD2 1 
ATOM   469 C  CE1 . HIS A 1 64  ? 6.687   0.353   -8.791  1.00 6.70  ? 1170 HIS A CE1 1 
ATOM   470 N  NE2 . HIS A 1 64  ? 6.885   1.441   -9.527  1.00 7.02  ? 1170 HIS A NE2 1 
ATOM   471 N  N   . PRO A 1 65  ? 4.434   5.886   -5.568  1.00 6.15  ? 1171 PRO A N   1 
ATOM   472 C  CA  . PRO A 1 65  ? 3.953   6.875   -4.606  1.00 5.80  ? 1171 PRO A CA  1 
ATOM   473 C  C   . PRO A 1 65  ? 3.053   6.412   -3.450  1.00 5.62  ? 1171 PRO A C   1 
ATOM   474 O  O   . PRO A 1 65  ? 3.165   6.940   -2.344  1.00 5.35  ? 1171 PRO A O   1 
ATOM   475 C  CB  . PRO A 1 65  ? 3.123   7.784   -5.536  1.00 6.47  ? 1171 PRO A CB  1 
ATOM   476 C  CG  . PRO A 1 65  ? 2.670   6.930   -6.688  1.00 6.67  ? 1171 PRO A CG  1 
ATOM   477 C  CD  . PRO A 1 65  ? 3.797   5.943   -6.897  1.00 6.55  ? 1171 PRO A CD  1 
ATOM   478 N  N   . LEU A 1 66  ? 2.121   5.504   -3.755  1.00 5.88  ? 1172 LEU A N   1 
ATOM   479 C  CA  . LEU A 1 66  ? 0.970   5.235   -2.875  1.00 5.96  ? 1172 LEU A CA  1 
ATOM   480 C  C   . LEU A 1 66  ? 0.973   3.807   -2.366  1.00 5.84  ? 1172 LEU A C   1 
ATOM   481 O  O   . LEU A 1 66  ? 1.201   2.876   -3.163  1.00 6.24  ? 1172 LEU A O   1 
ATOM   482 C  CB  . LEU A 1 66  ? -0.339  5.497   -3.646  1.00 6.47  ? 1172 LEU A CB  1 
ATOM   483 C  CG  . LEU A 1 66  ? -0.731  6.956   -3.663  1.00 7.12  ? 1172 LEU A CG  1 
ATOM   484 C  CD1 . LEU A 1 66  ? -1.505  7.308   -4.944  1.00 7.56  ? 1172 LEU A CD1 1 
ATOM   485 C  CD2 . LEU A 1 66  ? -1.553  7.267   -2.395  1.00 7.10  ? 1172 LEU A CD2 1 
ATOM   486 N  N   . VAL A 1 67  ? 0.816   3.674   -1.053  1.00 5.70  ? 1173 VAL A N   1 
ATOM   487 C  CA  . VAL A 1 67  ? 0.870   2.359   -0.358  1.00 5.86  ? 1173 VAL A CA  1 
ATOM   488 C  C   . VAL A 1 67  ? -0.339  2.250   0.559   1.00 6.00  ? 1173 VAL A C   1 
ATOM   489 O  O   . VAL A 1 67  ? -0.758  3.250   1.113   1.00 6.57  ? 1173 VAL A O   1 
ATOM   490 C  CB  . VAL A 1 67  ? 2.223   2.169   0.365   1.00 5.98  ? 1173 VAL A CB  1 
ATOM   491 C  CG1 . VAL A 1 67  ? 3.359   2.105   -0.649  1.00 5.76  ? 1173 VAL A CG1 1 
ATOM   492 C  CG2 . VAL A 1 67  ? 2.460   3.228   1.417   1.00 6.12  ? 1173 VAL A CG2 1 
ATOM   493 N  N   . LEU A 1 68  ? -0.867  1.044   0.662   1.00 5.91  ? 1174 LEU A N   1 
ATOM   494 C  CA  . LEU A 1 68  ? -2.067  0.736   1.469   1.00 6.62  ? 1174 LEU A CA  1 
ATOM   495 C  C   . LEU A 1 68  ? -1.675  -0.109  2.675   1.00 6.16  ? 1174 LEU A C   1 
ATOM   496 O  O   . LEU A 1 68  ? -0.943  -1.142  2.546   1.00 5.94  ? 1174 LEU A O   1 
ATOM   497 C  CB  . LEU A 1 68  ? -3.038  -0.015  0.572   1.00 7.42  ? 1174 LEU A CB  1 
ATOM   498 C  CG  . LEU A 1 68  ? -4.305  -0.525  1.230   1.00 8.55  ? 1174 LEU A CG  1 
ATOM   499 C  CD1 . LEU A 1 68  ? -5.218  0.608   1.620   1.00 9.99  ? 1174 LEU A CD1 1 
ATOM   500 C  CD2 . LEU A 1 68  ? -5.025  -1.508  0.317   1.00 9.71  ? 1174 LEU A CD2 1 
ATOM   501 N  N   . SER A 1 69  ? -2.213  0.242   3.829   1.00 5.64  ? 1175 SER A N   1 
ATOM   502 C  CA  . SER A 1 69  ? -1.886  -0.472  5.099   1.00 6.17  ? 1175 SER A CA  1 
ATOM   503 C  C   . SER A 1 69  ? -2.697  -1.753  5.229   1.00 7.11  ? 1175 SER A C   1 
ATOM   504 O  O   . SER A 1 69  ? -3.961  -1.675  5.229   1.00 6.96  ? 1175 SER A O   1 
ATOM   505 C  CB  . SER A 1 69  ? -2.129  0.390   6.292   1.00 6.04  ? 1175 SER A CB  1 
ATOM   506 O  OG  . SER A 1 69  ? -2.029  -0.402  7.476   1.00 6.17  ? 1175 SER A OG  1 
ATOM   507 N  N   . TYR A 1 70  ? -2.033  -2.896  5.501   1.00 7.23  ? 1176 TYR A N   1 
ATOM   508 C  CA  . TYR A 1 70  ? -2.785  -4.131  5.836   1.00 6.93  ? 1176 TYR A CA  1 
ATOM   509 C  C   . TYR A 1 70  ? -3.213  -4.180  7.299   1.00 8.16  ? 1176 TYR A C   1 
ATOM   510 O  O   . TYR A 1 70  ? -3.886  -5.140  7.701   1.00 10.02 ? 1176 TYR A O   1 
ATOM   511 C  CB  . TYR A 1 70  ? -1.978  -5.335  5.424   1.00 7.28  ? 1176 TYR A CB  1 
ATOM   512 C  CG  . TYR A 1 70  ? -1.949  -5.640  3.948   1.00 6.97  ? 1176 TYR A CG  1 
ATOM   513 C  CD1 . TYR A 1 70  ? -2.940  -5.187  3.085   1.00 7.37  ? 1176 TYR A CD1 1 
ATOM   514 C  CD2 . TYR A 1 70  ? -0.939  -6.426  3.423   1.00 7.09  ? 1176 TYR A CD2 1 
ATOM   515 C  CE1 . TYR A 1 70  ? -2.928  -5.568  1.759   1.00 7.19  ? 1176 TYR A CE1 1 
ATOM   516 C  CE2 . TYR A 1 70  ? -0.935  -6.824  2.093   1.00 7.99  ? 1176 TYR A CE2 1 
ATOM   517 C  CZ  . TYR A 1 70  ? -1.966  -6.430  1.283   1.00 7.33  ? 1176 TYR A CZ  1 
ATOM   518 O  OH  . TYR A 1 70  ? -2.015  -6.809  -0.039  1.00 9.46  ? 1176 TYR A OH  1 
ATOM   519 N  N   . ILE A 1 71  ? -3.002  -3.098  8.048   1.00 7.63  ? 1177 ILE A N   1 
ATOM   520 C  CA  . ILE A 1 71  ? -3.565  -2.940  9.421   1.00 8.87  ? 1177 ILE A CA  1 
ATOM   521 C  C   . ILE A 1 71  ? -4.890  -2.200  9.326   1.00 9.01  ? 1177 ILE A C   1 
ATOM   522 O  O   . ILE A 1 71  ? -5.889  -2.755  9.789   1.00 9.52  ? 1177 ILE A O   1 
ATOM   523 C  CB  . ILE A 1 71  ? -2.555  -2.250  10.355  1.00 10.17 ? 1177 ILE A CB  1 
ATOM   524 C  CG1 . ILE A 1 71  ? -1.323  -3.140  10.553  1.00 13.28 ? 1177 ILE A CG1 1 
ATOM   525 C  CG2 . ILE A 1 71  ? -3.188  -1.876  11.699  1.00 9.80  ? 1177 ILE A CG2 1 
ATOM   526 C  CD1 . ILE A 1 71  ? -0.350  -2.599  11.556  1.00 14.88 ? 1177 ILE A CD1 1 
ATOM   527 N  N   . ASP A 1 72  ? -4.907  -0.981  8.780   1.00 8.00  ? 1178 ASP A N   1 
ATOM   528 C  CA  . ASP A 1 72  ? -6.094  -0.106  8.957   1.00 8.58  ? 1178 ASP A CA  1 
ATOM   529 C  C   . ASP A 1 72  ? -6.664  0.355   7.610   1.00 8.59  ? 1178 ASP A C   1 
ATOM   530 O  O   . ASP A 1 72  ? -7.627  1.094   7.613   1.00 10.23 ? 1178 ASP A O   1 
ATOM   531 C  CB  . ASP A 1 72  ? -5.832  1.102   9.864   1.00 9.16  ? 1178 ASP A CB  1 
ATOM   532 C  CG  . ASP A 1 72  ? -4.883  2.134   9.294   1.00 10.04 ? 1178 ASP A CG  1 
ATOM   533 O  OD1 . ASP A 1 72  ? -4.369  1.938   8.164   1.00 8.27  ? 1178 ASP A OD1 1 
ATOM   534 O  OD2 . ASP A 1 72  ? -4.699  3.178   9.963   1.00 13.38 ? 1178 ASP A OD2 1 
ATOM   535 N  N   . LEU A 1 73  ? -6.113  -0.105  6.494   1.00 8.31  ? 1179 LEU A N   1 
ATOM   536 C  CA  . LEU A 1 73  ? -6.613  0.148   5.115   1.00 8.33  ? 1179 LEU A CA  1 
ATOM   537 C  C   . LEU A 1 73  ? -6.497  1.633   4.792   1.00 8.62  ? 1179 LEU A C   1 
ATOM   538 O  O   . LEU A 1 73  ? -7.189  2.080   3.869   1.00 8.80  ? 1179 LEU A O   1 
ATOM   539 C  CB  . LEU A 1 73  ? -8.055  -0.357  4.939   1.00 9.08  ? 1179 LEU A CB  1 
ATOM   540 C  CG  . LEU A 1 73  ? -8.309  -1.806  5.360   1.00 10.68 ? 1179 LEU A CG  1 
ATOM   541 C  CD1 . LEU A 1 73  ? -9.716  -2.290  4.993   1.00 11.61 ? 1179 LEU A CD1 1 
ATOM   542 C  CD2 . LEU A 1 73  ? -7.315  -2.790  4.774   1.00 11.88 ? 1179 LEU A CD2 1 
ATOM   543 N  N   . SER A 1 74  ? -5.644  2.375   5.495   1.00 8.09  ? 1180 SER A N   1 
ATOM   544 C  CA  . SER A 1 74  ? -5.282  3.746   5.088   1.00 7.85  ? 1180 SER A CA  1 
ATOM   545 C  C   . SER A 1 74  ? -4.316  3.691   3.904   1.00 6.94  ? 1180 SER A C   1 
ATOM   546 O  O   . SER A 1 74  ? -3.525  2.721   3.748   1.00 7.45  ? 1180 SER A O   1 
ATOM   547 C  CB  . SER A 1 74  ? -4.729  4.567   6.199   1.00 8.40  ? 1180 SER A CB  1 
ATOM   548 O  OG  . SER A 1 74  ? -3.452  4.092   6.645   1.00 9.33  ? 1180 SER A OG  1 
ATOM   549 N  N   . ALA A 1 75  ? -4.376  4.707   3.079   1.00 6.36  ? 1181 ALA A N   1 
ATOM   550 C  CA  . ALA A 1 75  ? -3.468  4.873   1.924   1.00 6.27  ? 1181 ALA A CA  1 
ATOM   551 C  C   . ALA A 1 75  ? -2.621  6.100   2.160   1.00 6.31  ? 1181 ALA A C   1 
ATOM   552 O  O   . ALA A 1 75  ? -3.176  7.183   2.370   1.00 6.68  ? 1181 ALA A O   1 
ATOM   553 C  CB  . ALA A 1 75  ? -4.244  4.967   0.633   1.00 6.49  ? 1181 ALA A CB  1 
ATOM   554 N  N   . TRP A 1 76  ? -1.289  5.923   2.115   1.00 5.64  ? 1182 TRP A N   1 
ATOM   555 C  CA  . TRP A 1 76  ? -0.265  6.988   2.286   1.00 6.12  ? 1182 TRP A CA  1 
ATOM   556 C  C   . TRP A 1 76  ? 0.400   7.286   0.955   1.00 5.62  ? 1182 TRP A C   1 
ATOM   557 O  O   . TRP A 1 76  ? 0.822   6.332   0.260   1.00 6.00  ? 1182 TRP A O   1 
ATOM   558 C  CB  . TRP A 1 76  ? 0.793   6.545   3.331   1.00 6.39  ? 1182 TRP A CB  1 
ATOM   559 C  CG  . TRP A 1 76  ? 1.887   7.520   3.634   1.00 7.12  ? 1182 TRP A CG  1 
ATOM   560 C  CD1 . TRP A 1 76  ? 3.165   7.534   3.162   1.00 7.44  ? 1182 TRP A CD1 1 
ATOM   561 C  CD2 . TRP A 1 76  ? 1.765   8.683   4.478   1.00 7.46  ? 1182 TRP A CD2 1 
ATOM   562 N  NE1 . TRP A 1 76  ? 3.845   8.609   3.659   1.00 8.37  ? 1182 TRP A NE1 1 
ATOM   563 C  CE2 . TRP A 1 76  ? 3.025   9.325   4.476   1.00 7.57  ? 1182 TRP A CE2 1 
ATOM   564 C  CE3 . TRP A 1 76  ? 0.728   9.198   5.280   1.00 7.67  ? 1182 TRP A CE3 1 
ATOM   565 C  CZ2 . TRP A 1 76  ? 3.257   10.466  5.238   1.00 7.38  ? 1182 TRP A CZ2 1 
ATOM   566 C  CZ3 . TRP A 1 76  ? 0.964   10.363  5.978   1.00 8.11  ? 1182 TRP A CZ3 1 
ATOM   567 C  CH2 . TRP A 1 76  ? 2.216   10.932  5.994   1.00 8.00  ? 1182 TRP A CH2 1 
ATOM   568 N  N   . CYS A 1 77  ? 0.551   8.562   0.663   1.00 5.57  ? 1183 CYS A N   1 
ATOM   569 C  CA  . CYS A 1 77  ? 1.340   9.080   -0.478  1.00 5.80  ? 1183 CYS A CA  1 
ATOM   570 C  C   . CYS A 1 77  ? 2.667   9.549   0.107   1.00 6.10  ? 1183 CYS A C   1 
ATOM   571 O  O   . CYS A 1 77  ? 2.672   10.532  0.846   1.00 5.64  ? 1183 CYS A O   1 
ATOM   572 C  CB  . CYS A 1 77  ? 0.642   10.181  -1.255  1.00 6.40  ? 1183 CYS A CB  1 
ATOM   573 S  SG  . CYS A 1 77  ? 1.668   10.643  -2.679  1.00 6.21  ? 1183 CYS A SG  1 
ATOM   574 N  N   . TYR A 1 78  ? 3.761   8.943   -0.316  1.00 5.46  ? 1184 TYR A N   1 
ATOM   575 C  CA  . TYR A 1 78  ? 5.071   9.347   0.216   1.00 6.63  ? 1184 TYR A CA  1 
ATOM   576 C  C   . TYR A 1 78  ? 5.419   10.753  -0.295  1.00 6.94  ? 1184 TYR A C   1 
ATOM   577 O  O   . TYR A 1 78  ? 6.146   11.475  0.430   1.00 8.51  ? 1184 TYR A O   1 
ATOM   578 C  CB  . TYR A 1 78  ? 6.149   8.379   -0.246  1.00 5.75  ? 1184 TYR A CB  1 
ATOM   579 C  CG  . TYR A 1 78  ? 6.146   7.055   0.463   1.00 5.71  ? 1184 TYR A CG  1 
ATOM   580 C  CD1 . TYR A 1 78  ? 6.586   6.976   1.779   1.00 6.72  ? 1184 TYR A CD1 1 
ATOM   581 C  CD2 . TYR A 1 78  ? 5.769   5.897   -0.174  1.00 5.78  ? 1184 TYR A CD2 1 
ATOM   582 C  CE1 . TYR A 1 78  ? 6.623   5.751   2.436   1.00 6.62  ? 1184 TYR A CE1 1 
ATOM   583 C  CE2 . TYR A 1 78  ? 5.805   4.678   0.465   1.00 6.22  ? 1184 TYR A CE2 1 
ATOM   584 C  CZ  . TYR A 1 78  ? 6.233   4.615   1.776   1.00 6.60  ? 1184 TYR A CZ  1 
ATOM   585 O  OH  . TYR A 1 78  ? 6.282   3.367   2.340   1.00 7.28  ? 1184 TYR A OH  1 
ATOM   586 N  N   . TYR A 1 79  ? 5.020   11.114  -1.516  1.00 7.17  ? 1185 TYR A N   1 
ATOM   587 C  CA  . TYR A 1 79  ? 5.357   12.439  -2.068  1.00 7.39  ? 1185 TYR A CA  1 
ATOM   588 C  C   . TYR A 1 79  ? 4.566   13.555  -1.409  1.00 7.46  ? 1185 TYR A C   1 
ATOM   589 O  O   . TYR A 1 79  ? 5.120   14.610  -1.003  1.00 7.95  ? 1185 TYR A O   1 
ATOM   590 C  CB  . TYR A 1 79  ? 5.060   12.425  -3.550  1.00 7.88  ? 1185 TYR A CB  1 
ATOM   591 C  CG  . TYR A 1 79  ? 5.980   11.596  -4.401  1.00 8.95  ? 1185 TYR A CG  1 
ATOM   592 C  CD1 . TYR A 1 79  ? 7.222   12.054  -4.814  1.00 10.37 ? 1185 TYR A CD1 1 
ATOM   593 C  CD2 . TYR A 1 79  ? 5.534   10.379  -4.885  1.00 8.85  ? 1185 TYR A CD2 1 
ATOM   594 C  CE1 . TYR A 1 79  ? 7.989   11.270  -5.672  1.00 10.45 ? 1185 TYR A CE1 1 
ATOM   595 C  CE2 . TYR A 1 79  ? 6.296   9.588   -5.717  1.00 9.30  ? 1185 TYR A CE2 1 
ATOM   596 C  CZ  . TYR A 1 79  ? 7.523   10.048  -6.121  1.00 10.43 ? 1185 TYR A CZ  1 
ATOM   597 O  OH  . TYR A 1 79  ? 8.219   9.299   -7.014  1.00 10.70 ? 1185 TYR A OH  1 
ATOM   598 N  N   . CYS A 1 80  ? 3.240   13.364  -1.343  1.00 6.84  ? 1186 CYS A N   1 
ATOM   599 C  CA  . CYS A 1 80  ? 2.372   14.417  -0.729  1.00 7.63  ? 1186 CYS A CA  1 
ATOM   600 C  C   . CYS A 1 80  ? 2.485   14.345  0.810   1.00 7.75  ? 1186 CYS A C   1 
ATOM   601 O  O   . CYS A 1 80  ? 2.026   15.285  1.481   1.00 8.52  ? 1186 CYS A O   1 
ATOM   602 C  CB  . CYS A 1 80  ? 0.928   14.226  -1.173  1.00 7.23  ? 1186 CYS A CB  1 
ATOM   603 S  SG  . CYS A 1 80  ? 0.636   14.365  -2.924  1.00 7.44  ? 1186 CYS A SG  1 
ATOM   604 N  N   . GLN A 1 81  ? 3.075   13.299  1.391   1.00 8.56  ? 1187 GLN A N   1 
ATOM   605 C  CA  . GLN A 1 81  ? 3.279   13.175  2.863   1.00 9.52  ? 1187 GLN A CA  1 
ATOM   606 C  C   . GLN A 1 81  ? 1.935   13.291  3.583   1.00 9.08  ? 1187 GLN A C   1 
ATOM   607 O  O   . GLN A 1 81  ? 1.756   14.072  4.555   1.00 10.66 ? 1187 GLN A O   1 
ATOM   608 C  CB  . GLN A 1 81  ? 4.316   14.182  3.363   1.00 10.13 ? 1187 GLN A CB  1 
ATOM   609 C  CG  . GLN A 1 81  ? 5.603   14.152  2.575   1.00 11.99 ? 1187 GLN A CG  1 
ATOM   610 C  CD  . GLN A 1 81  ? 6.529   15.172  3.183   1.00 15.55 ? 1187 GLN A CD  1 
ATOM   611 O  OE1 . GLN A 1 81  ? 7.201   14.897  4.164   1.00 19.68 ? 1187 GLN A OE1 1 
ATOM   612 N  NE2 . GLN A 1 81  ? 6.501   16.380  2.651   1.00 16.93 ? 1187 GLN A NE2 1 
ATOM   613 N  N   . ALA A 1 82  ? 0.970   12.544  3.079   1.00 8.32  ? 1188 ALA A N   1 
ATOM   614 C  CA  . ALA A 1 82  ? -0.425  12.605  3.543   1.00 7.91  ? 1188 ALA A CA  1 
ATOM   615 C  C   . ALA A 1 82  ? -1.160  11.314  3.211   1.00 7.76  ? 1188 ALA A C   1 
ATOM   616 O  O   . ALA A 1 82  ? -0.791  10.622  2.245   1.00 7.84  ? 1188 ALA A O   1 
ATOM   617 C  CB  . ALA A 1 82  ? -1.097  13.806  2.915   1.00 7.84  ? 1188 ALA A CB  1 
ATOM   618 N  N   . TYR A 1 83  ? -2.254  11.081  3.937   1.00 7.75  ? 1189 TYR A N   1 
ATOM   619 C  CA  . TYR A 1 83  ? -3.248  10.041  3.631   1.00 7.11  ? 1189 TYR A CA  1 
ATOM   620 C  C   . TYR A 1 83  ? -4.123  10.581  2.508   1.00 7.24  ? 1189 TYR A C   1 
ATOM   621 O  O   . TYR A 1 83  ? -4.385  11.794  2.431   1.00 6.58  ? 1189 TYR A O   1 
ATOM   622 C  CB  . TYR A 1 83  ? -4.081  9.634   4.844   1.00 7.95  ? 1189 TYR A CB  1 
ATOM   623 C  CG  . TYR A 1 83  ? -3.255  9.094   5.977   1.00 8.77  ? 1189 TYR A CG  1 
ATOM   624 C  CD1 . TYR A 1 83  ? -2.823  7.786   5.953   1.00 8.89  ? 1189 TYR A CD1 1 
ATOM   625 C  CD2 . TYR A 1 83  ? -2.984  9.882   7.087   1.00 9.94  ? 1189 TYR A CD2 1 
ATOM   626 C  CE1 . TYR A 1 83  ? -2.070  7.276   6.996   1.00 9.60  ? 1189 TYR A CE1 1 
ATOM   627 C  CE2 . TYR A 1 83  ? -2.233  9.389   8.133   1.00 10.14 ? 1189 TYR A CE2 1 
ATOM   628 C  CZ  . TYR A 1 83  ? -1.760  8.095   8.066   1.00 10.89 ? 1189 TYR A CZ  1 
ATOM   629 O  OH  . TYR A 1 83  ? -1.039  7.577   9.108   1.00 12.27 ? 1189 TYR A OH  1 
ATOM   630 N  N   . VAL A 1 84  ? -4.542  9.679   1.642   1.00 6.68  ? 1190 VAL A N   1 
ATOM   631 C  CA  . VAL A 1 84  ? -5.398  10.016  0.474   1.00 6.59  ? 1190 VAL A CA  1 
ATOM   632 C  C   . VAL A 1 84  ? -6.556  9.035   0.430   1.00 6.77  ? 1190 VAL A C   1 
ATOM   633 O  O   . VAL A 1 84  ? -6.395  7.810   0.736   1.00 6.97  ? 1190 VAL A O   1 
ATOM   634 C  CB  . VAL A 1 84  ? -4.607  9.991   -0.844  1.00 7.07  ? 1190 VAL A CB  1 
ATOM   635 C  CG1 . VAL A 1 84  ? -5.493  10.414  -2.021  1.00 7.98  ? 1190 VAL A CG1 1 
ATOM   636 C  CG2 . VAL A 1 84  ? -3.315  10.809  -0.747  1.00 8.10  ? 1190 VAL A CG2 1 
ATOM   637 N  N   . HIS A 1 85  ? -7.751  9.516   0.167   1.00 6.60  ? 1191 HIS A N   1 
ATOM   638 C  CA  . HIS A 1 85  ? -8.919  8.632   -0.068  1.00 7.12  ? 1191 HIS A CA  1 
ATOM   639 C  C   . HIS A 1 85  ? -9.699  9.152   -1.243  1.00 7.26  ? 1191 HIS A C   1 
ATOM   640 O  O   . HIS A 1 85  ? -9.981  10.382  -1.262  1.00 8.57  ? 1191 HIS A O   1 
ATOM   641 C  CB  . HIS A 1 85  ? -9.764  8.484   1.170   1.00 7.73  ? 1191 HIS A CB  1 
ATOM   642 C  CG  . HIS A 1 85  ? -10.827 7.479   0.943   1.00 8.12  ? 1191 HIS A CG  1 
ATOM   643 N  ND1 . HIS A 1 85  ? -10.581 6.139   0.854   1.00 9.67  ? 1191 HIS A ND1 1 
ATOM   644 C  CD2 . HIS A 1 85  ? -12.140 7.647   0.719   1.00 8.77  ? 1191 HIS A CD2 1 
ATOM   645 C  CE1 . HIS A 1 85  ? -11.732 5.517   0.645   1.00 10.20 ? 1191 HIS A CE1 1 
ATOM   646 N  NE2 . HIS A 1 85  ? -12.684 6.451   0.519   1.00 10.43 ? 1191 HIS A NE2 1 
ATOM   647 N  N   . HIS A 1 86  ? -9.982  8.296   -2.211  1.00 7.25  ? 1192 HIS A N   1 
ATOM   648 C  CA  . HIS A 1 86  ? -10.621 8.731   -3.484  1.00 8.44  ? 1192 HIS A CA  1 
ATOM   649 C  C   . HIS A 1 86  ? -11.272 7.519   -4.131  1.00 9.33  ? 1192 HIS A C   1 
ATOM   650 O  O   . HIS A 1 86  ? -10.918 6.398   -3.750  1.00 9.49  ? 1192 HIS A O   1 
ATOM   651 C  CB  . HIS A 1 86  ? -9.533  9.337   -4.387  1.00 8.06  ? 1192 HIS A CB  1 
ATOM   652 C  CG  . HIS A 1 86  ? -9.912  9.823   -5.748  1.00 9.35  ? 1192 HIS A CG  1 
ATOM   653 N  ND1 . HIS A 1 86  ? -10.050 8.957   -6.832  1.00 9.69  ? 1192 HIS A ND1 1 
ATOM   654 C  CD2 . HIS A 1 86  ? -10.209 11.073  -6.197  1.00 9.28  ? 1192 HIS A CD2 1 
ATOM   655 C  CE1 . HIS A 1 86  ? -10.363 9.656   -7.920  1.00 10.54 ? 1192 HIS A CE1 1 
ATOM   656 N  NE2 . HIS A 1 86  ? -10.466 10.965  -7.555  1.00 10.05 ? 1192 HIS A NE2 1 
ATOM   657 N  N   . GLN A 1 87  ? -12.206 7.727   -5.064  1.00 12.17 ? 1193 GLN A N   1 
ATOM   658 C  CA  . GLN A 1 87  ? -12.869 6.615   -5.793  1.00 12.93 ? 1193 GLN A CA  1 
ATOM   659 C  C   . GLN A 1 87  ? -11.818 5.642   -6.344  1.00 12.33 ? 1193 GLN A C   1 
ATOM   660 O  O   . GLN A 1 87  ? -12.054 4.415   -6.352  1.00 13.09 ? 1193 GLN A O   1 
ATOM   661 C  CB  . GLN A 1 87  ? -13.766 7.209   -6.900  1.00 15.15 ? 1193 GLN A CB  1 
ATOM   662 C  CG  . GLN A 1 87  ? -14.499 6.215   -7.818  1.00 14.98 ? 1193 GLN A CG  1 
ATOM   663 N  N   . ALA A 1 88  ? -10.682 6.126   -6.841  1.00 10.46 ? 1194 ALA A N   1 
ATOM   664 C  CA  . ALA A 1 88  ? -9.643  5.280   -7.474  1.00 11.08 ? 1194 ALA A CA  1 
ATOM   665 C  C   . ALA A 1 88  ? -9.059  4.283   -6.479  1.00 10.61 ? 1194 ALA A C   1 
ATOM   666 O  O   . ALA A 1 88  ? -8.425  3.343   -6.942  1.00 11.68 ? 1194 ALA A O   1 
ATOM   667 C  CB  . ALA A 1 88  ? -8.581  6.144   -8.063  1.00 12.52 ? 1194 ALA A CB  1 
ATOM   668 N  N   . LEU A 1 89  ? -9.263  4.487   -5.173  1.00 10.07 ? 1195 LEU A N   1 
ATOM   669 C  CA  . LEU A 1 89  ? -8.753  3.537   -4.154  1.00 9.24  ? 1195 LEU A CA  1 
ATOM   670 C  C   . LEU A 1 89  ? -9.853  2.628   -3.603  1.00 9.81  ? 1195 LEU A C   1 
ATOM   671 O  O   . LEU A 1 89  ? -9.529  1.774   -2.759  1.00 8.52  ? 1195 LEU A O   1 
ATOM   672 C  CB  . LEU A 1 89  ? -8.133  4.353   -3.013  1.00 9.12  ? 1195 LEU A CB  1 
ATOM   673 C  CG  . LEU A 1 89  ? -7.030  5.324   -3.391  1.00 10.10 ? 1195 LEU A CG  1 
ATOM   674 C  CD1 . LEU A 1 89  ? -6.545  6.144   -2.184  1.00 10.29 ? 1195 LEU A CD1 1 
ATOM   675 C  CD2 . LEU A 1 89  ? -5.848  4.610   -3.979  1.00 11.50 ? 1195 LEU A CD2 1 
ATOM   676 N  N   . LEU A 1 90  ? -11.117 2.789   -3.965  1.00 10.45 ? 1196 LEU A N   1 
ATOM   677 C  CA  . LEU A 1 90  ? -12.220 2.026   -3.334  1.00 11.36 ? 1196 LEU A CA  1 
ATOM   678 C  C   . LEU A 1 90  ? -12.021 0.538   -3.639  1.00 12.27 ? 1196 LEU A C   1 
ATOM   679 O  O   . LEU A 1 90  ? -12.214 -0.307  -2.711  1.00 12.45 ? 1196 LEU A O   1 
ATOM   680 C  CB  . LEU A 1 90  ? -13.574 2.570   -3.827  1.00 12.16 ? 1196 LEU A CB  1 
ATOM   681 N  N   . ASP A 1 91  ? -11.764 0.177   -4.906  1.00 13.25 ? 1197 ASP A N   1 
ATOM   682 C  CA  . ASP A 1 91  ? -11.725 -1.267  -5.282  1.00 14.68 ? 1197 ASP A CA  1 
ATOM   683 C  C   . ASP A 1 91  ? -10.625 -1.950  -4.438  1.00 13.35 ? 1197 ASP A C   1 
ATOM   684 O  O   . ASP A 1 91  ? -10.880 -2.999  -3.872  1.00 11.60 ? 1197 ASP A O   1 
ATOM   685 C  CB  . ASP A 1 91  ? -11.473 -1.476  -6.780  1.00 18.25 ? 1197 ASP A CB  1 
ATOM   686 C  CG  . ASP A 1 91  ? -12.655 -1.189  -7.684  1.00 23.47 ? 1197 ASP A CG  1 
ATOM   687 O  OD1 . ASP A 1 91  ? -13.810 -1.027  -7.175  1.00 27.08 ? 1197 ASP A OD1 1 
ATOM   688 O  OD2 . ASP A 1 91  ? -12.412 -1.100  -8.921  1.00 34.29 ? 1197 ASP A OD2 1 
ATOM   689 N  N   . VAL A 1 92  ? -9.419  -1.392  -4.356  1.00 11.43 ? 1198 VAL A N   1 
ATOM   690 C  CA  . VAL A 1 92  ? -8.322  -2.068  -3.631  1.00 11.81 ? 1198 VAL A CA  1 
ATOM   691 C  C   . VAL A 1 92  ? -8.689  -2.109  -2.137  1.00 10.45 ? 1198 VAL A C   1 
ATOM   692 O  O   . VAL A 1 92  ? -8.450  -3.132  -1.448  1.00 9.32  ? 1198 VAL A O   1 
ATOM   693 C  CB  . VAL A 1 92  ? -6.965  -1.416  -3.978  1.00 13.05 ? 1198 VAL A CB  1 
ATOM   694 C  CG1 . VAL A 1 92  ? -6.766  -0.040  -3.372  1.00 11.71 ? 1198 VAL A CG1 1 
ATOM   695 C  CG2 . VAL A 1 92  ? -5.800  -2.305  -3.648  1.00 15.22 ? 1198 VAL A CG2 1 
ATOM   696 N  N   . LYS A 1 93  ? -9.223  -1.032  -1.574  1.00 9.08  ? 1199 LYS A N   1 
ATOM   697 C  CA  . LYS A 1 93  ? -9.589  -1.057  -0.132  1.00 7.74  ? 1199 LYS A CA  1 
ATOM   698 C  C   . LYS A 1 93  ? -10.683 -2.100  0.107   1.00 7.51  ? 1199 LYS A C   1 
ATOM   699 O  O   . LYS A 1 93  ? -10.622 -2.818  1.119   1.00 7.95  ? 1199 LYS A O   1 
ATOM   700 C  CB  . LYS A 1 93  ? -10.030 0.315   0.369   1.00 7.89  ? 1199 LYS A CB  1 
ATOM   701 C  CG  . LYS A 1 93  ? -8.891  1.309   0.521   1.00 7.67  ? 1199 LYS A CG  1 
ATOM   702 C  CD  . LYS A 1 93  ? -9.309  2.577   1.138   1.00 7.12  ? 1199 LYS A CD  1 
ATOM   703 C  CE  . LYS A 1 93  ? -8.152  3.529   1.306   1.00 7.13  ? 1199 LYS A CE  1 
ATOM   704 N  NZ  . LYS A 1 93  ? -8.493  4.699   2.114   1.00 7.08  ? 1199 LYS A NZ  1 
ATOM   705 N  N   . ASN A 1 94  ? -11.694 -2.161  -0.764  1.00 7.79  ? 1200 ASN A N   1 
ATOM   706 C  CA  . ASN A 1 94  ? -12.791 -3.142  -0.584  1.00 8.48  ? 1200 ASN A CA  1 
ATOM   707 C  C   . ASN A 1 94  ? -12.234 -4.563  -0.643  1.00 8.58  ? 1200 ASN A C   1 
ATOM   708 O  O   . ASN A 1 94  ? -12.676 -5.384  0.134   1.00 9.03  ? 1200 ASN A O   1 
ATOM   709 C  CB  . ASN A 1 94  ? -13.866 -2.925  -1.670  1.00 8.99  ? 1200 ASN A CB  1 
ATOM   710 C  CG  . ASN A 1 94  ? -14.755 -1.699  -1.546  1.00 10.62 ? 1200 ASN A CG  1 
ATOM   711 O  OD1 . ASN A 1 94  ? -15.347 -1.230  -2.572  1.00 13.72 ? 1200 ASN A OD1 1 
ATOM   712 N  ND2 . ASN A 1 94  ? -14.794 -1.078  -0.397  1.00 8.60  ? 1200 ASN A ND2 1 
ATOM   713 N  N   . ILE A 1 95  ? -11.341 -4.846  -1.561  1.00 8.08  ? 1201 ILE A N   1 
ATOM   714 C  CA  . ILE A 1 95  ? -10.790 -6.211  -1.731  1.00 9.10  ? 1201 ILE A CA  1 
ATOM   715 C  C   . ILE A 1 95  ? -9.964  -6.549  -0.489  1.00 8.80  ? 1201 ILE A C   1 
ATOM   716 O  O   . ILE A 1 95  ? -10.072 -7.666  0.044   1.00 9.19  ? 1201 ILE A O   1 
ATOM   717 C  CB  . ILE A 1 95  ? -9.962  -6.297  -3.028  1.00 11.56 ? 1201 ILE A CB  1 
ATOM   718 C  CG1 . ILE A 1 95  ? -10.813 -6.213  -4.295  1.00 13.33 ? 1201 ILE A CG1 1 
ATOM   719 C  CG2 . ILE A 1 95  ? -9.087  -7.533  -3.034  1.00 13.58 ? 1201 ILE A CG2 1 
ATOM   720 N  N   . ALA A 1 96  ? -9.129  -5.634  -0.025  1.00 8.31  ? 1202 ALA A N   1 
ATOM   721 C  CA  . ALA A 1 96  ? -8.317  -5.843  1.201   1.00 8.56  ? 1202 ALA A CA  1 
ATOM   722 C  C   . ALA A 1 96  ? -9.229  -6.046  2.389   1.00 8.32  ? 1202 ALA A C   1 
ATOM   723 O  O   . ALA A 1 96  ? -9.015  -6.958  3.200   1.00 8.30  ? 1202 ALA A O   1 
ATOM   724 C  CB  . ALA A 1 96  ? -7.407  -4.683  1.485   1.00 7.36  ? 1202 ALA A CB  1 
ATOM   725 N  N   . HIS A 1 97  ? -10.297 -5.272  2.501   1.00 8.60  ? 1203 HIS A N   1 
ATOM   726 C  CA  . HIS A 1 97  ? -11.254 -5.413  3.633   1.00 9.38  ? 1203 HIS A CA  1 
ATOM   727 C  C   . HIS A 1 97  ? -11.928 -6.801  3.583   1.00 9.46  ? 1203 HIS A C   1 
ATOM   728 O  O   . HIS A 1 97  ? -12.019 -7.499  4.656   1.00 9.05  ? 1203 HIS A O   1 
ATOM   729 C  CB  . HIS A 1 97  ? -12.300 -4.275  3.621   1.00 10.32 ? 1203 HIS A CB  1 
ATOM   730 C  CG  . HIS A 1 97  ? -13.280 -4.428  4.740   1.00 11.46 ? 1203 HIS A CG  1 
ATOM   731 N  ND1 . HIS A 1 97  ? -14.421 -5.183  4.610   1.00 14.69 ? 1203 HIS A ND1 1 
ATOM   732 C  CD2 . HIS A 1 97  ? -13.280 -3.959  5.997   1.00 13.68 ? 1203 HIS A CD2 1 
ATOM   733 C  CE1 . HIS A 1 97  ? -15.072 -5.162  5.738   1.00 13.17 ? 1203 HIS A CE1 1 
ATOM   734 N  NE2 . HIS A 1 97  ? -14.398 -4.441  6.598   1.00 15.22 ? 1203 HIS A NE2 1 
ATOM   735 N  N   . GLN A 1 98  ? -12.320 -7.264  2.410   1.00 9.90  ? 1204 GLN A N   1 
ATOM   736 C  CA  . GLN A 1 98  ? -12.954 -8.602  2.270   1.00 12.25 ? 1204 GLN A CA  1 
ATOM   737 C  C   . GLN A 1 98  ? -11.946 -9.674  2.686   1.00 10.77 ? 1204 GLN A C   1 
ATOM   738 O  O   . GLN A 1 98  ? -12.333 -10.667 3.298   1.00 12.36 ? 1204 GLN A O   1 
ATOM   739 C  CB  . GLN A 1 98  ? -13.391 -8.817  0.829   1.00 16.77 ? 1204 GLN A CB  1 
ATOM   740 C  CG  . GLN A 1 98  ? -14.785 -8.280  0.564   1.00 23.26 ? 1204 GLN A CG  1 
ATOM   741 C  CD  . GLN A 1 98  ? -15.761 -9.162  1.312   1.00 29.07 ? 1204 GLN A CD  1 
ATOM   742 O  OE1 . GLN A 1 98  ? -15.672 -10.394 1.296   1.00 39.96 ? 1204 GLN A OE1 1 
ATOM   743 N  NE2 . GLN A 1 98  ? -16.663 -8.538  2.046   1.00 35.64 ? 1204 GLN A NE2 1 
ATOM   744 N  N   . ASN A 1 99  ? -10.684 -9.530  2.316   1.00 9.87  ? 1205 ASN A N   1 
ATOM   745 C  CA  . ASN A 1 99  ? -9.673  -10.569 2.634   1.00 10.01 ? 1205 ASN A CA  1 
ATOM   746 C  C   . ASN A 1 99  ? -9.381  -10.550 4.137   1.00 9.42  ? 1205 ASN A C   1 
ATOM   747 O  O   . ASN A 1 99  ? -9.150  -11.618 4.727   1.00 11.38 ? 1205 ASN A O   1 
ATOM   748 C  CB  . ASN A 1 99  ? -8.414  -10.369 1.777   1.00 10.86 ? 1205 ASN A CB  1 
ATOM   749 C  CG  . ASN A 1 99  ? -7.407  -11.482 1.996   1.00 11.81 ? 1205 ASN A CG  1 
ATOM   750 O  OD1 . ASN A 1 99  ? -6.371  -11.333 2.642   1.00 13.32 ? 1205 ASN A OD1 1 
ATOM   751 N  ND2 . ASN A 1 99  ? -7.692  -12.648 1.452   1.00 14.15 ? 1205 ASN A ND2 1 
ATOM   752 N  N   . LYS A 1 100 ? -9.401  -9.385  4.773   1.00 8.36  ? 1206 LYS A N   1 
ATOM   753 C  CA  . LYS A 1 100 ? -9.022  -9.247  6.193   1.00 9.35  ? 1206 LYS A CA  1 
ATOM   754 C  C   . LYS A 1 100 ? -10.152 -9.717  7.089   1.00 10.27 ? 1206 LYS A C   1 
ATOM   755 O  O   . LYS A 1 100 ? -9.844  -10.315 8.160   1.00 10.85 ? 1206 LYS A O   1 
ATOM   756 C  CB  . LYS A 1 100 ? -8.621  -7.795  6.480   1.00 9.20  ? 1206 LYS A CB  1 
ATOM   757 C  CG  . LYS A 1 100 ? -8.023  -7.542  7.860   1.00 8.45  ? 1206 LYS A CG  1 
ATOM   758 C  CD  . LYS A 1 100 ? -7.325  -6.207  8.023   1.00 9.60  ? 1206 LYS A CD  1 
ATOM   759 C  CE  . LYS A 1 100 ? -6.732  -5.963  9.400   1.00 10.21 ? 1206 LYS A CE  1 
ATOM   760 N  NZ  . LYS A 1 100 ? -5.394  -6.599  9.538   1.00 10.73 ? 1206 LYS A NZ  1 
ATOM   761 N  N   . PHE A 1 101 ? -11.388 -9.312  6.765   1.00 11.59 ? 1207 PHE A N   1 
ATOM   762 C  CA  . PHE A 1 101 ? -12.592 -9.456  7.626   1.00 13.98 ? 1207 PHE A CA  1 
ATOM   763 C  C   . PHE A 1 101 ? -13.611 -10.322 6.879   1.00 19.94 ? 1207 PHE A C   1 
ATOM   764 O  O   . PHE A 1 101 ? -14.424 -10.862 7.663   1.00 26.93 ? 1207 PHE A O   1 
ATOM   765 C  CB  . PHE A 1 101 ? -13.147 -8.070  7.948   1.00 15.23 ? 1207 PHE A CB  1 
ATOM   766 C  CG  . PHE A 1 101 ? -12.206 -7.167  8.696   1.00 13.21 ? 1207 PHE A CG  1 
ATOM   767 C  CD1 . PHE A 1 101 ? -11.933 -7.404  10.027  1.00 13.85 ? 1207 PHE A CD1 1 
ATOM   768 C  CD2 . PHE A 1 101 ? -11.579 -6.088  8.084   1.00 14.19 ? 1207 PHE A CD2 1 
ATOM   769 C  CE1 . PHE A 1 101 ? -11.078 -6.557  10.727  1.00 13.59 ? 1207 PHE A CE1 1 
ATOM   770 C  CE2 . PHE A 1 101 ? -10.756 -5.225  8.787   1.00 13.65 ? 1207 PHE A CE2 1 
ATOM   771 C  CZ  . PHE A 1 101 ? -10.480 -5.479  10.112  1.00 14.27 ? 1207 PHE A CZ  1 
HETATM 772 ZN ZN  . ZN  B 2 .   ? 5.875   -0.594  -6.080  1.00 6.86  ? 1301 ZN  A ZN  1 
HETATM 773 ZN ZN  . ZN  C 2 .   ? 10.706  -5.761  6.051   1.00 7.84  ? 1302 ZN  A ZN  1 
HETATM 774 ZN ZN  . ZN  D 2 .   ? 0.441   12.239  -3.806  1.00 6.23  ? 1303 ZN  A ZN  1 
HETATM 775 N  N   . ZU9 E 3 .   ? 5.382   6.343   5.752   1.00 7.55  ? 1304 ZU9 A N   1 
HETATM 776 C  C   . ZU9 E 3 .   ? 3.542   4.801   5.793   1.00 7.11  ? 1304 ZU9 A C   1 
HETATM 777 O  O   . ZU9 E 3 .   ? 5.669   3.213   6.845   1.00 7.55  ? 1304 ZU9 A O   1 
HETATM 778 O  O3  . ZU9 E 3 .   ? 3.477   8.744   8.417   1.00 9.49  ? 1304 ZU9 A O3  1 
HETATM 779 C  C10 . ZU9 E 3 .   ? 4.062   8.094   7.565   1.00 8.11  ? 1304 ZU9 A C10 1 
HETATM 780 C  C9  . ZU9 E 3 .   ? 5.416   8.375   7.131   1.00 8.48  ? 1304 ZU9 A C9  1 
HETATM 781 C  C8  . ZU9 E 3 .   ? 6.118   9.475   7.639   1.00 9.56  ? 1304 ZU9 A C8  1 
HETATM 782 C  C7  . ZU9 E 3 .   ? 7.420   9.704   7.212   1.00 11.29 ? 1304 ZU9 A C7  1 
HETATM 783 C  C6  . ZU9 E 3 .   ? 8.014   8.866   6.294   1.00 10.86 ? 1304 ZU9 A C6  1 
HETATM 784 C  C5  . ZU9 E 3 .   ? 7.329   7.771   5.793   1.00 10.08 ? 1304 ZU9 A C5  1 
HETATM 785 C  C4  . ZU9 E 3 .   ? 6.030   7.507   6.230   1.00 8.19  ? 1304 ZU9 A C4  1 
HETATM 786 N  N1  . ZU9 E 3 .   ? 3.487   6.930   7.034   1.00 7.93  ? 1304 ZU9 A N1  1 
HETATM 787 C  C3  . ZU9 E 3 .   ? 4.191   6.090   6.170   1.00 6.99  ? 1304 ZU9 A C3  1 
HETATM 788 C  C1  . ZU9 E 3 .   ? 4.425   3.901   4.948   1.00 7.86  ? 1304 ZU9 A C1  1 
HETATM 789 C  C2  . ZU9 E 3 .   ? 5.705   3.397   5.588   1.00 7.57  ? 1304 ZU9 A C2  1 
HETATM 790 O  O1  . ZU9 E 3 .   ? 6.710   3.207   4.954   1.00 7.85  ? 1304 ZU9 A O1  1 
HETATM 791 C  C11 . ZU9 E 3 .   ? 2.135   6.604   7.467   1.00 8.54  ? 1304 ZU9 A C11 1 
HETATM 792 C  C12 . ZU9 E 3 .   ? 2.184   5.921   8.827   1.00 8.72  ? 1304 ZU9 A C12 1 
HETATM 793 O  O2  . ZU9 E 3 .   ? 3.227   5.337   9.201   1.00 9.76  ? 1304 ZU9 A O2  1 
HETATM 794 N  N2  . ZU9 E 3 .   ? 1.060   5.997   9.555   1.00 8.45  ? 1304 ZU9 A N2  1 
HETATM 795 C  C13 . ZU9 E 3 .   ? 0.907   5.278   10.826  1.00 8.42  ? 1304 ZU9 A C13 1 
HETATM 796 C  C14 . ZU9 E 3 .   ? 0.468   3.852   10.592  1.00 9.29  ? 1304 ZU9 A C14 1 
HETATM 797 C  C19 . ZU9 E 3 .   ? 1.279   2.784   10.991  1.00 9.85  ? 1304 ZU9 A C19 1 
HETATM 798 C  C18 . ZU9 E 3 .   ? 0.882   1.475   10.750  1.00 9.70  ? 1304 ZU9 A C18 1 
HETATM 799 C  C17 . ZU9 E 3 .   ? -0.324  1.222   10.101  1.00 10.76 ? 1304 ZU9 A C17 1 
HETATM 800 C  C16 . ZU9 E 3 .   ? -1.106  2.268   9.678   1.00 10.19 ? 1304 ZU9 A C16 1 
HETATM 801 C  C15 . ZU9 E 3 .   ? -0.714  3.578   9.920   1.00 8.71  ? 1304 ZU9 A C15 1 
HETATM 802 O  O   . HOH F 4 .   ? 13.265  -0.434  13.041  1.00 24.06 ? 1401 HOH A O   1 
HETATM 803 O  O   . HOH F 4 .   ? -6.859  -15.447 -4.680  1.00 21.64 ? 1402 HOH A O   1 
HETATM 804 O  O   . HOH F 4 .   ? -1.569  -9.992  -5.262  1.00 28.55 ? 1403 HOH A O   1 
HETATM 805 O  O   . HOH F 4 .   ? -0.259  9.303   10.802  1.00 25.40 ? 1404 HOH A O   1 
HETATM 806 O  O   . HOH F 4 .   ? 12.428  -2.758  -0.182  1.00 17.15 ? 1405 HOH A O   1 
HETATM 807 O  O   . HOH F 4 .   ? 7.147   -14.698 8.336   1.00 15.66 ? 1406 HOH A O   1 
HETATM 808 O  O   . HOH F 4 .   ? 1.211   -5.861  12.319  1.00 25.06 ? 1407 HOH A O   1 
HETATM 809 O  O   . HOH F 4 .   ? 16.186  -4.406  1.765   1.00 29.28 ? 1408 HOH A O   1 
HETATM 810 O  O   . HOH F 4 .   ? -8.313  -2.497  10.839  1.00 27.48 ? 1409 HOH A O   1 
HETATM 811 O  O   . HOH F 4 .   ? 5.295   0.895   10.510  1.00 6.95  ? 1410 HOH A O   1 
HETATM 812 O  O   . HOH F 4 .   ? -8.597  3.510   7.063   1.00 24.02 ? 1411 HOH A O   1 
HETATM 813 O  O   . HOH F 4 .   ? -4.967  5.051   -11.506 1.00 20.86 ? 1412 HOH A O   1 
HETATM 814 O  O   . HOH F 4 .   ? 1.074   17.658  0.720   1.00 30.87 ? 1413 HOH A O   1 
HETATM 815 O  O   . HOH F 4 .   ? 8.644   1.424   5.416   1.00 7.07  ? 1414 HOH A O   1 
HETATM 816 O  O   . HOH F 4 .   ? 0.353   -10.597 9.135   1.00 16.28 ? 1415 HOH A O   1 
HETATM 817 O  O   . HOH F 4 .   ? -6.556  6.526   3.089   1.00 6.31  ? 1416 HOH A O   1 
HETATM 818 O  O   . HOH F 4 .   ? -1.014  -9.017  -1.194  1.00 9.49  ? 1417 HOH A O   1 
HETATM 819 O  O   . HOH F 4 .   ? -11.883 1.875   -7.263  1.00 14.50 ? 1418 HOH A O   1 
HETATM 820 O  O   . HOH F 4 .   ? 5.990   -10.346 0.036   1.00 12.00 ? 1419 HOH A O   1 
HETATM 821 O  O   . HOH F 4 .   ? 3.400   14.873  6.563   1.00 25.68 ? 1420 HOH A O   1 
HETATM 822 O  O   . HOH F 4 .   ? 13.909  2.401   5.070   1.00 17.44 ? 1421 HOH A O   1 
HETATM 823 O  O   . HOH F 4 .   ? 14.538  -0.266  -8.306  1.00 23.47 ? 1422 HOH A O   1 
HETATM 824 O  O   . HOH F 4 .   ? 3.905   2.559   8.814   1.00 8.08  ? 1423 HOH A O   1 
HETATM 825 O  O   . HOH F 4 .   ? 5.214   17.087  0.133   1.00 18.21 ? 1424 HOH A O   1 
HETATM 826 O  O   . HOH F 4 .   ? -3.790  5.688   9.371   1.00 18.41 ? 1425 HOH A O   1 
HETATM 827 O  O   . HOH F 4 .   ? -8.184  2.602   -9.565  1.00 19.36 ? 1426 HOH A O   1 
HETATM 828 O  O   . HOH F 4 .   ? -12.387 11.905  -3.315  1.00 13.09 ? 1427 HOH A O   1 
HETATM 829 O  O   . HOH F 4 .   ? 6.904   12.344  5.111   1.00 16.92 ? 1428 HOH A O   1 
HETATM 830 O  O   . HOH F 4 .   ? 8.144   13.347  0.350   1.00 20.43 ? 1429 HOH A O   1 
HETATM 831 O  O   . HOH F 4 .   ? 0.774   -8.508  6.006   1.00 9.25  ? 1430 HOH A O   1 
HETATM 832 O  O   . HOH F 4 .   ? 8.160   5.693   -10.235 1.00 17.12 ? 1431 HOH A O   1 
HETATM 833 O  O   . HOH F 4 .   ? 3.026   -9.366  -4.059  1.00 16.78 ? 1432 HOH A O   1 
HETATM 834 O  O   . HOH F 4 .   ? -3.281  2.998   12.329  1.00 21.55 ? 1433 HOH A O   1 
HETATM 835 O  O   . HOH F 4 .   ? 12.536  2.100   9.387   1.00 20.71 ? 1434 HOH A O   1 
HETATM 836 O  O   . HOH F 4 .   ? 11.337  -2.068  14.840  1.00 18.45 ? 1435 HOH A O   1 
HETATM 837 O  O   . HOH F 4 .   ? 0.580   -1.299  7.826   1.00 7.45  ? 1436 HOH A O   1 
HETATM 838 O  O   . HOH F 4 .   ? -5.640  1.307   -12.374 1.00 18.52 ? 1437 HOH A O   1 
HETATM 839 O  O   . HOH F 4 .   ? -7.008  -12.685 6.152   1.00 11.97 ? 1438 HOH A O   1 
HETATM 840 O  O   . HOH F 4 .   ? 3.051   -8.034  -7.612  1.00 18.65 ? 1439 HOH A O   1 
HETATM 841 O  O   . HOH F 4 .   ? -5.545  -13.657 -1.039  1.00 20.63 ? 1440 HOH A O   1 
HETATM 842 O  O   . HOH F 4 .   ? 1.642   3.633   -5.814  1.00 8.83  ? 1441 HOH A O   1 
HETATM 843 O  O   . HOH F 4 .   ? 5.763   13.513  -8.054  1.00 27.42 ? 1442 HOH A O   1 
HETATM 844 O  O   . HOH F 4 .   ? 7.757   2.126   -12.090 1.00 14.61 ? 1443 HOH A O   1 
HETATM 845 O  O   . HOH F 4 .   ? -10.534 -10.109 -1.235  1.00 17.20 ? 1444 HOH A O   1 
HETATM 846 O  O   . HOH F 4 .   ? -3.106  -16.526 6.182   1.00 19.66 ? 1445 HOH A O   1 
HETATM 847 O  O   . HOH F 4 .   ? 11.927  1.639   12.997  1.00 20.93 ? 1446 HOH A O   1 
HETATM 848 O  O   . HOH F 4 .   ? 13.820  5.454   -7.552  1.00 9.60  ? 1447 HOH A O   1 
HETATM 849 O  O   . HOH F 4 .   ? 5.512   -6.318  -9.118  1.00 16.42 ? 1448 HOH A O   1 
HETATM 850 O  O   . HOH F 4 .   ? 9.068   -12.715 2.115   1.00 21.58 ? 1449 HOH A O   1 
HETATM 851 O  O   . HOH F 4 .   ? 3.738   11.445  9.173   1.00 21.79 ? 1450 HOH A O   1 
HETATM 852 O  O   . HOH F 4 .   ? -9.330  16.707  3.938   1.00 20.86 ? 1451 HOH A O   1 
HETATM 853 O  O   . HOH F 4 .   ? -15.057 -2.611  -5.201  1.00 17.90 ? 1452 HOH A O   1 
HETATM 854 O  O   . HOH F 4 .   ? -13.348 10.307  -5.317  1.00 10.94 ? 1453 HOH A O   1 
HETATM 855 O  O   . HOH F 4 .   ? -4.356  -5.748  12.038  1.00 18.12 ? 1454 HOH A O   1 
HETATM 856 O  O   . HOH F 4 .   ? -7.956  -11.936 -11.479 1.00 27.03 ? 1455 HOH A O   1 
HETATM 857 O  O   . HOH F 4 .   ? -8.548  0.543   -6.367  1.00 13.35 ? 1456 HOH A O   1 
HETATM 858 O  O   . HOH F 4 .   ? 2.009   11.616  -10.636 1.00 12.50 ? 1457 HOH A O   1 
HETATM 859 O  O   . HOH F 4 .   ? 12.950  6.394   0.700   1.00 22.86 ? 1458 HOH A O   1 
HETATM 860 O  O   . HOH F 4 .   ? 9.609   1.495   15.941  1.00 12.60 ? 1459 HOH A O   1 
HETATM 861 O  O   . HOH F 4 .   ? -2.076  -9.375  8.566   1.00 9.14  ? 1460 HOH A O   1 
HETATM 862 O  O   . HOH F 4 .   ? -10.987 13.002  -9.533  1.00 17.73 ? 1461 HOH A O   1 
HETATM 863 O  O   . HOH F 4 .   ? 9.649   6.494   11.211  1.00 20.83 ? 1462 HOH A O   1 
HETATM 864 O  O   . HOH F 4 .   ? 12.689  -4.073  13.790  1.00 27.26 ? 1463 HOH A O   1 
HETATM 865 O  O   . HOH F 4 .   ? -3.853  11.917  -9.867  1.00 10.98 ? 1464 HOH A O   1 
HETATM 866 O  O   . HOH F 4 .   ? -0.327  -8.047  -3.539  1.00 14.72 ? 1465 HOH A O   1 
HETATM 867 O  O   . HOH F 4 .   ? 6.143   2.736   -2.685  1.00 21.29 ? 1466 HOH A O   1 
HETATM 868 O  O   . HOH F 4 .   ? -5.308  -13.433 4.335   1.00 23.65 ? 1467 HOH A O   1 
HETATM 869 O  O   . HOH F 4 .   ? -2.280  13.383  -11.857 1.00 22.39 ? 1468 HOH A O   1 
HETATM 870 O  O   . HOH F 4 .   ? -10.863 -12.823 9.218   1.00 18.03 ? 1469 HOH A O   1 
HETATM 871 O  O   . HOH F 4 .   ? 17.355  -3.881  5.229   1.00 24.76 ? 1470 HOH A O   1 
HETATM 872 O  O   . HOH F 4 .   ? 9.147   -8.492  -2.932  1.00 18.31 ? 1471 HOH A O   1 
HETATM 873 O  O   . HOH F 4 .   ? -0.665  -10.060 -10.085 1.00 26.66 ? 1472 HOH A O   1 
HETATM 874 O  O   . HOH F 4 .   ? 6.391   -8.624  -2.155  1.00 12.74 ? 1473 HOH A O   1 
HETATM 875 O  O   . HOH F 4 .   ? 1.020   -6.980  8.259   1.00 9.30  ? 1474 HOH A O   1 
HETATM 876 O  O   . HOH F 4 .   ? -13.068 -4.511  -5.240  1.00 25.14 ? 1475 HOH A O   1 
HETATM 877 O  O   . HOH F 4 .   ? 6.461   10.321  3.191   1.00 12.73 ? 1476 HOH A O   1 
HETATM 878 O  O   . HOH F 4 .   ? 7.939   15.174  -1.914  1.00 27.10 ? 1477 HOH A O   1 
HETATM 879 O  O   . HOH F 4 .   ? -2.824  13.241  5.969   1.00 17.11 ? 1478 HOH A O   1 
HETATM 880 O  O   . HOH F 4 .   ? -8.434  -10.906 -2.909  1.00 25.61 ? 1479 HOH A O   1 
HETATM 881 O  O   . HOH F 4 .   ? 4.221   10.520  12.459  1.00 17.67 ? 1480 HOH A O   1 
HETATM 882 O  O   . HOH F 4 .   ? 0.389   -15.196 3.814   1.00 23.55 ? 1481 HOH A O   1 
HETATM 883 O  O   . HOH F 4 .   ? -10.372 -12.804 -0.104  1.00 22.72 ? 1482 HOH A O   1 
HETATM 884 O  O   . HOH F 4 .   ? -6.500  11.526  -10.847 1.00 20.36 ? 1483 HOH A O   1 
HETATM 885 O  O   . HOH F 4 .   ? -1.642  -6.752  9.359   1.00 16.63 ? 1484 HOH A O   1 
HETATM 886 O  O   . HOH F 4 .   ? 7.482   -11.985 11.848  1.00 17.45 ? 1485 HOH A O   1 
HETATM 887 O  O   . HOH F 4 .   ? 6.694   -11.163 14.504  1.00 23.01 ? 1486 HOH A O   1 
HETATM 888 O  O   . HOH F 4 .   ? -17.329 0.866   -4.059  1.00 18.65 ? 1487 HOH A O   1 
HETATM 889 O  O   . HOH F 4 .   ? -6.843  -7.900  -13.230 1.00 26.41 ? 1488 HOH A O   1 
HETATM 890 O  O   . HOH F 4 .   ? 5.633   16.086  -4.128  1.00 22.47 ? 1489 HOH A O   1 
HETATM 891 O  O   . HOH F 4 .   ? 15.609  -6.385  8.168   1.00 22.02 ? 1490 HOH A O   1 
HETATM 892 O  O   . HOH F 4 .   ? -15.780 7.148   -4.443  1.00 24.48 ? 1491 HOH A O   1 
HETATM 893 O  O   . HOH F 4 .   ? -5.040  -16.199 4.729   1.00 22.93 ? 1492 HOH A O   1 
HETATM 894 O  O   . HOH F 4 .   ? 5.598   -10.133 -4.114  1.00 21.10 ? 1493 HOH A O   1 
HETATM 895 O  O   . HOH F 4 .   ? 10.309  -11.263 11.840  1.00 24.40 ? 1494 HOH A O   1 
HETATM 896 O  O   . HOH F 4 .   ? 2.926   16.465  -3.892  1.00 14.44 ? 1495 HOH A O   1 
HETATM 897 O  O   . HOH F 4 .   ? 7.214   -12.668 0.138   1.00 28.94 ? 1496 HOH A O   1 
HETATM 898 O  O   . HOH F 4 .   ? 5.378   12.956  7.290   1.00 28.07 ? 1497 HOH A O   1 
HETATM 899 O  O   . HOH F 4 .   ? -13.112 -2.806  10.151  1.00 30.38 ? 1498 HOH A O   1 
HETATM 900 O  O   . HOH F 4 .   ? 9.289   9.807   2.762   1.00 25.27 ? 1499 HOH A O   1 
HETATM 901 O  O   . HOH F 4 .   ? -15.910 9.961   -4.608  1.00 23.41 ? 1500 HOH A O   1 
HETATM 902 O  O   . HOH F 4 .   ? -5.907  7.391   8.145   1.00 29.39 ? 1501 HOH A O   1 
HETATM 903 O  O   . HOH F 4 .   ? 6.926   15.385  -6.433  1.00 22.87 ? 1502 HOH A O   1 
HETATM 904 O  O   . HOH F 4 .   ? -7.791  4.567   -11.339 1.00 20.37 ? 1503 HOH A O   1 
HETATM 905 O  O   . HOH F 4 .   ? 11.477  -1.852  17.773  1.00 13.12 ? 1504 HOH A O   1 
HETATM 906 O  O   . HOH F 4 .   ? -15.293 -15.304 5.011   1.00 42.66 ? 1505 HOH A O   1 
HETATM 907 O  O   . HOH F 4 .   ? 11.108  10.088  4.747   1.00 27.49 ? 1506 HOH A O   1 
# 
loop_
_pdbx_poly_seq_scheme.asym_id 
_pdbx_poly_seq_scheme.entity_id 
_pdbx_poly_seq_scheme.seq_id 
_pdbx_poly_seq_scheme.mon_id 
_pdbx_poly_seq_scheme.ndb_seq_num 
_pdbx_poly_seq_scheme.pdb_seq_num 
_pdbx_poly_seq_scheme.auth_seq_num 
_pdbx_poly_seq_scheme.pdb_mon_id 
_pdbx_poly_seq_scheme.auth_mon_id 
_pdbx_poly_seq_scheme.pdb_strand_id 
_pdbx_poly_seq_scheme.pdb_ins_code 
_pdbx_poly_seq_scheme.hetero 
A 1 1   GLY 1   1107 ?    ?   ?   A . n 
A 1 2   SER 2   1108 ?    ?   ?   A . n 
A 1 3   PRO 3   1109 1109 PRO PRO A . n 
A 1 4   LEU 4   1110 1110 LEU LEU A . n 
A 1 5   PRO 5   1111 1111 PRO PRO A . n 
A 1 6   TRP 6   1112 1112 TRP TRP A . n 
A 1 7   CYS 7   1113 1113 CYS CYS A . n 
A 1 8   PRO 8   1114 1114 PRO PRO A . n 
A 1 9   HIS 9   1115 1115 HIS HIS A . n 
A 1 10  LEU 10  1116 1116 LEU LEU A . n 
A 1 11  VAL 11  1117 1117 VAL VAL A . n 
A 1 12  ALA 12  1118 1118 ALA ALA A . n 
A 1 13  VAL 13  1119 1119 VAL VAL A . n 
A 1 14  CYS 14  1120 1120 CYS CYS A . n 
A 1 15  PRO 15  1121 1121 PRO PRO A . n 
A 1 16  ILE 16  1122 1122 ILE ILE A . n 
A 1 17  PRO 17  1123 1123 PRO PRO A . n 
A 1 18  ALA 18  1124 1124 ALA ALA A . n 
A 1 19  ALA 19  1125 1125 ALA ALA A . n 
A 1 20  GLY 20  1126 1126 GLY GLY A . n 
A 1 21  LEU 21  1127 1127 LEU LEU A . n 
A 1 22  ASP 22  1128 1128 ASP ASP A . n 
A 1 23  VAL 23  1129 1129 VAL VAL A . n 
A 1 24  THR 24  1130 1130 THR THR A . n 
A 1 25  GLN 25  1131 1131 GLN GLN A . n 
A 1 26  PRO 26  1132 1132 PRO PRO A . n 
A 1 27  CYS 27  1133 1133 CYS CYS A . n 
A 1 28  GLY 28  1134 1134 GLY GLY A . n 
A 1 29  ASP 29  1135 1135 ASP ASP A . n 
A 1 30  CYS 30  1136 1136 CYS CYS A . n 
A 1 31  GLY 31  1137 1137 GLY GLY A . n 
A 1 32  THR 32  1138 1138 THR THR A . n 
A 1 33  ILE 33  1139 1139 ILE ILE A . n 
A 1 34  GLN 34  1140 1140 GLN GLN A . n 
A 1 35  GLU 35  1141 1141 GLU GLU A . n 
A 1 36  ASN 36  1142 1142 ASN ASN A . n 
A 1 37  TRP 37  1143 1143 TRP TRP A . n 
A 1 38  VAL 38  1144 1144 VAL VAL A . n 
A 1 39  CYS 39  1145 1145 CYS CYS A . n 
A 1 40  LEU 40  1146 1146 LEU LEU A . n 
A 1 41  SER 41  1147 1147 SER SER A . n 
A 1 42  CYS 42  1148 1148 CYS CYS A . n 
A 1 43  TYR 43  1149 1149 TYR TYR A . n 
A 1 44  GLN 44  1150 1150 GLN GLN A . n 
A 1 45  VAL 45  1151 1151 VAL VAL A . n 
A 1 46  TYR 46  1152 1152 TYR TYR A . n 
A 1 47  CYS 47  1153 1153 CYS CYS A . n 
A 1 48  GLY 48  1154 1154 GLY GLY A . n 
A 1 49  ARG 49  1155 1155 ARG ARG A . n 
A 1 50  TYR 50  1156 1156 TYR TYR A . n 
A 1 51  ILE 51  1157 1157 ILE ILE A . n 
A 1 52  ASN 52  1158 1158 ASN ASN A . n 
A 1 53  GLY 53  1159 1159 GLY GLY A . n 
A 1 54  HIS 54  1160 1160 HIS HIS A . n 
A 1 55  MET 55  1161 1161 MET MET A . n 
A 1 56  LEU 56  1162 1162 LEU LEU A . n 
A 1 57  GLN 57  1163 1163 GLN GLN A . n 
A 1 58  HIS 58  1164 1164 HIS HIS A . n 
A 1 59  HIS 59  1165 1165 HIS HIS A . n 
A 1 60  GLY 60  1166 1166 GLY GLY A . n 
A 1 61  ASN 61  1167 1167 ASN ASN A . n 
A 1 62  SER 62  1168 1168 SER SER A . n 
A 1 63  GLY 63  1169 1169 GLY GLY A . n 
A 1 64  HIS 64  1170 1170 HIS HIS A . n 
A 1 65  PRO 65  1171 1171 PRO PRO A . n 
A 1 66  LEU 66  1172 1172 LEU LEU A . n 
A 1 67  VAL 67  1173 1173 VAL VAL A . n 
A 1 68  LEU 68  1174 1174 LEU LEU A . n 
A 1 69  SER 69  1175 1175 SER SER A . n 
A 1 70  TYR 70  1176 1176 TYR TYR A . n 
A 1 71  ILE 71  1177 1177 ILE ILE A . n 
A 1 72  ASP 72  1178 1178 ASP ASP A . n 
A 1 73  LEU 73  1179 1179 LEU LEU A . n 
A 1 74  SER 74  1180 1180 SER SER A . n 
A 1 75  ALA 75  1181 1181 ALA ALA A . n 
A 1 76  TRP 76  1182 1182 TRP TRP A . n 
A 1 77  CYS 77  1183 1183 CYS CYS A . n 
A 1 78  TYR 78  1184 1184 TYR TYR A . n 
A 1 79  TYR 79  1185 1185 TYR TYR A . n 
A 1 80  CYS 80  1186 1186 CYS CYS A . n 
A 1 81  GLN 81  1187 1187 GLN GLN A . n 
A 1 82  ALA 82  1188 1188 ALA ALA A . n 
A 1 83  TYR 83  1189 1189 TYR TYR A . n 
A 1 84  VAL 84  1190 1190 VAL VAL A . n 
A 1 85  HIS 85  1191 1191 HIS HIS A . n 
A 1 86  HIS 86  1192 1192 HIS HIS A . n 
A 1 87  GLN 87  1193 1193 GLN GLN A . n 
A 1 88  ALA 88  1194 1194 ALA ALA A . n 
A 1 89  LEU 89  1195 1195 LEU LEU A . n 
A 1 90  LEU 90  1196 1196 LEU LEU A . n 
A 1 91  ASP 91  1197 1197 ASP ASP A . n 
A 1 92  VAL 92  1198 1198 VAL VAL A . n 
A 1 93  LYS 93  1199 1199 LYS LYS A . n 
A 1 94  ASN 94  1200 1200 ASN ASN A . n 
A 1 95  ILE 95  1201 1201 ILE ILE A . n 
A 1 96  ALA 96  1202 1202 ALA ALA A . n 
A 1 97  HIS 97  1203 1203 HIS HIS A . n 
A 1 98  GLN 98  1204 1204 GLN GLN A . n 
A 1 99  ASN 99  1205 1205 ASN ASN A . n 
A 1 100 LYS 100 1206 1206 LYS LYS A . n 
A 1 101 PHE 101 1207 1207 PHE PHE A . n 
A 1 102 GLY 102 1208 ?    ?   ?   A . n 
A 1 103 GLU 103 1209 ?    ?   ?   A . n 
A 1 104 ASP 104 1210 ?    ?   ?   A . n 
A 1 105 MET 105 1211 ?    ?   ?   A . n 
A 1 106 PRO 106 1212 ?    ?   ?   A . n 
A 1 107 HIS 107 1213 ?    ?   ?   A . n 
# 
_pdbx_contact_author.id                 2 
_pdbx_contact_author.email              Cheryl.Arrowsmith@uhnresearch.ca 
_pdbx_contact_author.name_first         Cheryl 
_pdbx_contact_author.name_last          Arrowsmith 
_pdbx_contact_author.name_mi            H 
_pdbx_contact_author.role               'principal investigator/group leader' 
_pdbx_contact_author.identifier_ORCID   0000-0002-4971-3250 
# 
_pdbx_SG_project.id                    1 
_pdbx_SG_project.project_name          ? 
_pdbx_SG_project.full_name_of_center   'Structural Genomics Consortium' 
_pdbx_SG_project.initial_of_center     SGC 
# 
loop_
_pdbx_nonpoly_scheme.asym_id 
_pdbx_nonpoly_scheme.entity_id 
_pdbx_nonpoly_scheme.mon_id 
_pdbx_nonpoly_scheme.ndb_seq_num 
_pdbx_nonpoly_scheme.pdb_seq_num 
_pdbx_nonpoly_scheme.auth_seq_num 
_pdbx_nonpoly_scheme.pdb_mon_id 
_pdbx_nonpoly_scheme.auth_mon_id 
_pdbx_nonpoly_scheme.pdb_strand_id 
_pdbx_nonpoly_scheme.pdb_ins_code 
B 2 ZN  1   1301 1301 ZN  ZN  A . 
C 2 ZN  1   1302 1302 ZN  ZN  A . 
D 2 ZN  1   1303 1303 ZN  ZN  A . 
E 3 ZU9 1   1304 1    ZU9 U83 A . 
F 4 HOH 1   1401 85   HOH HOH A . 
F 4 HOH 2   1402 52   HOH HOH A . 
F 4 HOH 3   1403 112  HOH HOH A . 
F 4 HOH 4   1404 88   HOH HOH A . 
F 4 HOH 5   1405 80   HOH HOH A . 
F 4 HOH 6   1406 1410 HOH HOH A . 
F 4 HOH 7   1407 77   HOH HOH A . 
F 4 HOH 8   1408 108  HOH HOH A . 
F 4 HOH 9   1409 116  HOH HOH A . 
F 4 HOH 10  1410 82   HOH HOH A . 
F 4 HOH 11  1411 84   HOH HOH A . 
F 4 HOH 12  1412 49   HOH HOH A . 
F 4 HOH 13  1413 94   HOH HOH A . 
F 4 HOH 14  1414 1409 HOH HOH A . 
F 4 HOH 15  1415 1444 HOH HOH A . 
F 4 HOH 16  1416 38   HOH HOH A . 
F 4 HOH 17  1417 1421 HOH HOH A . 
F 4 HOH 18  1418 42   HOH HOH A . 
F 4 HOH 19  1419 1420 HOH HOH A . 
F 4 HOH 20  1420 101  HOH HOH A . 
F 4 HOH 21  1421 1416 HOH HOH A . 
F 4 HOH 22  1422 87   HOH HOH A . 
F 4 HOH 23  1423 69   HOH HOH A . 
F 4 HOH 24  1424 1429 HOH HOH A . 
F 4 HOH 25  1425 75   HOH HOH A . 
F 4 HOH 26  1426 47   HOH HOH A . 
F 4 HOH 27  1427 41   HOH HOH A . 
F 4 HOH 28  1428 72   HOH HOH A . 
F 4 HOH 29  1429 91   HOH HOH A . 
F 4 HOH 30  1430 1418 HOH HOH A . 
F 4 HOH 31  1431 1432 HOH HOH A . 
F 4 HOH 32  1432 64   HOH HOH A . 
F 4 HOH 33  1433 93   HOH HOH A . 
F 4 HOH 34  1434 98   HOH HOH A . 
F 4 HOH 35  1435 51   HOH HOH A . 
F 4 HOH 36  1436 1412 HOH HOH A . 
F 4 HOH 37  1437 66   HOH HOH A . 
F 4 HOH 38  1438 1428 HOH HOH A . 
F 4 HOH 39  1439 76   HOH HOH A . 
F 4 HOH 40  1440 107  HOH HOH A . 
F 4 HOH 41  1441 1425 HOH HOH A . 
F 4 HOH 42  1442 92   HOH HOH A . 
F 4 HOH 43  1443 43   HOH HOH A . 
F 4 HOH 44  1444 1424 HOH HOH A . 
F 4 HOH 45  1445 1413 HOH HOH A . 
F 4 HOH 46  1446 78   HOH HOH A . 
F 4 HOH 47  1447 1443 HOH HOH A . 
F 4 HOH 48  1448 1419 HOH HOH A . 
F 4 HOH 49  1449 57   HOH HOH A . 
F 4 HOH 50  1450 74   HOH HOH A . 
F 4 HOH 51  1451 1402 HOH HOH A . 
F 4 HOH 52  1452 62   HOH HOH A . 
F 4 HOH 53  1453 39   HOH HOH A . 
F 4 HOH 54  1454 1406 HOH HOH A . 
F 4 HOH 55  1455 110  HOH HOH A . 
F 4 HOH 56  1456 1459 HOH HOH A . 
F 4 HOH 57  1457 1440 HOH HOH A . 
F 4 HOH 58  1458 1427 HOH HOH A . 
F 4 HOH 59  1459 70   HOH HOH A . 
F 4 HOH 60  1460 1439 HOH HOH A . 
F 4 HOH 61  1461 60   HOH HOH A . 
F 4 HOH 62  1462 90   HOH HOH A . 
F 4 HOH 63  1463 114  HOH HOH A . 
F 4 HOH 64  1464 1437 HOH HOH A . 
F 4 HOH 65  1465 1447 HOH HOH A . 
F 4 HOH 66  1466 44   HOH HOH A . 
F 4 HOH 67  1467 1411 HOH HOH A . 
F 4 HOH 68  1468 1455 HOH HOH A . 
F 4 HOH 69  1469 46   HOH HOH A . 
F 4 HOH 70  1470 109  HOH HOH A . 
F 4 HOH 71  1471 1458 HOH HOH A . 
F 4 HOH 72  1472 97   HOH HOH A . 
F 4 HOH 73  1473 1460 HOH HOH A . 
F 4 HOH 74  1474 17   HOH HOH A . 
F 4 HOH 75  1475 104  HOH HOH A . 
F 4 HOH 76  1476 65   HOH HOH A . 
F 4 HOH 77  1477 103  HOH HOH A . 
F 4 HOH 78  1478 48   HOH HOH A . 
F 4 HOH 79  1479 1461 HOH HOH A . 
F 4 HOH 80  1480 71   HOH HOH A . 
F 4 HOH 81  1481 1441 HOH HOH A . 
F 4 HOH 82  1482 1465 HOH HOH A . 
F 4 HOH 83  1483 86   HOH HOH A . 
F 4 HOH 84  1484 16   HOH HOH A . 
F 4 HOH 85  1485 67   HOH HOH A . 
F 4 HOH 86  1486 99   HOH HOH A . 
F 4 HOH 87  1487 73   HOH HOH A . 
F 4 HOH 88  1488 117  HOH HOH A . 
F 4 HOH 89  1489 83   HOH HOH A . 
F 4 HOH 90  1490 81   HOH HOH A . 
F 4 HOH 91  1491 79   HOH HOH A . 
F 4 HOH 92  1492 118  HOH HOH A . 
F 4 HOH 93  1493 95   HOH HOH A . 
F 4 HOH 94  1494 61   HOH HOH A . 
F 4 HOH 95  1495 1478 HOH HOH A . 
F 4 HOH 96  1496 1480 HOH HOH A . 
F 4 HOH 97  1497 105  HOH HOH A . 
F 4 HOH 98  1498 100  HOH HOH A . 
F 4 HOH 99  1499 102  HOH HOH A . 
F 4 HOH 100 1500 106  HOH HOH A . 
F 4 HOH 101 1501 113  HOH HOH A . 
F 4 HOH 102 1502 115  HOH HOH A . 
F 4 HOH 103 1503 63   HOH HOH A . 
F 4 HOH 104 1504 40   HOH HOH A . 
F 4 HOH 105 1505 111  HOH HOH A . 
F 4 HOH 106 1506 96   HOH HOH A . 
# 
_pdbx_struct_assembly.id                   1 
_pdbx_struct_assembly.details              author_defined_assembly 
_pdbx_struct_assembly.method_details       ? 
_pdbx_struct_assembly.oligomeric_details   monomeric 
_pdbx_struct_assembly.oligomeric_count     1 
# 
_pdbx_struct_assembly_gen.assembly_id       1 
_pdbx_struct_assembly_gen.oper_expression   1 
_pdbx_struct_assembly_gen.asym_id_list      A,B,C,D,E,F 
# 
_pdbx_struct_oper_list.id                   1 
_pdbx_struct_oper_list.type                 'identity operation' 
_pdbx_struct_oper_list.name                 1_555 
_pdbx_struct_oper_list.symmetry_operation   x,y,z 
_pdbx_struct_oper_list.matrix[1][1]         1.0000000000 
_pdbx_struct_oper_list.matrix[1][2]         0.0000000000 
_pdbx_struct_oper_list.matrix[1][3]         0.0000000000 
_pdbx_struct_oper_list.vector[1]            0.0000000000 
_pdbx_struct_oper_list.matrix[2][1]         0.0000000000 
_pdbx_struct_oper_list.matrix[2][2]         1.0000000000 
_pdbx_struct_oper_list.matrix[2][3]         0.0000000000 
_pdbx_struct_oper_list.vector[2]            0.0000000000 
_pdbx_struct_oper_list.matrix[3][1]         0.0000000000 
_pdbx_struct_oper_list.matrix[3][2]         0.0000000000 
_pdbx_struct_oper_list.matrix[3][3]         1.0000000000 
_pdbx_struct_oper_list.vector[3]            0.0000000000 
# 
loop_
_pdbx_struct_conn_angle.id 
_pdbx_struct_conn_angle.ptnr1_label_atom_id 
_pdbx_struct_conn_angle.ptnr1_label_alt_id 
_pdbx_struct_conn_angle.ptnr1_label_asym_id 
_pdbx_struct_conn_angle.ptnr1_label_comp_id 
_pdbx_struct_conn_angle.ptnr1_label_seq_id 
_pdbx_struct_conn_angle.ptnr1_auth_atom_id 
_pdbx_struct_conn_angle.ptnr1_auth_asym_id 
_pdbx_struct_conn_angle.ptnr1_auth_comp_id 
_pdbx_struct_conn_angle.ptnr1_auth_seq_id 
_pdbx_struct_conn_angle.ptnr1_PDB_ins_code 
_pdbx_struct_conn_angle.ptnr1_symmetry 
_pdbx_struct_conn_angle.ptnr2_label_atom_id 
_pdbx_struct_conn_angle.ptnr2_label_alt_id 
_pdbx_struct_conn_angle.ptnr2_label_asym_id 
_pdbx_struct_conn_angle.ptnr2_label_comp_id 
_pdbx_struct_conn_angle.ptnr2_label_seq_id 
_pdbx_struct_conn_angle.ptnr2_auth_atom_id 
_pdbx_struct_conn_angle.ptnr2_auth_asym_id 
_pdbx_struct_conn_angle.ptnr2_auth_comp_id 
_pdbx_struct_conn_angle.ptnr2_auth_seq_id 
_pdbx_struct_conn_angle.ptnr2_PDB_ins_code 
_pdbx_struct_conn_angle.ptnr2_symmetry 
_pdbx_struct_conn_angle.ptnr3_label_atom_id 
_pdbx_struct_conn_angle.ptnr3_label_alt_id 
_pdbx_struct_conn_angle.ptnr3_label_asym_id 
_pdbx_struct_conn_angle.ptnr3_label_comp_id 
_pdbx_struct_conn_angle.ptnr3_label_seq_id 
_pdbx_struct_conn_angle.ptnr3_auth_atom_id 
_pdbx_struct_conn_angle.ptnr3_auth_asym_id 
_pdbx_struct_conn_angle.ptnr3_auth_comp_id 
_pdbx_struct_conn_angle.ptnr3_auth_seq_id 
_pdbx_struct_conn_angle.ptnr3_PDB_ins_code 
_pdbx_struct_conn_angle.ptnr3_symmetry 
_pdbx_struct_conn_angle.value 
_pdbx_struct_conn_angle.value_esd 
1  SG  ? A CYS 7  ? A CYS 1113 ? 1_555 ZN ? D ZN . ? A ZN 1303 ? 1_555 ND1 ? A HIS 9  ? A HIS 1115 ? 1_555 109.7 ? 
2  SG  ? A CYS 7  ? A CYS 1113 ? 1_555 ZN ? D ZN . ? A ZN 1303 ? 1_555 SG  ? A CYS 77 ? A CYS 1183 ? 1_555 116.7 ? 
3  ND1 ? A HIS 9  ? A HIS 1115 ? 1_555 ZN ? D ZN . ? A ZN 1303 ? 1_555 SG  ? A CYS 77 ? A CYS 1183 ? 1_555 96.2  ? 
4  SG  ? A CYS 7  ? A CYS 1113 ? 1_555 ZN ? D ZN . ? A ZN 1303 ? 1_555 SG  ? A CYS 80 ? A CYS 1186 ? 1_555 113.6 ? 
5  ND1 ? A HIS 9  ? A HIS 1115 ? 1_555 ZN ? D ZN . ? A ZN 1303 ? 1_555 SG  ? A CYS 80 ? A CYS 1186 ? 1_555 104.4 ? 
6  SG  ? A CYS 77 ? A CYS 1183 ? 1_555 ZN ? D ZN . ? A ZN 1303 ? 1_555 SG  ? A CYS 80 ? A CYS 1186 ? 1_555 113.9 ? 
7  SG  ? A CYS 27 ? A CYS 1133 ? 1_555 ZN ? C ZN . ? A ZN 1302 ? 1_555 SG  ? A CYS 30 ? A CYS 1136 ? 1_555 109.6 ? 
8  SG  ? A CYS 27 ? A CYS 1133 ? 1_555 ZN ? C ZN . ? A ZN 1302 ? 1_555 SG  ? A CYS 47 ? A CYS 1153 ? 1_555 113.0 ? 
9  SG  ? A CYS 30 ? A CYS 1136 ? 1_555 ZN ? C ZN . ? A ZN 1302 ? 1_555 SG  ? A CYS 47 ? A CYS 1153 ? 1_555 114.3 ? 
10 SG  ? A CYS 27 ? A CYS 1133 ? 1_555 ZN ? C ZN . ? A ZN 1302 ? 1_555 ND1 ? A HIS 54 ? A HIS 1160 ? 1_555 105.0 ? 
11 SG  ? A CYS 30 ? A CYS 1136 ? 1_555 ZN ? C ZN . ? A ZN 1302 ? 1_555 ND1 ? A HIS 54 ? A HIS 1160 ? 1_555 112.2 ? 
12 SG  ? A CYS 47 ? A CYS 1153 ? 1_555 ZN ? C ZN . ? A ZN 1302 ? 1_555 ND1 ? A HIS 54 ? A HIS 1160 ? 1_555 102.1 ? 
13 SG  ? A CYS 39 ? A CYS 1145 ? 1_555 ZN ? B ZN . ? A ZN 1301 ? 1_555 SG  ? A CYS 42 ? A CYS 1148 ? 1_555 116.2 ? 
14 SG  ? A CYS 39 ? A CYS 1145 ? 1_555 ZN ? B ZN . ? A ZN 1301 ? 1_555 NE2 ? A HIS 58 ? A HIS 1164 ? 1_555 113.3 ? 
15 SG  ? A CYS 42 ? A CYS 1148 ? 1_555 ZN ? B ZN . ? A ZN 1301 ? 1_555 NE2 ? A HIS 58 ? A HIS 1164 ? 1_555 99.1  ? 
16 SG  ? A CYS 39 ? A CYS 1145 ? 1_555 ZN ? B ZN . ? A ZN 1301 ? 1_555 ND1 ? A HIS 64 ? A HIS 1170 ? 1_555 106.6 ? 
17 SG  ? A CYS 42 ? A CYS 1148 ? 1_555 ZN ? B ZN . ? A ZN 1301 ? 1_555 ND1 ? A HIS 64 ? A HIS 1170 ? 1_555 114.0 ? 
18 NE2 ? A HIS 58 ? A HIS 1164 ? 1_555 ZN ? B ZN . ? A ZN 1301 ? 1_555 ND1 ? A HIS 64 ? A HIS 1170 ? 1_555 107.4 ? 
# 
loop_
_pdbx_audit_revision_history.ordinal 
_pdbx_audit_revision_history.data_content_type 
_pdbx_audit_revision_history.major_revision 
_pdbx_audit_revision_history.minor_revision 
_pdbx_audit_revision_history.revision_date 
1 'Structure model' 1 0 2023-05-03 
2 'Structure model' 1 1 2023-08-09 
3 'Structure model' 1 2 2023-08-16 
# 
_pdbx_audit_revision_details.ordinal             1 
_pdbx_audit_revision_details.revision_ordinal    1 
_pdbx_audit_revision_details.data_content_type   'Structure model' 
_pdbx_audit_revision_details.provider            repository 
_pdbx_audit_revision_details.type                'Initial release' 
_pdbx_audit_revision_details.description         ? 
_pdbx_audit_revision_details.details             ? 
# 
loop_
_pdbx_audit_revision_group.ordinal 
_pdbx_audit_revision_group.revision_ordinal 
_pdbx_audit_revision_group.data_content_type 
_pdbx_audit_revision_group.group 
1 2 'Structure model' 'Database references' 
2 3 'Structure model' 'Data collection'     
3 3 'Structure model' 'Database references' 
# 
loop_
_pdbx_audit_revision_category.ordinal 
_pdbx_audit_revision_category.revision_ordinal 
_pdbx_audit_revision_category.data_content_type 
_pdbx_audit_revision_category.category 
1 2 'Structure model' citation        
2 2 'Structure model' citation_author 
3 3 'Structure model' chem_comp_atom  
4 3 'Structure model' chem_comp_bond  
5 3 'Structure model' citation        
# 
loop_
_pdbx_audit_revision_item.ordinal 
_pdbx_audit_revision_item.revision_ordinal 
_pdbx_audit_revision_item.data_content_type 
_pdbx_audit_revision_item.item 
1  2 'Structure model' '_citation.country'                 
2  2 'Structure model' '_citation.journal_abbrev'          
3  2 'Structure model' '_citation.journal_id_ASTM'         
4  2 'Structure model' '_citation.journal_id_CSD'          
5  2 'Structure model' '_citation.journal_id_ISSN'         
6  2 'Structure model' '_citation.pdbx_database_id_DOI'    
7  2 'Structure model' '_citation.pdbx_database_id_PubMed' 
8  2 'Structure model' '_citation.title'                   
9  2 'Structure model' '_citation.year'                    
10 3 'Structure model' '_citation.journal_volume'          
11 3 'Structure model' '_citation.page_first'              
12 3 'Structure model' '_citation.page_last'               
# 
loop_
_software.citation_id 
_software.classification 
_software.compiler_name 
_software.compiler_version 
_software.contact_author 
_software.contact_author_email 
_software.date 
_software.description 
_software.dependencies 
_software.hardware 
_software.language 
_software.location 
_software.mods 
_software.name 
_software.os 
_software.os_version 
_software.type 
_software.version 
_software.pdbx_ordinal 
? 'data scaling'   ? ? ? ? ? ? ? ? ? ? ? Aimless ? ? ? .   1 
? refinement       ? ? ? ? ? ? ? ? ? ? ? REFMAC  ? ? ? 5.5 2 
? 'data reduction' ? ? ? ? ? ? ? ? ? ? ? xia2    ? ? ? .   3 
# 
_pdbx_entry_details.entry_id                 8G44 
_pdbx_entry_details.nonpolymer_details       ? 
_pdbx_entry_details.sequence_details         ? 
_pdbx_entry_details.compound_details         ? 
_pdbx_entry_details.source_details           ? 
_pdbx_entry_details.has_ligand_of_interest   Y 
# 
loop_
_pdbx_validate_torsion.id 
_pdbx_validate_torsion.PDB_model_num 
_pdbx_validate_torsion.auth_comp_id 
_pdbx_validate_torsion.auth_asym_id 
_pdbx_validate_torsion.auth_seq_id 
_pdbx_validate_torsion.PDB_ins_code 
_pdbx_validate_torsion.label_alt_id 
_pdbx_validate_torsion.phi 
_pdbx_validate_torsion.psi 
1 1 ASP A 1135 ? ? -95.97 -61.48  
2 1 SER A 1147 ? ? -94.55 -60.52  
3 1 ILE A 1157 ? ? -98.86 -102.05 
# 
_pdbx_distant_solvent_atoms.id                                1 
_pdbx_distant_solvent_atoms.PDB_model_num                     1 
_pdbx_distant_solvent_atoms.auth_atom_id                      O 
_pdbx_distant_solvent_atoms.label_alt_id                      ? 
_pdbx_distant_solvent_atoms.auth_asym_id                      A 
_pdbx_distant_solvent_atoms.auth_comp_id                      HOH 
_pdbx_distant_solvent_atoms.auth_seq_id                       1506 
_pdbx_distant_solvent_atoms.PDB_ins_code                      ? 
_pdbx_distant_solvent_atoms.neighbor_macromolecule_distance   6.22 
_pdbx_distant_solvent_atoms.neighbor_ligand_distance          . 
# 
loop_
_pdbx_unobs_or_zero_occ_atoms.id 
_pdbx_unobs_or_zero_occ_atoms.PDB_model_num 
_pdbx_unobs_or_zero_occ_atoms.polymer_flag 
_pdbx_unobs_or_zero_occ_atoms.occupancy_flag 
_pdbx_unobs_or_zero_occ_atoms.auth_asym_id 
_pdbx_unobs_or_zero_occ_atoms.auth_comp_id 
_pdbx_unobs_or_zero_occ_atoms.auth_seq_id 
_pdbx_unobs_or_zero_occ_atoms.PDB_ins_code 
_pdbx_unobs_or_zero_occ_atoms.auth_atom_id 
_pdbx_unobs_or_zero_occ_atoms.label_alt_id 
_pdbx_unobs_or_zero_occ_atoms.label_asym_id 
_pdbx_unobs_or_zero_occ_atoms.label_comp_id 
_pdbx_unobs_or_zero_occ_atoms.label_seq_id 
_pdbx_unobs_or_zero_occ_atoms.label_atom_id 
1 1 Y 1 A GLN 1193 ? CD  ? A GLN 87 CD  
2 1 Y 1 A GLN 1193 ? OE1 ? A GLN 87 OE1 
3 1 Y 1 A GLN 1193 ? NE2 ? A GLN 87 NE2 
4 1 Y 1 A LEU 1196 ? CG  ? A LEU 90 CG  
5 1 Y 1 A LEU 1196 ? CD1 ? A LEU 90 CD1 
6 1 Y 1 A LEU 1196 ? CD2 ? A LEU 90 CD2 
7 1 Y 1 A ILE 1201 ? CD1 ? A ILE 95 CD1 
# 
loop_
_pdbx_unobs_or_zero_occ_residues.id 
_pdbx_unobs_or_zero_occ_residues.PDB_model_num 
_pdbx_unobs_or_zero_occ_residues.polymer_flag 
_pdbx_unobs_or_zero_occ_residues.occupancy_flag 
_pdbx_unobs_or_zero_occ_residues.auth_asym_id 
_pdbx_unobs_or_zero_occ_residues.auth_comp_id 
_pdbx_unobs_or_zero_occ_residues.auth_seq_id 
_pdbx_unobs_or_zero_occ_residues.PDB_ins_code 
_pdbx_unobs_or_zero_occ_residues.label_asym_id 
_pdbx_unobs_or_zero_occ_residues.label_comp_id 
_pdbx_unobs_or_zero_occ_residues.label_seq_id 
1 1 Y 1 A GLY 1107 ? A GLY 1   
2 1 Y 1 A SER 1108 ? A SER 2   
3 1 Y 1 A GLY 1208 ? A GLY 102 
4 1 Y 1 A GLU 1209 ? A GLU 103 
5 1 Y 1 A ASP 1210 ? A ASP 104 
6 1 Y 1 A MET 1211 ? A MET 105 
7 1 Y 1 A PRO 1212 ? A PRO 106 
8 1 Y 1 A HIS 1213 ? A HIS 107 
# 
loop_
_chem_comp_atom.comp_id 
_chem_comp_atom.atom_id 
_chem_comp_atom.type_symbol 
_chem_comp_atom.pdbx_aromatic_flag 
_chem_comp_atom.pdbx_stereo_config 
_chem_comp_atom.pdbx_ordinal 
ALA N    N  N N 1   
ALA CA   C  N S 2   
ALA C    C  N N 3   
ALA O    O  N N 4   
ALA CB   C  N N 5   
ALA OXT  O  N N 6   
ALA H    H  N N 7   
ALA H2   H  N N 8   
ALA HA   H  N N 9   
ALA HB1  H  N N 10  
ALA HB2  H  N N 11  
ALA HB3  H  N N 12  
ALA HXT  H  N N 13  
ARG N    N  N N 14  
ARG CA   C  N S 15  
ARG C    C  N N 16  
ARG O    O  N N 17  
ARG CB   C  N N 18  
ARG CG   C  N N 19  
ARG CD   C  N N 20  
ARG NE   N  N N 21  
ARG CZ   C  N N 22  
ARG NH1  N  N N 23  
ARG NH2  N  N N 24  
ARG OXT  O  N N 25  
ARG H    H  N N 26  
ARG H2   H  N N 27  
ARG HA   H  N N 28  
ARG HB2  H  N N 29  
ARG HB3  H  N N 30  
ARG HG2  H  N N 31  
ARG HG3  H  N N 32  
ARG HD2  H  N N 33  
ARG HD3  H  N N 34  
ARG HE   H  N N 35  
ARG HH11 H  N N 36  
ARG HH12 H  N N 37  
ARG HH21 H  N N 38  
ARG HH22 H  N N 39  
ARG HXT  H  N N 40  
ASN N    N  N N 41  
ASN CA   C  N S 42  
ASN C    C  N N 43  
ASN O    O  N N 44  
ASN CB   C  N N 45  
ASN CG   C  N N 46  
ASN OD1  O  N N 47  
ASN ND2  N  N N 48  
ASN OXT  O  N N 49  
ASN H    H  N N 50  
ASN H2   H  N N 51  
ASN HA   H  N N 52  
ASN HB2  H  N N 53  
ASN HB3  H  N N 54  
ASN HD21 H  N N 55  
ASN HD22 H  N N 56  
ASN HXT  H  N N 57  
ASP N    N  N N 58  
ASP CA   C  N S 59  
ASP C    C  N N 60  
ASP O    O  N N 61  
ASP CB   C  N N 62  
ASP CG   C  N N 63  
ASP OD1  O  N N 64  
ASP OD2  O  N N 65  
ASP OXT  O  N N 66  
ASP H    H  N N 67  
ASP H2   H  N N 68  
ASP HA   H  N N 69  
ASP HB2  H  N N 70  
ASP HB3  H  N N 71  
ASP HD2  H  N N 72  
ASP HXT  H  N N 73  
CYS N    N  N N 74  
CYS CA   C  N R 75  
CYS C    C  N N 76  
CYS O    O  N N 77  
CYS CB   C  N N 78  
CYS SG   S  N N 79  
CYS OXT  O  N N 80  
CYS H    H  N N 81  
CYS H2   H  N N 82  
CYS HA   H  N N 83  
CYS HB2  H  N N 84  
CYS HB3  H  N N 85  
CYS HG   H  N N 86  
CYS HXT  H  N N 87  
GLN N    N  N N 88  
GLN CA   C  N S 89  
GLN C    C  N N 90  
GLN O    O  N N 91  
GLN CB   C  N N 92  
GLN CG   C  N N 93  
GLN CD   C  N N 94  
GLN OE1  O  N N 95  
GLN NE2  N  N N 96  
GLN OXT  O  N N 97  
GLN H    H  N N 98  
GLN H2   H  N N 99  
GLN HA   H  N N 100 
GLN HB2  H  N N 101 
GLN HB3  H  N N 102 
GLN HG2  H  N N 103 
GLN HG3  H  N N 104 
GLN HE21 H  N N 105 
GLN HE22 H  N N 106 
GLN HXT  H  N N 107 
GLU N    N  N N 108 
GLU CA   C  N S 109 
GLU C    C  N N 110 
GLU O    O  N N 111 
GLU CB   C  N N 112 
GLU CG   C  N N 113 
GLU CD   C  N N 114 
GLU OE1  O  N N 115 
GLU OE2  O  N N 116 
GLU OXT  O  N N 117 
GLU H    H  N N 118 
GLU H2   H  N N 119 
GLU HA   H  N N 120 
GLU HB2  H  N N 121 
GLU HB3  H  N N 122 
GLU HG2  H  N N 123 
GLU HG3  H  N N 124 
GLU HE2  H  N N 125 
GLU HXT  H  N N 126 
GLY N    N  N N 127 
GLY CA   C  N N 128 
GLY C    C  N N 129 
GLY O    O  N N 130 
GLY OXT  O  N N 131 
GLY H    H  N N 132 
GLY H2   H  N N 133 
GLY HA2  H  N N 134 
GLY HA3  H  N N 135 
GLY HXT  H  N N 136 
HIS N    N  N N 137 
HIS CA   C  N S 138 
HIS C    C  N N 139 
HIS O    O  N N 140 
HIS CB   C  N N 141 
HIS CG   C  Y N 142 
HIS ND1  N  Y N 143 
HIS CD2  C  Y N 144 
HIS CE1  C  Y N 145 
HIS NE2  N  Y N 146 
HIS OXT  O  N N 147 
HIS H    H  N N 148 
HIS H2   H  N N 149 
HIS HA   H  N N 150 
HIS HB2  H  N N 151 
HIS HB3  H  N N 152 
HIS HD1  H  N N 153 
HIS HD2  H  N N 154 
HIS HE1  H  N N 155 
HIS HE2  H  N N 156 
HIS HXT  H  N N 157 
HOH O    O  N N 158 
HOH H1   H  N N 159 
HOH H2   H  N N 160 
ILE N    N  N N 161 
ILE CA   C  N S 162 
ILE C    C  N N 163 
ILE O    O  N N 164 
ILE CB   C  N S 165 
ILE CG1  C  N N 166 
ILE CG2  C  N N 167 
ILE CD1  C  N N 168 
ILE OXT  O  N N 169 
ILE H    H  N N 170 
ILE H2   H  N N 171 
ILE HA   H  N N 172 
ILE HB   H  N N 173 
ILE HG12 H  N N 174 
ILE HG13 H  N N 175 
ILE HG21 H  N N 176 
ILE HG22 H  N N 177 
ILE HG23 H  N N 178 
ILE HD11 H  N N 179 
ILE HD12 H  N N 180 
ILE HD13 H  N N 181 
ILE HXT  H  N N 182 
LEU N    N  N N 183 
LEU CA   C  N S 184 
LEU C    C  N N 185 
LEU O    O  N N 186 
LEU CB   C  N N 187 
LEU CG   C  N N 188 
LEU CD1  C  N N 189 
LEU CD2  C  N N 190 
LEU OXT  O  N N 191 
LEU H    H  N N 192 
LEU H2   H  N N 193 
LEU HA   H  N N 194 
LEU HB2  H  N N 195 
LEU HB3  H  N N 196 
LEU HG   H  N N 197 
LEU HD11 H  N N 198 
LEU HD12 H  N N 199 
LEU HD13 H  N N 200 
LEU HD21 H  N N 201 
LEU HD22 H  N N 202 
LEU HD23 H  N N 203 
LEU HXT  H  N N 204 
LYS N    N  N N 205 
LYS CA   C  N S 206 
LYS C    C  N N 207 
LYS O    O  N N 208 
LYS CB   C  N N 209 
LYS CG   C  N N 210 
LYS CD   C  N N 211 
LYS CE   C  N N 212 
LYS NZ   N  N N 213 
LYS OXT  O  N N 214 
LYS H    H  N N 215 
LYS H2   H  N N 216 
LYS HA   H  N N 217 
LYS HB2  H  N N 218 
LYS HB3  H  N N 219 
LYS HG2  H  N N 220 
LYS HG3  H  N N 221 
LYS HD2  H  N N 222 
LYS HD3  H  N N 223 
LYS HE2  H  N N 224 
LYS HE3  H  N N 225 
LYS HZ1  H  N N 226 
LYS HZ2  H  N N 227 
LYS HZ3  H  N N 228 
LYS HXT  H  N N 229 
MET N    N  N N 230 
MET CA   C  N S 231 
MET C    C  N N 232 
MET O    O  N N 233 
MET CB   C  N N 234 
MET CG   C  N N 235 
MET SD   S  N N 236 
MET CE   C  N N 237 
MET OXT  O  N N 238 
MET H    H  N N 239 
MET H2   H  N N 240 
MET HA   H  N N 241 
MET HB2  H  N N 242 
MET HB3  H  N N 243 
MET HG2  H  N N 244 
MET HG3  H  N N 245 
MET HE1  H  N N 246 
MET HE2  H  N N 247 
MET HE3  H  N N 248 
MET HXT  H  N N 249 
PHE N    N  N N 250 
PHE CA   C  N S 251 
PHE C    C  N N 252 
PHE O    O  N N 253 
PHE CB   C  N N 254 
PHE CG   C  Y N 255 
PHE CD1  C  Y N 256 
PHE CD2  C  Y N 257 
PHE CE1  C  Y N 258 
PHE CE2  C  Y N 259 
PHE CZ   C  Y N 260 
PHE OXT  O  N N 261 
PHE H    H  N N 262 
PHE H2   H  N N 263 
PHE HA   H  N N 264 
PHE HB2  H  N N 265 
PHE HB3  H  N N 266 
PHE HD1  H  N N 267 
PHE HD2  H  N N 268 
PHE HE1  H  N N 269 
PHE HE2  H  N N 270 
PHE HZ   H  N N 271 
PHE HXT  H  N N 272 
PRO N    N  N N 273 
PRO CA   C  N S 274 
PRO C    C  N N 275 
PRO O    O  N N 276 
PRO CB   C  N N 277 
PRO CG   C  N N 278 
PRO CD   C  N N 279 
PRO OXT  O  N N 280 
PRO H    H  N N 281 
PRO HA   H  N N 282 
PRO HB2  H  N N 283 
PRO HB3  H  N N 284 
PRO HG2  H  N N 285 
PRO HG3  H  N N 286 
PRO HD2  H  N N 287 
PRO HD3  H  N N 288 
PRO HXT  H  N N 289 
SER N    N  N N 290 
SER CA   C  N S 291 
SER C    C  N N 292 
SER O    O  N N 293 
SER CB   C  N N 294 
SER OG   O  N N 295 
SER OXT  O  N N 296 
SER H    H  N N 297 
SER H2   H  N N 298 
SER HA   H  N N 299 
SER HB2  H  N N 300 
SER HB3  H  N N 301 
SER HG   H  N N 302 
SER HXT  H  N N 303 
THR N    N  N N 304 
THR CA   C  N S 305 
THR C    C  N N 306 
THR O    O  N N 307 
THR CB   C  N R 308 
THR OG1  O  N N 309 
THR CG2  C  N N 310 
THR OXT  O  N N 311 
THR H    H  N N 312 
THR H2   H  N N 313 
THR HA   H  N N 314 
THR HB   H  N N 315 
THR HG1  H  N N 316 
THR HG21 H  N N 317 
THR HG22 H  N N 318 
THR HG23 H  N N 319 
THR HXT  H  N N 320 
TRP N    N  N N 321 
TRP CA   C  N S 322 
TRP C    C  N N 323 
TRP O    O  N N 324 
TRP CB   C  N N 325 
TRP CG   C  Y N 326 
TRP CD1  C  Y N 327 
TRP CD2  C  Y N 328 
TRP NE1  N  Y N 329 
TRP CE2  C  Y N 330 
TRP CE3  C  Y N 331 
TRP CZ2  C  Y N 332 
TRP CZ3  C  Y N 333 
TRP CH2  C  Y N 334 
TRP OXT  O  N N 335 
TRP H    H  N N 336 
TRP H2   H  N N 337 
TRP HA   H  N N 338 
TRP HB2  H  N N 339 
TRP HB3  H  N N 340 
TRP HD1  H  N N 341 
TRP HE1  H  N N 342 
TRP HE3  H  N N 343 
TRP HZ2  H  N N 344 
TRP HZ3  H  N N 345 
TRP HH2  H  N N 346 
TRP HXT  H  N N 347 
TYR N    N  N N 348 
TYR CA   C  N S 349 
TYR C    C  N N 350 
TYR O    O  N N 351 
TYR CB   C  N N 352 
TYR CG   C  Y N 353 
TYR CD1  C  Y N 354 
TYR CD2  C  Y N 355 
TYR CE1  C  Y N 356 
TYR CE2  C  Y N 357 
TYR CZ   C  Y N 358 
TYR OH   O  N N 359 
TYR OXT  O  N N 360 
TYR H    H  N N 361 
TYR H2   H  N N 362 
TYR HA   H  N N 363 
TYR HB2  H  N N 364 
TYR HB3  H  N N 365 
TYR HD1  H  N N 366 
TYR HD2  H  N N 367 
TYR HE1  H  N N 368 
TYR HE2  H  N N 369 
TYR HH   H  N N 370 
TYR HXT  H  N N 371 
VAL N    N  N N 372 
VAL CA   C  N S 373 
VAL C    C  N N 374 
VAL O    O  N N 375 
VAL CB   C  N N 376 
VAL CG1  C  N N 377 
VAL CG2  C  N N 378 
VAL OXT  O  N N 379 
VAL H    H  N N 380 
VAL H2   H  N N 381 
VAL HA   H  N N 382 
VAL HB   H  N N 383 
VAL HG11 H  N N 384 
VAL HG12 H  N N 385 
VAL HG13 H  N N 386 
VAL HG21 H  N N 387 
VAL HG22 H  N N 388 
VAL HG23 H  N N 389 
VAL HXT  H  N N 390 
ZN  ZN   ZN N N 391 
ZU9 N    N  N N 392 
ZU9 C    C  N N 393 
ZU9 O    O  N N 394 
ZU9 O3   O  N N 395 
ZU9 C10  C  N N 396 
ZU9 C9   C  Y N 397 
ZU9 C8   C  Y N 398 
ZU9 C7   C  Y N 399 
ZU9 C6   C  Y N 400 
ZU9 C5   C  Y N 401 
ZU9 C4   C  Y N 402 
ZU9 N1   N  N N 403 
ZU9 C3   C  N N 404 
ZU9 C1   C  N N 405 
ZU9 C2   C  N N 406 
ZU9 O1   O  N N 407 
ZU9 C11  C  N N 408 
ZU9 C12  C  N N 409 
ZU9 O2   O  N N 410 
ZU9 N2   N  N N 411 
ZU9 C13  C  N N 412 
ZU9 C14  C  Y N 413 
ZU9 C19  C  Y N 414 
ZU9 C18  C  Y N 415 
ZU9 C17  C  Y N 416 
ZU9 C16  C  Y N 417 
ZU9 C15  C  Y N 418 
ZU9 H1   H  N N 419 
ZU9 H2   H  N N 420 
ZU9 H3   H  N N 421 
ZU9 H4   H  N N 422 
ZU9 H5   H  N N 423 
ZU9 H6   H  N N 424 
ZU9 H7   H  N N 425 
ZU9 H8   H  N N 426 
ZU9 H9   H  N N 427 
ZU9 H10  H  N N 428 
ZU9 H11  H  N N 429 
ZU9 H12  H  N N 430 
ZU9 H13  H  N N 431 
ZU9 H14  H  N N 432 
ZU9 H15  H  N N 433 
ZU9 H16  H  N N 434 
ZU9 H17  H  N N 435 
ZU9 H18  H  N N 436 
ZU9 H19  H  N N 437 
# 
loop_
_chem_comp_bond.comp_id 
_chem_comp_bond.atom_id_1 
_chem_comp_bond.atom_id_2 
_chem_comp_bond.value_order 
_chem_comp_bond.pdbx_aromatic_flag 
_chem_comp_bond.pdbx_stereo_config 
_chem_comp_bond.pdbx_ordinal 
ALA N   CA   sing N N 1   
ALA N   H    sing N N 2   
ALA N   H2   sing N N 3   
ALA CA  C    sing N N 4   
ALA CA  CB   sing N N 5   
ALA CA  HA   sing N N 6   
ALA C   O    doub N N 7   
ALA C   OXT  sing N N 8   
ALA CB  HB1  sing N N 9   
ALA CB  HB2  sing N N 10  
ALA CB  HB3  sing N N 11  
ALA OXT HXT  sing N N 12  
ARG N   CA   sing N N 13  
ARG N   H    sing N N 14  
ARG N   H2   sing N N 15  
ARG CA  C    sing N N 16  
ARG CA  CB   sing N N 17  
ARG CA  HA   sing N N 18  
ARG C   O    doub N N 19  
ARG C   OXT  sing N N 20  
ARG CB  CG   sing N N 21  
ARG CB  HB2  sing N N 22  
ARG CB  HB3  sing N N 23  
ARG CG  CD   sing N N 24  
ARG CG  HG2  sing N N 25  
ARG CG  HG3  sing N N 26  
ARG CD  NE   sing N N 27  
ARG CD  HD2  sing N N 28  
ARG CD  HD3  sing N N 29  
ARG NE  CZ   sing N N 30  
ARG NE  HE   sing N N 31  
ARG CZ  NH1  sing N N 32  
ARG CZ  NH2  doub N N 33  
ARG NH1 HH11 sing N N 34  
ARG NH1 HH12 sing N N 35  
ARG NH2 HH21 sing N N 36  
ARG NH2 HH22 sing N N 37  
ARG OXT HXT  sing N N 38  
ASN N   CA   sing N N 39  
ASN N   H    sing N N 40  
ASN N   H2   sing N N 41  
ASN CA  C    sing N N 42  
ASN CA  CB   sing N N 43  
ASN CA  HA   sing N N 44  
ASN C   O    doub N N 45  
ASN C   OXT  sing N N 46  
ASN CB  CG   sing N N 47  
ASN CB  HB2  sing N N 48  
ASN CB  HB3  sing N N 49  
ASN CG  OD1  doub N N 50  
ASN CG  ND2  sing N N 51  
ASN ND2 HD21 sing N N 52  
ASN ND2 HD22 sing N N 53  
ASN OXT HXT  sing N N 54  
ASP N   CA   sing N N 55  
ASP N   H    sing N N 56  
ASP N   H2   sing N N 57  
ASP CA  C    sing N N 58  
ASP CA  CB   sing N N 59  
ASP CA  HA   sing N N 60  
ASP C   O    doub N N 61  
ASP C   OXT  sing N N 62  
ASP CB  CG   sing N N 63  
ASP CB  HB2  sing N N 64  
ASP CB  HB3  sing N N 65  
ASP CG  OD1  doub N N 66  
ASP CG  OD2  sing N N 67  
ASP OD2 HD2  sing N N 68  
ASP OXT HXT  sing N N 69  
CYS N   CA   sing N N 70  
CYS N   H    sing N N 71  
CYS N   H2   sing N N 72  
CYS CA  C    sing N N 73  
CYS CA  CB   sing N N 74  
CYS CA  HA   sing N N 75  
CYS C   O    doub N N 76  
CYS C   OXT  sing N N 77  
CYS CB  SG   sing N N 78  
CYS CB  HB2  sing N N 79  
CYS CB  HB3  sing N N 80  
CYS SG  HG   sing N N 81  
CYS OXT HXT  sing N N 82  
GLN N   CA   sing N N 83  
GLN N   H    sing N N 84  
GLN N   H2   sing N N 85  
GLN CA  C    sing N N 86  
GLN CA  CB   sing N N 87  
GLN CA  HA   sing N N 88  
GLN C   O    doub N N 89  
GLN C   OXT  sing N N 90  
GLN CB  CG   sing N N 91  
GLN CB  HB2  sing N N 92  
GLN CB  HB3  sing N N 93  
GLN CG  CD   sing N N 94  
GLN CG  HG2  sing N N 95  
GLN CG  HG3  sing N N 96  
GLN CD  OE1  doub N N 97  
GLN CD  NE2  sing N N 98  
GLN NE2 HE21 sing N N 99  
GLN NE2 HE22 sing N N 100 
GLN OXT HXT  sing N N 101 
GLU N   CA   sing N N 102 
GLU N   H    sing N N 103 
GLU N   H2   sing N N 104 
GLU CA  C    sing N N 105 
GLU CA  CB   sing N N 106 
GLU CA  HA   sing N N 107 
GLU C   O    doub N N 108 
GLU C   OXT  sing N N 109 
GLU CB  CG   sing N N 110 
GLU CB  HB2  sing N N 111 
GLU CB  HB3  sing N N 112 
GLU CG  CD   sing N N 113 
GLU CG  HG2  sing N N 114 
GLU CG  HG3  sing N N 115 
GLU CD  OE1  doub N N 116 
GLU CD  OE2  sing N N 117 
GLU OE2 HE2  sing N N 118 
GLU OXT HXT  sing N N 119 
GLY N   CA   sing N N 120 
GLY N   H    sing N N 121 
GLY N   H2   sing N N 122 
GLY CA  C    sing N N 123 
GLY CA  HA2  sing N N 124 
GLY CA  HA3  sing N N 125 
GLY C   O    doub N N 126 
GLY C   OXT  sing N N 127 
GLY OXT HXT  sing N N 128 
HIS N   CA   sing N N 129 
HIS N   H    sing N N 130 
HIS N   H2   sing N N 131 
HIS CA  C    sing N N 132 
HIS CA  CB   sing N N 133 
HIS CA  HA   sing N N 134 
HIS C   O    doub N N 135 
HIS C   OXT  sing N N 136 
HIS CB  CG   sing N N 137 
HIS CB  HB2  sing N N 138 
HIS CB  HB3  sing N N 139 
HIS CG  ND1  sing Y N 140 
HIS CG  CD2  doub Y N 141 
HIS ND1 CE1  doub Y N 142 
HIS ND1 HD1  sing N N 143 
HIS CD2 NE2  sing Y N 144 
HIS CD2 HD2  sing N N 145 
HIS CE1 NE2  sing Y N 146 
HIS CE1 HE1  sing N N 147 
HIS NE2 HE2  sing N N 148 
HIS OXT HXT  sing N N 149 
HOH O   H1   sing N N 150 
HOH O   H2   sing N N 151 
ILE N   CA   sing N N 152 
ILE N   H    sing N N 153 
ILE N   H2   sing N N 154 
ILE CA  C    sing N N 155 
ILE CA  CB   sing N N 156 
ILE CA  HA   sing N N 157 
ILE C   O    doub N N 158 
ILE C   OXT  sing N N 159 
ILE CB  CG1  sing N N 160 
ILE CB  CG2  sing N N 161 
ILE CB  HB   sing N N 162 
ILE CG1 CD1  sing N N 163 
ILE CG1 HG12 sing N N 164 
ILE CG1 HG13 sing N N 165 
ILE CG2 HG21 sing N N 166 
ILE CG2 HG22 sing N N 167 
ILE CG2 HG23 sing N N 168 
ILE CD1 HD11 sing N N 169 
ILE CD1 HD12 sing N N 170 
ILE CD1 HD13 sing N N 171 
ILE OXT HXT  sing N N 172 
LEU N   CA   sing N N 173 
LEU N   H    sing N N 174 
LEU N   H2   sing N N 175 
LEU CA  C    sing N N 176 
LEU CA  CB   sing N N 177 
LEU CA  HA   sing N N 178 
LEU C   O    doub N N 179 
LEU C   OXT  sing N N 180 
LEU CB  CG   sing N N 181 
LEU CB  HB2  sing N N 182 
LEU CB  HB3  sing N N 183 
LEU CG  CD1  sing N N 184 
LEU CG  CD2  sing N N 185 
LEU CG  HG   sing N N 186 
LEU CD1 HD11 sing N N 187 
LEU CD1 HD12 sing N N 188 
LEU CD1 HD13 sing N N 189 
LEU CD2 HD21 sing N N 190 
LEU CD2 HD22 sing N N 191 
LEU CD2 HD23 sing N N 192 
LEU OXT HXT  sing N N 193 
LYS N   CA   sing N N 194 
LYS N   H    sing N N 195 
LYS N   H2   sing N N 196 
LYS CA  C    sing N N 197 
LYS CA  CB   sing N N 198 
LYS CA  HA   sing N N 199 
LYS C   O    doub N N 200 
LYS C   OXT  sing N N 201 
LYS CB  CG   sing N N 202 
LYS CB  HB2  sing N N 203 
LYS CB  HB3  sing N N 204 
LYS CG  CD   sing N N 205 
LYS CG  HG2  sing N N 206 
LYS CG  HG3  sing N N 207 
LYS CD  CE   sing N N 208 
LYS CD  HD2  sing N N 209 
LYS CD  HD3  sing N N 210 
LYS CE  NZ   sing N N 211 
LYS CE  HE2  sing N N 212 
LYS CE  HE3  sing N N 213 
LYS NZ  HZ1  sing N N 214 
LYS NZ  HZ2  sing N N 215 
LYS NZ  HZ3  sing N N 216 
LYS OXT HXT  sing N N 217 
MET N   CA   sing N N 218 
MET N   H    sing N N 219 
MET N   H2   sing N N 220 
MET CA  C    sing N N 221 
MET CA  CB   sing N N 222 
MET CA  HA   sing N N 223 
MET C   O    doub N N 224 
MET C   OXT  sing N N 225 
MET CB  CG   sing N N 226 
MET CB  HB2  sing N N 227 
MET CB  HB3  sing N N 228 
MET CG  SD   sing N N 229 
MET CG  HG2  sing N N 230 
MET CG  HG3  sing N N 231 
MET SD  CE   sing N N 232 
MET CE  HE1  sing N N 233 
MET CE  HE2  sing N N 234 
MET CE  HE3  sing N N 235 
MET OXT HXT  sing N N 236 
PHE N   CA   sing N N 237 
PHE N   H    sing N N 238 
PHE N   H2   sing N N 239 
PHE CA  C    sing N N 240 
PHE CA  CB   sing N N 241 
PHE CA  HA   sing N N 242 
PHE C   O    doub N N 243 
PHE C   OXT  sing N N 244 
PHE CB  CG   sing N N 245 
PHE CB  HB2  sing N N 246 
PHE CB  HB3  sing N N 247 
PHE CG  CD1  doub Y N 248 
PHE CG  CD2  sing Y N 249 
PHE CD1 CE1  sing Y N 250 
PHE CD1 HD1  sing N N 251 
PHE CD2 CE2  doub Y N 252 
PHE CD2 HD2  sing N N 253 
PHE CE1 CZ   doub Y N 254 
PHE CE1 HE1  sing N N 255 
PHE CE2 CZ   sing Y N 256 
PHE CE2 HE2  sing N N 257 
PHE CZ  HZ   sing N N 258 
PHE OXT HXT  sing N N 259 
PRO N   CA   sing N N 260 
PRO N   CD   sing N N 261 
PRO N   H    sing N N 262 
PRO CA  C    sing N N 263 
PRO CA  CB   sing N N 264 
PRO CA  HA   sing N N 265 
PRO C   O    doub N N 266 
PRO C   OXT  sing N N 267 
PRO CB  CG   sing N N 268 
PRO CB  HB2  sing N N 269 
PRO CB  HB3  sing N N 270 
PRO CG  CD   sing N N 271 
PRO CG  HG2  sing N N 272 
PRO CG  HG3  sing N N 273 
PRO CD  HD2  sing N N 274 
PRO CD  HD3  sing N N 275 
PRO OXT HXT  sing N N 276 
SER N   CA   sing N N 277 
SER N   H    sing N N 278 
SER N   H2   sing N N 279 
SER CA  C    sing N N 280 
SER CA  CB   sing N N 281 
SER CA  HA   sing N N 282 
SER C   O    doub N N 283 
SER C   OXT  sing N N 284 
SER CB  OG   sing N N 285 
SER CB  HB2  sing N N 286 
SER CB  HB3  sing N N 287 
SER OG  HG   sing N N 288 
SER OXT HXT  sing N N 289 
THR N   CA   sing N N 290 
THR N   H    sing N N 291 
THR N   H2   sing N N 292 
THR CA  C    sing N N 293 
THR CA  CB   sing N N 294 
THR CA  HA   sing N N 295 
THR C   O    doub N N 296 
THR C   OXT  sing N N 297 
THR CB  OG1  sing N N 298 
THR CB  CG2  sing N N 299 
THR CB  HB   sing N N 300 
THR OG1 HG1  sing N N 301 
THR CG2 HG21 sing N N 302 
THR CG2 HG22 sing N N 303 
THR CG2 HG23 sing N N 304 
THR OXT HXT  sing N N 305 
TRP N   CA   sing N N 306 
TRP N   H    sing N N 307 
TRP N   H2   sing N N 308 
TRP CA  C    sing N N 309 
TRP CA  CB   sing N N 310 
TRP CA  HA   sing N N 311 
TRP C   O    doub N N 312 
TRP C   OXT  sing N N 313 
TRP CB  CG   sing N N 314 
TRP CB  HB2  sing N N 315 
TRP CB  HB3  sing N N 316 
TRP CG  CD1  doub Y N 317 
TRP CG  CD2  sing Y N 318 
TRP CD1 NE1  sing Y N 319 
TRP CD1 HD1  sing N N 320 
TRP CD2 CE2  doub Y N 321 
TRP CD2 CE3  sing Y N 322 
TRP NE1 CE2  sing Y N 323 
TRP NE1 HE1  sing N N 324 
TRP CE2 CZ2  sing Y N 325 
TRP CE3 CZ3  doub Y N 326 
TRP CE3 HE3  sing N N 327 
TRP CZ2 CH2  doub Y N 328 
TRP CZ2 HZ2  sing N N 329 
TRP CZ3 CH2  sing Y N 330 
TRP CZ3 HZ3  sing N N 331 
TRP CH2 HH2  sing N N 332 
TRP OXT HXT  sing N N 333 
TYR N   CA   sing N N 334 
TYR N   H    sing N N 335 
TYR N   H2   sing N N 336 
TYR CA  C    sing N N 337 
TYR CA  CB   sing N N 338 
TYR CA  HA   sing N N 339 
TYR C   O    doub N N 340 
TYR C   OXT  sing N N 341 
TYR CB  CG   sing N N 342 
TYR CB  HB2  sing N N 343 
TYR CB  HB3  sing N N 344 
TYR CG  CD1  doub Y N 345 
TYR CG  CD2  sing Y N 346 
TYR CD1 CE1  sing Y N 347 
TYR CD1 HD1  sing N N 348 
TYR CD2 CE2  doub Y N 349 
TYR CD2 HD2  sing N N 350 
TYR CE1 CZ   doub Y N 351 
TYR CE1 HE1  sing N N 352 
TYR CE2 CZ   sing Y N 353 
TYR CE2 HE2  sing N N 354 
TYR CZ  OH   sing N N 355 
TYR OH  HH   sing N N 356 
TYR OXT HXT  sing N N 357 
VAL N   CA   sing N N 358 
VAL N   H    sing N N 359 
VAL N   H2   sing N N 360 
VAL CA  C    sing N N 361 
VAL CA  CB   sing N N 362 
VAL CA  HA   sing N N 363 
VAL C   O    doub N N 364 
VAL C   OXT  sing N N 365 
VAL CB  CG1  sing N N 366 
VAL CB  CG2  sing N N 367 
VAL CB  HB   sing N N 368 
VAL CG1 HG11 sing N N 369 
VAL CG1 HG12 sing N N 370 
VAL CG1 HG13 sing N N 371 
VAL CG2 HG21 sing N N 372 
VAL CG2 HG22 sing N N 373 
VAL CG2 HG23 sing N N 374 
VAL OXT HXT  sing N N 375 
ZU9 C6  C7   doub Y N 376 
ZU9 C6  C5   sing Y N 377 
ZU9 C7  C8   sing Y N 378 
ZU9 C5  C4   doub Y N 379 
ZU9 C8  C9   doub Y N 380 
ZU9 C4  C9   sing Y N 381 
ZU9 C4  N    sing N N 382 
ZU9 C9  C10  sing N N 383 
ZU9 N   C3   doub N N 384 
ZU9 O1  C2   doub N N 385 
ZU9 C10 O3   doub N N 386 
ZU9 C10 N1   sing N N 387 
ZU9 C3  N1   sing N N 388 
ZU9 C3  C    sing N N 389 
ZU9 C1  C2   sing N N 390 
ZU9 C1  C    sing N N 391 
ZU9 N1  C11  sing N N 392 
ZU9 C2  O    sing N N 393 
ZU9 C11 C12  sing N N 394 
ZU9 C12 O2   doub N N 395 
ZU9 C12 N2   sing N N 396 
ZU9 N2  C13  sing N N 397 
ZU9 C13 C14  sing N N 398 
ZU9 C14 C15  doub Y N 399 
ZU9 C14 C19  sing Y N 400 
ZU9 C15 C16  sing Y N 401 
ZU9 C19 C18  doub Y N 402 
ZU9 C16 C17  doub Y N 403 
ZU9 C18 C17  sing Y N 404 
ZU9 C   H1   sing N N 405 
ZU9 C   H2   sing N N 406 
ZU9 O   H3   sing N N 407 
ZU9 C8  H4   sing N N 408 
ZU9 C7  H5   sing N N 409 
ZU9 C6  H6   sing N N 410 
ZU9 C5  H7   sing N N 411 
ZU9 C1  H8   sing N N 412 
ZU9 C1  H9   sing N N 413 
ZU9 C11 H10  sing N N 414 
ZU9 C11 H11  sing N N 415 
ZU9 N2  H12  sing N N 416 
ZU9 C13 H13  sing N N 417 
ZU9 C13 H14  sing N N 418 
ZU9 C19 H15  sing N N 419 
ZU9 C18 H16  sing N N 420 
ZU9 C17 H17  sing N N 421 
ZU9 C16 H18  sing N N 422 
ZU9 C15 H19  sing N N 423 
# 
_pdbx_audit_support.funding_organization   'Other government' 
_pdbx_audit_support.country                ? 
_pdbx_audit_support.grant_number           ? 
_pdbx_audit_support.ordinal                1 
# 
_pdbx_entity_instance_feature.ordinal        1 
_pdbx_entity_instance_feature.comp_id        ZU9 
_pdbx_entity_instance_feature.asym_id        ? 
_pdbx_entity_instance_feature.seq_num        ? 
_pdbx_entity_instance_feature.auth_comp_id   ZU9 
_pdbx_entity_instance_feature.auth_asym_id   ? 
_pdbx_entity_instance_feature.auth_seq_num   ? 
_pdbx_entity_instance_feature.feature_type   'SUBJECT OF INVESTIGATION' 
_pdbx_entity_instance_feature.details        ? 
# 
loop_
_pdbx_entity_nonpoly.entity_id 
_pdbx_entity_nonpoly.name 
_pdbx_entity_nonpoly.comp_id 
2 'ZINC ION'                                                                          ZN  
3 '3-{3-[2-(benzylamino)-2-oxoethyl]-4-oxo-3,4-dihydroquinazolin-2-yl}propanoic acid' ZU9 
4 water                                                                               HOH 
# 
_pdbx_initial_refinement_model.id               1 
_pdbx_initial_refinement_model.entity_id_list   ? 
_pdbx_initial_refinement_model.type             'experimental model' 
_pdbx_initial_refinement_model.source_name      PDB 
_pdbx_initial_refinement_model.accession_code   5KH7 
_pdbx_initial_refinement_model.details          ? 
# 
_pdbx_struct_assembly_auth_evidence.id                     1 
_pdbx_struct_assembly_auth_evidence.assembly_id            1 
_pdbx_struct_assembly_auth_evidence.experimental_support   'gel filtration' 
_pdbx_struct_assembly_auth_evidence.details                ? 
# 
